data_1Q5Z
# 
_entry.id   1Q5Z 
# 
_audit_conform.dict_name       mmcif_pdbx.dic 
_audit_conform.dict_version    5.386 
_audit_conform.dict_location   http://mmcif.pdb.org/dictionaries/ascii/mmcif_pdbx.dic 
# 
loop_
_database_2.database_id 
_database_2.database_code 
_database_2.pdbx_database_accession 
_database_2.pdbx_DOI 
PDB   1Q5Z         pdb_00001q5z 10.2210/pdb1q5z/pdb 
RCSB  RCSB019958   ?            ?                   
WWPDB D_1000019958 ?            ?                   
# 
loop_
_pdbx_audit_revision_history.ordinal 
_pdbx_audit_revision_history.data_content_type 
_pdbx_audit_revision_history.major_revision 
_pdbx_audit_revision_history.minor_revision 
_pdbx_audit_revision_history.revision_date 
1 'Structure model' 1 0 2003-10-07 
2 'Structure model' 1 1 2008-04-29 
3 'Structure model' 1 2 2011-07-13 
4 'Structure model' 1 3 2024-02-14 
# 
_pdbx_audit_revision_details.ordinal             1 
_pdbx_audit_revision_details.revision_ordinal    1 
_pdbx_audit_revision_details.data_content_type   'Structure model' 
_pdbx_audit_revision_details.provider            repository 
_pdbx_audit_revision_details.type                'Initial release' 
_pdbx_audit_revision_details.description         ? 
_pdbx_audit_revision_details.details             ? 
# 
loop_
_pdbx_audit_revision_group.ordinal 
_pdbx_audit_revision_group.revision_ordinal 
_pdbx_audit_revision_group.data_content_type 
_pdbx_audit_revision_group.group 
1 2 'Structure model' 'Version format compliance' 
2 3 'Structure model' 'Version format compliance' 
3 4 'Structure model' 'Data collection'           
4 4 'Structure model' 'Database references'       
# 
loop_
_pdbx_audit_revision_category.ordinal 
_pdbx_audit_revision_category.revision_ordinal 
_pdbx_audit_revision_category.data_content_type 
_pdbx_audit_revision_category.category 
1 4 'Structure model' chem_comp_atom 
2 4 'Structure model' chem_comp_bond 
3 4 'Structure model' database_2     
# 
loop_
_pdbx_audit_revision_item.ordinal 
_pdbx_audit_revision_item.revision_ordinal 
_pdbx_audit_revision_item.data_content_type 
_pdbx_audit_revision_item.item 
1 4 'Structure model' '_database_2.pdbx_DOI'                
2 4 'Structure model' '_database_2.pdbx_database_accession' 
# 
_pdbx_database_status.status_code                     REL 
_pdbx_database_status.entry_id                        1Q5Z 
_pdbx_database_status.recvd_initial_deposition_date   2003-08-11 
_pdbx_database_status.deposit_site                    RCSB 
_pdbx_database_status.process_site                    RCSB 
_pdbx_database_status.status_code_sf                  REL 
_pdbx_database_status.SG_entry                        . 
_pdbx_database_status.pdb_format_compatible           Y 
_pdbx_database_status.status_code_mr                  ? 
_pdbx_database_status.status_code_cs                  ? 
_pdbx_database_status.status_code_nmr_data            ? 
_pdbx_database_status.methods_development_category    ? 
# 
loop_
_audit_author.name 
_audit_author.pdbx_ordinal 
'Stebbins, C.E.' 1 
'Lilic, M.'      2 
'Galkin, V.E.'   3 
'Orlova, A.'     4 
'VanLoock, M.S.' 5 
'Egelman, E.H.'  6 
# 
_citation.id                        primary 
_citation.title                     'Salmonella SipA polymerizes actin by stapling filaments with nonglobular protein arms.' 
_citation.journal_abbrev            Science 
_citation.journal_volume            301 
_citation.page_first                1918 
_citation.page_last                 1921 
_citation.year                      2003 
_citation.journal_id_ASTM           SCIEAS 
_citation.country                   US 
_citation.journal_id_ISSN           0036-8075 
_citation.journal_id_CSD            0038 
_citation.book_publisher            ? 
_citation.pdbx_database_id_PubMed   14512630 
_citation.pdbx_database_id_DOI      10.1126/science.1088433 
# 
loop_
_citation_author.citation_id 
_citation_author.name 
_citation_author.ordinal 
_citation_author.identifier_ORCID 
primary 'Lilic, M.'      1 ? 
primary 'Galkin, V.E.'   2 ? 
primary 'Orlova, A.'     3 ? 
primary 'VanLoock, M.S.' 4 ? 
primary 'Egelman, E.H.'  5 ? 
primary 'Stebbins, C.E.' 6 ? 
# 
loop_
_entity.id 
_entity.type 
_entity.src_method 
_entity.pdbx_description 
_entity.formula_weight 
_entity.pdbx_number_of_molecules 
_entity.pdbx_ec 
_entity.pdbx_mutation 
_entity.pdbx_fragment 
_entity.details 
1 polymer man SipA  19454.939 1   ? ? 'C-terminal actin binding domain' ? 
2 water   nat water 18.015    220 ? ? ?                                 ? 
# 
_entity_name_com.entity_id   1 
_entity_name_com.name        SIPA 
# 
_entity_name_sys.entity_id   1 
_entity_name_sys.name        'Salmonella invasion protein A' 
# 
_entity_poly.entity_id                      1 
_entity_poly.type                           'polypeptide(L)' 
_entity_poly.nstd_linkage                   no 
_entity_poly.nstd_monomer                   no 
_entity_poly.pdbx_seq_one_letter_code       
;GPVDKAGTTDNDNSQTDKTGPFSGLKFKQNSFLSTVPSVTNMHSMHFDARETFLGVIRKALEPDTSTPFPVRRAFDGLRA
EILPNDTIKSAALKAQCSDIDKHPELKAKMETLKEVITHHPQKEKLAEIALQFAREAGLTRLKGETDYVLSNVLDGLIGD
GSWRAGPAYESYLNKPG
;
_entity_poly.pdbx_seq_one_letter_code_can   
;GPVDKAGTTDNDNSQTDKTGPFSGLKFKQNSFLSTVPSVTNMHSMHFDARETFLGVIRKALEPDTSTPFPVRRAFDGLRA
EILPNDTIKSAALKAQCSDIDKHPELKAKMETLKEVITHHPQKEKLAEIALQFAREAGLTRLKGETDYVLSNVLDGLIGD
GSWRAGPAYESYLNKPG
;
_entity_poly.pdbx_strand_id                 A 
_entity_poly.pdbx_target_identifier         ? 
# 
_pdbx_entity_nonpoly.entity_id   2 
_pdbx_entity_nonpoly.name        water 
_pdbx_entity_nonpoly.comp_id     HOH 
# 
loop_
_entity_poly_seq.entity_id 
_entity_poly_seq.num 
_entity_poly_seq.mon_id 
_entity_poly_seq.hetero 
1 1   GLY n 
1 2   PRO n 
1 3   VAL n 
1 4   ASP n 
1 5   LYS n 
1 6   ALA n 
1 7   GLY n 
1 8   THR n 
1 9   THR n 
1 10  ASP n 
1 11  ASN n 
1 12  ASP n 
1 13  ASN n 
1 14  SER n 
1 15  GLN n 
1 16  THR n 
1 17  ASP n 
1 18  LYS n 
1 19  THR n 
1 20  GLY n 
1 21  PRO n 
1 22  PHE n 
1 23  SER n 
1 24  GLY n 
1 25  LEU n 
1 26  LYS n 
1 27  PHE n 
1 28  LYS n 
1 29  GLN n 
1 30  ASN n 
1 31  SER n 
1 32  PHE n 
1 33  LEU n 
1 34  SER n 
1 35  THR n 
1 36  VAL n 
1 37  PRO n 
1 38  SER n 
1 39  VAL n 
1 40  THR n 
1 41  ASN n 
1 42  MET n 
1 43  HIS n 
1 44  SER n 
1 45  MET n 
1 46  HIS n 
1 47  PHE n 
1 48  ASP n 
1 49  ALA n 
1 50  ARG n 
1 51  GLU n 
1 52  THR n 
1 53  PHE n 
1 54  LEU n 
1 55  GLY n 
1 56  VAL n 
1 57  ILE n 
1 58  ARG n 
1 59  LYS n 
1 60  ALA n 
1 61  LEU n 
1 62  GLU n 
1 63  PRO n 
1 64  ASP n 
1 65  THR n 
1 66  SER n 
1 67  THR n 
1 68  PRO n 
1 69  PHE n 
1 70  PRO n 
1 71  VAL n 
1 72  ARG n 
1 73  ARG n 
1 74  ALA n 
1 75  PHE n 
1 76  ASP n 
1 77  GLY n 
1 78  LEU n 
1 79  ARG n 
1 80  ALA n 
1 81  GLU n 
1 82  ILE n 
1 83  LEU n 
1 84  PRO n 
1 85  ASN n 
1 86  ASP n 
1 87  THR n 
1 88  ILE n 
1 89  LYS n 
1 90  SER n 
1 91  ALA n 
1 92  ALA n 
1 93  LEU n 
1 94  LYS n 
1 95  ALA n 
1 96  GLN n 
1 97  CYS n 
1 98  SER n 
1 99  ASP n 
1 100 ILE n 
1 101 ASP n 
1 102 LYS n 
1 103 HIS n 
1 104 PRO n 
1 105 GLU n 
1 106 LEU n 
1 107 LYS n 
1 108 ALA n 
1 109 LYS n 
1 110 MET n 
1 111 GLU n 
1 112 THR n 
1 113 LEU n 
1 114 LYS n 
1 115 GLU n 
1 116 VAL n 
1 117 ILE n 
1 118 THR n 
1 119 HIS n 
1 120 HIS n 
1 121 PRO n 
1 122 GLN n 
1 123 LYS n 
1 124 GLU n 
1 125 LYS n 
1 126 LEU n 
1 127 ALA n 
1 128 GLU n 
1 129 ILE n 
1 130 ALA n 
1 131 LEU n 
1 132 GLN n 
1 133 PHE n 
1 134 ALA n 
1 135 ARG n 
1 136 GLU n 
1 137 ALA n 
1 138 GLY n 
1 139 LEU n 
1 140 THR n 
1 141 ARG n 
1 142 LEU n 
1 143 LYS n 
1 144 GLY n 
1 145 GLU n 
1 146 THR n 
1 147 ASP n 
1 148 TYR n 
1 149 VAL n 
1 150 LEU n 
1 151 SER n 
1 152 ASN n 
1 153 VAL n 
1 154 LEU n 
1 155 ASP n 
1 156 GLY n 
1 157 LEU n 
1 158 ILE n 
1 159 GLY n 
1 160 ASP n 
1 161 GLY n 
1 162 SER n 
1 163 TRP n 
1 164 ARG n 
1 165 ALA n 
1 166 GLY n 
1 167 PRO n 
1 168 ALA n 
1 169 TYR n 
1 170 GLU n 
1 171 SER n 
1 172 TYR n 
1 173 LEU n 
1 174 ASN n 
1 175 LYS n 
1 176 PRO n 
1 177 GLY n 
# 
_entity_src_gen.entity_id                          1 
_entity_src_gen.pdbx_src_id                        1 
_entity_src_gen.pdbx_alt_source_flag               sample 
_entity_src_gen.pdbx_seq_type                      ? 
_entity_src_gen.pdbx_beg_seq_num                   ? 
_entity_src_gen.pdbx_end_seq_num                   ? 
_entity_src_gen.gene_src_common_name               ? 
_entity_src_gen.gene_src_genus                     Salmonella 
_entity_src_gen.pdbx_gene_src_gene                 SipA 
_entity_src_gen.gene_src_species                   ? 
_entity_src_gen.gene_src_strain                    ? 
_entity_src_gen.gene_src_tissue                    ? 
_entity_src_gen.gene_src_tissue_fraction           ? 
_entity_src_gen.gene_src_details                   ? 
_entity_src_gen.pdbx_gene_src_fragment             ? 
_entity_src_gen.pdbx_gene_src_scientific_name      'Salmonella typhimurium' 
_entity_src_gen.pdbx_gene_src_ncbi_taxonomy_id     602 
_entity_src_gen.pdbx_gene_src_variant              ? 
_entity_src_gen.pdbx_gene_src_cell_line            ? 
_entity_src_gen.pdbx_gene_src_atcc                 ? 
_entity_src_gen.pdbx_gene_src_organ                ? 
_entity_src_gen.pdbx_gene_src_organelle            ? 
_entity_src_gen.pdbx_gene_src_cell                 ? 
_entity_src_gen.pdbx_gene_src_cellular_location    ? 
_entity_src_gen.host_org_common_name               ? 
_entity_src_gen.pdbx_host_org_scientific_name      'Escherichia coli BL21(DE3)' 
_entity_src_gen.pdbx_host_org_ncbi_taxonomy_id     469008 
_entity_src_gen.host_org_genus                     Escherichia 
_entity_src_gen.pdbx_host_org_gene                 ? 
_entity_src_gen.pdbx_host_org_organ                ? 
_entity_src_gen.host_org_species                   'Escherichia coli' 
_entity_src_gen.pdbx_host_org_tissue               ? 
_entity_src_gen.pdbx_host_org_tissue_fraction      ? 
_entity_src_gen.pdbx_host_org_strain               'BL21(DE3)' 
_entity_src_gen.pdbx_host_org_variant              ? 
_entity_src_gen.pdbx_host_org_cell_line            ? 
_entity_src_gen.pdbx_host_org_atcc                 ? 
_entity_src_gen.pdbx_host_org_culture_collection   ? 
_entity_src_gen.pdbx_host_org_cell                 ? 
_entity_src_gen.pdbx_host_org_organelle            ? 
_entity_src_gen.pdbx_host_org_cellular_location    ? 
_entity_src_gen.pdbx_host_org_vector_type          plasmid 
_entity_src_gen.pdbx_host_org_vector               ? 
_entity_src_gen.host_org_details                   ? 
_entity_src_gen.expression_system_id               ? 
_entity_src_gen.plasmid_name                       pGEX-4T-3 
_entity_src_gen.plasmid_details                    ? 
_entity_src_gen.pdbx_description                   ? 
# 
loop_
_chem_comp.id 
_chem_comp.type 
_chem_comp.mon_nstd_flag 
_chem_comp.name 
_chem_comp.pdbx_synonyms 
_chem_comp.formula 
_chem_comp.formula_weight 
ALA 'L-peptide linking' y ALANINE         ? 'C3 H7 N O2'     89.093  
ARG 'L-peptide linking' y ARGININE        ? 'C6 H15 N4 O2 1' 175.209 
ASN 'L-peptide linking' y ASPARAGINE      ? 'C4 H8 N2 O3'    132.118 
ASP 'L-peptide linking' y 'ASPARTIC ACID' ? 'C4 H7 N O4'     133.103 
CYS 'L-peptide linking' y CYSTEINE        ? 'C3 H7 N O2 S'   121.158 
GLN 'L-peptide linking' y GLUTAMINE       ? 'C5 H10 N2 O3'   146.144 
GLU 'L-peptide linking' y 'GLUTAMIC ACID' ? 'C5 H9 N O4'     147.129 
GLY 'peptide linking'   y GLYCINE         ? 'C2 H5 N O2'     75.067  
HIS 'L-peptide linking' y HISTIDINE       ? 'C6 H10 N3 O2 1' 156.162 
HOH non-polymer         . WATER           ? 'H2 O'           18.015  
ILE 'L-peptide linking' y ISOLEUCINE      ? 'C6 H13 N O2'    131.173 
LEU 'L-peptide linking' y LEUCINE         ? 'C6 H13 N O2'    131.173 
LYS 'L-peptide linking' y LYSINE          ? 'C6 H15 N2 O2 1' 147.195 
MET 'L-peptide linking' y METHIONINE      ? 'C5 H11 N O2 S'  149.211 
PHE 'L-peptide linking' y PHENYLALANINE   ? 'C9 H11 N O2'    165.189 
PRO 'L-peptide linking' y PROLINE         ? 'C5 H9 N O2'     115.130 
SER 'L-peptide linking' y SERINE          ? 'C3 H7 N O3'     105.093 
THR 'L-peptide linking' y THREONINE       ? 'C4 H9 N O3'     119.119 
TRP 'L-peptide linking' y TRYPTOPHAN      ? 'C11 H12 N2 O2'  204.225 
TYR 'L-peptide linking' y TYROSINE        ? 'C9 H11 N O3'    181.189 
VAL 'L-peptide linking' y VALINE          ? 'C5 H11 N O2'    117.146 
# 
loop_
_pdbx_poly_seq_scheme.asym_id 
_pdbx_poly_seq_scheme.entity_id 
_pdbx_poly_seq_scheme.seq_id 
_pdbx_poly_seq_scheme.mon_id 
_pdbx_poly_seq_scheme.ndb_seq_num 
_pdbx_poly_seq_scheme.pdb_seq_num 
_pdbx_poly_seq_scheme.auth_seq_num 
_pdbx_poly_seq_scheme.pdb_mon_id 
_pdbx_poly_seq_scheme.auth_mon_id 
_pdbx_poly_seq_scheme.pdb_strand_id 
_pdbx_poly_seq_scheme.pdb_ins_code 
_pdbx_poly_seq_scheme.hetero 
A 1 1   GLY 1   493 ?   ?   ?   A . n 
A 1 2   PRO 2   494 ?   ?   ?   A . n 
A 1 3   VAL 3   495 ?   ?   ?   A . n 
A 1 4   ASP 4   496 ?   ?   ?   A . n 
A 1 5   LYS 5   497 ?   ?   ?   A . n 
A 1 6   ALA 6   498 ?   ?   ?   A . n 
A 1 7   GLY 7   499 ?   ?   ?   A . n 
A 1 8   THR 8   500 ?   ?   ?   A . n 
A 1 9   THR 9   501 ?   ?   ?   A . n 
A 1 10  ASP 10  502 ?   ?   ?   A . n 
A 1 11  ASN 11  503 ?   ?   ?   A . n 
A 1 12  ASP 12  504 ?   ?   ?   A . n 
A 1 13  ASN 13  505 ?   ?   ?   A . n 
A 1 14  SER 14  506 ?   ?   ?   A . n 
A 1 15  GLN 15  507 ?   ?   ?   A . n 
A 1 16  THR 16  508 ?   ?   ?   A . n 
A 1 17  ASP 17  509 ?   ?   ?   A . n 
A 1 18  LYS 18  510 ?   ?   ?   A . n 
A 1 19  THR 19  511 ?   ?   ?   A . n 
A 1 20  GLY 20  512 ?   ?   ?   A . n 
A 1 21  PRO 21  513 513 PRO PRO A . n 
A 1 22  PHE 22  514 514 PHE PHE A . n 
A 1 23  SER 23  515 515 SER SER A . n 
A 1 24  GLY 24  516 516 GLY GLY A . n 
A 1 25  LEU 25  517 517 LEU LEU A . n 
A 1 26  LYS 26  518 518 LYS LYS A . n 
A 1 27  PHE 27  519 519 PHE PHE A . n 
A 1 28  LYS 28  520 520 LYS LYS A . n 
A 1 29  GLN 29  521 521 GLN GLN A . n 
A 1 30  ASN 30  522 522 ASN ASN A . n 
A 1 31  SER 31  523 523 SER SER A . n 
A 1 32  PHE 32  524 524 PHE PHE A . n 
A 1 33  LEU 33  525 525 LEU LEU A . n 
A 1 34  SER 34  526 526 SER SER A . n 
A 1 35  THR 35  527 527 THR THR A . n 
A 1 36  VAL 36  528 528 VAL VAL A . n 
A 1 37  PRO 37  529 529 PRO PRO A . n 
A 1 38  SER 38  530 530 SER SER A . n 
A 1 39  VAL 39  531 531 VAL VAL A . n 
A 1 40  THR 40  532 532 THR THR A . n 
A 1 41  ASN 41  533 533 ASN ASN A . n 
A 1 42  MET 42  534 534 MET MET A . n 
A 1 43  HIS 43  535 535 HIS HIS A . n 
A 1 44  SER 44  536 536 SER SER A . n 
A 1 45  MET 45  537 537 MET MET A . n 
A 1 46  HIS 46  538 538 HIS HIS A . n 
A 1 47  PHE 47  539 539 PHE PHE A . n 
A 1 48  ASP 48  540 540 ASP ASP A . n 
A 1 49  ALA 49  541 541 ALA ALA A . n 
A 1 50  ARG 50  542 542 ARG ARG A . n 
A 1 51  GLU 51  543 543 GLU GLU A . n 
A 1 52  THR 52  544 544 THR THR A . n 
A 1 53  PHE 53  545 545 PHE PHE A . n 
A 1 54  LEU 54  546 546 LEU LEU A . n 
A 1 55  GLY 55  547 547 GLY GLY A . n 
A 1 56  VAL 56  548 548 VAL VAL A . n 
A 1 57  ILE 57  549 549 ILE ILE A . n 
A 1 58  ARG 58  550 550 ARG ARG A . n 
A 1 59  LYS 59  551 551 LYS LYS A . n 
A 1 60  ALA 60  552 552 ALA ALA A . n 
A 1 61  LEU 61  553 553 LEU LEU A . n 
A 1 62  GLU 62  554 554 GLU GLU A . n 
A 1 63  PRO 63  555 555 PRO PRO A . n 
A 1 64  ASP 64  556 556 ASP ASP A . n 
A 1 65  THR 65  557 557 THR THR A . n 
A 1 66  SER 66  558 558 SER SER A . n 
A 1 67  THR 67  559 559 THR THR A . n 
A 1 68  PRO 68  560 560 PRO PRO A . n 
A 1 69  PHE 69  561 561 PHE PHE A . n 
A 1 70  PRO 70  562 562 PRO PRO A . n 
A 1 71  VAL 71  563 563 VAL VAL A . n 
A 1 72  ARG 72  564 564 ARG ARG A . n 
A 1 73  ARG 73  565 565 ARG ARG A . n 
A 1 74  ALA 74  566 566 ALA ALA A . n 
A 1 75  PHE 75  567 567 PHE PHE A . n 
A 1 76  ASP 76  568 568 ASP ASP A . n 
A 1 77  GLY 77  569 569 GLY GLY A . n 
A 1 78  LEU 78  570 570 LEU LEU A . n 
A 1 79  ARG 79  571 571 ARG ARG A . n 
A 1 80  ALA 80  572 572 ALA ALA A . n 
A 1 81  GLU 81  573 573 GLU GLU A . n 
A 1 82  ILE 82  574 574 ILE ILE A . n 
A 1 83  LEU 83  575 575 LEU LEU A . n 
A 1 84  PRO 84  576 576 PRO PRO A . n 
A 1 85  ASN 85  577 577 ASN ASN A . n 
A 1 86  ASP 86  578 578 ASP ASP A . n 
A 1 87  THR 87  579 579 THR THR A . n 
A 1 88  ILE 88  580 580 ILE ILE A . n 
A 1 89  LYS 89  581 581 LYS LYS A . n 
A 1 90  SER 90  582 582 SER SER A . n 
A 1 91  ALA 91  583 583 ALA ALA A . n 
A 1 92  ALA 92  584 584 ALA ALA A . n 
A 1 93  LEU 93  585 585 LEU LEU A . n 
A 1 94  LYS 94  586 586 LYS LYS A . n 
A 1 95  ALA 95  587 587 ALA ALA A . n 
A 1 96  GLN 96  588 588 GLN GLN A . n 
A 1 97  CYS 97  589 589 CYS CYS A . n 
A 1 98  SER 98  590 590 SER SER A . n 
A 1 99  ASP 99  591 591 ASP ASP A . n 
A 1 100 ILE 100 592 592 ILE ILE A . n 
A 1 101 ASP 101 593 593 ASP ASP A . n 
A 1 102 LYS 102 594 594 LYS LYS A . n 
A 1 103 HIS 103 595 595 HIS HIS A . n 
A 1 104 PRO 104 596 596 PRO PRO A . n 
A 1 105 GLU 105 597 597 GLU GLU A . n 
A 1 106 LEU 106 598 598 LEU LEU A . n 
A 1 107 LYS 107 599 599 LYS LYS A . n 
A 1 108 ALA 108 600 600 ALA ALA A . n 
A 1 109 LYS 109 601 601 LYS LYS A . n 
A 1 110 MET 110 602 602 MET MET A . n 
A 1 111 GLU 111 603 603 GLU GLU A . n 
A 1 112 THR 112 604 604 THR THR A . n 
A 1 113 LEU 113 605 605 LEU LEU A . n 
A 1 114 LYS 114 606 606 LYS LYS A . n 
A 1 115 GLU 115 607 607 GLU GLU A . n 
A 1 116 VAL 116 608 608 VAL VAL A . n 
A 1 117 ILE 117 609 609 ILE ILE A . n 
A 1 118 THR 118 610 610 THR THR A . n 
A 1 119 HIS 119 611 611 HIS HIS A . n 
A 1 120 HIS 120 612 612 HIS HIS A . n 
A 1 121 PRO 121 613 613 PRO PRO A . n 
A 1 122 GLN 122 614 614 GLN GLN A . n 
A 1 123 LYS 123 615 615 LYS LYS A . n 
A 1 124 GLU 124 616 616 GLU GLU A . n 
A 1 125 LYS 125 617 617 LYS LYS A . n 
A 1 126 LEU 126 618 618 LEU LEU A . n 
A 1 127 ALA 127 619 619 ALA ALA A . n 
A 1 128 GLU 128 620 620 GLU GLU A . n 
A 1 129 ILE 129 621 621 ILE ILE A . n 
A 1 130 ALA 130 622 622 ALA ALA A . n 
A 1 131 LEU 131 623 623 LEU LEU A . n 
A 1 132 GLN 132 624 624 GLN GLN A . n 
A 1 133 PHE 133 625 625 PHE PHE A . n 
A 1 134 ALA 134 626 626 ALA ALA A . n 
A 1 135 ARG 135 627 627 ARG ARG A . n 
A 1 136 GLU 136 628 628 GLU GLU A . n 
A 1 137 ALA 137 629 629 ALA ALA A . n 
A 1 138 GLY 138 630 630 GLY GLY A . n 
A 1 139 LEU 139 631 631 LEU LEU A . n 
A 1 140 THR 140 632 632 THR THR A . n 
A 1 141 ARG 141 633 633 ARG ARG A . n 
A 1 142 LEU 142 634 634 LEU LEU A . n 
A 1 143 LYS 143 635 635 LYS LYS A . n 
A 1 144 GLY 144 636 636 GLY GLY A . n 
A 1 145 GLU 145 637 637 GLU GLU A . n 
A 1 146 THR 146 638 638 THR THR A . n 
A 1 147 ASP 147 639 639 ASP ASP A . n 
A 1 148 TYR 148 640 640 TYR TYR A . n 
A 1 149 VAL 149 641 641 VAL VAL A . n 
A 1 150 LEU 150 642 642 LEU LEU A . n 
A 1 151 SER 151 643 643 SER SER A . n 
A 1 152 ASN 152 644 644 ASN ASN A . n 
A 1 153 VAL 153 645 645 VAL VAL A . n 
A 1 154 LEU 154 646 646 LEU LEU A . n 
A 1 155 ASP 155 647 647 ASP ASP A . n 
A 1 156 GLY 156 648 648 GLY GLY A . n 
A 1 157 LEU 157 649 649 LEU LEU A . n 
A 1 158 ILE 158 650 650 ILE ILE A . n 
A 1 159 GLY 159 651 651 GLY GLY A . n 
A 1 160 ASP 160 652 652 ASP ASP A . n 
A 1 161 GLY 161 653 653 GLY GLY A . n 
A 1 162 SER 162 654 654 SER SER A . n 
A 1 163 TRP 163 655 655 TRP TRP A . n 
A 1 164 ARG 164 656 656 ARG ARG A . n 
A 1 165 ALA 165 657 657 ALA ALA A . n 
A 1 166 GLY 166 658 ?   ?   ?   A . n 
A 1 167 PRO 167 659 ?   ?   ?   A . n 
A 1 168 ALA 168 660 ?   ?   ?   A . n 
A 1 169 TYR 169 661 ?   ?   ?   A . n 
A 1 170 GLU 170 662 ?   ?   ?   A . n 
A 1 171 SER 171 663 ?   ?   ?   A . n 
A 1 172 TYR 172 664 ?   ?   ?   A . n 
A 1 173 LEU 173 665 ?   ?   ?   A . n 
A 1 174 ASN 174 666 ?   ?   ?   A . n 
A 1 175 LYS 175 667 ?   ?   ?   A . n 
A 1 176 PRO 176 668 ?   ?   ?   A . n 
A 1 177 GLY 177 669 ?   ?   ?   A . n 
# 
loop_
_pdbx_nonpoly_scheme.asym_id 
_pdbx_nonpoly_scheme.entity_id 
_pdbx_nonpoly_scheme.mon_id 
_pdbx_nonpoly_scheme.ndb_seq_num 
_pdbx_nonpoly_scheme.pdb_seq_num 
_pdbx_nonpoly_scheme.auth_seq_num 
_pdbx_nonpoly_scheme.pdb_mon_id 
_pdbx_nonpoly_scheme.auth_mon_id 
_pdbx_nonpoly_scheme.pdb_strand_id 
_pdbx_nonpoly_scheme.pdb_ins_code 
B 2 HOH 1   1   1   HOH WAT A . 
B 2 HOH 2   2   2   HOH WAT A . 
B 2 HOH 3   3   3   HOH WAT A . 
B 2 HOH 4   4   4   HOH WAT A . 
B 2 HOH 5   5   5   HOH WAT A . 
B 2 HOH 6   6   6   HOH WAT A . 
B 2 HOH 7   7   7   HOH WAT A . 
B 2 HOH 8   8   8   HOH WAT A . 
B 2 HOH 9   9   9   HOH WAT A . 
B 2 HOH 10  10  10  HOH WAT A . 
B 2 HOH 11  11  11  HOH WAT A . 
B 2 HOH 12  12  12  HOH WAT A . 
B 2 HOH 13  13  13  HOH WAT A . 
B 2 HOH 14  14  14  HOH WAT A . 
B 2 HOH 15  15  15  HOH WAT A . 
B 2 HOH 16  16  16  HOH WAT A . 
B 2 HOH 17  17  17  HOH WAT A . 
B 2 HOH 18  18  18  HOH WAT A . 
B 2 HOH 19  19  19  HOH WAT A . 
B 2 HOH 20  20  20  HOH WAT A . 
B 2 HOH 21  21  21  HOH WAT A . 
B 2 HOH 22  22  22  HOH WAT A . 
B 2 HOH 23  23  23  HOH WAT A . 
B 2 HOH 24  24  24  HOH WAT A . 
B 2 HOH 25  25  25  HOH WAT A . 
B 2 HOH 26  26  26  HOH WAT A . 
B 2 HOH 27  27  27  HOH WAT A . 
B 2 HOH 28  28  28  HOH WAT A . 
B 2 HOH 29  29  29  HOH WAT A . 
B 2 HOH 30  30  30  HOH WAT A . 
B 2 HOH 31  31  31  HOH WAT A . 
B 2 HOH 32  32  32  HOH WAT A . 
B 2 HOH 33  33  33  HOH WAT A . 
B 2 HOH 34  34  34  HOH WAT A . 
B 2 HOH 35  35  35  HOH WAT A . 
B 2 HOH 36  36  36  HOH WAT A . 
B 2 HOH 37  37  37  HOH WAT A . 
B 2 HOH 38  38  38  HOH WAT A . 
B 2 HOH 39  39  39  HOH WAT A . 
B 2 HOH 40  40  40  HOH WAT A . 
B 2 HOH 41  41  41  HOH WAT A . 
B 2 HOH 42  42  42  HOH WAT A . 
B 2 HOH 43  43  43  HOH WAT A . 
B 2 HOH 44  44  44  HOH WAT A . 
B 2 HOH 45  45  45  HOH WAT A . 
B 2 HOH 46  46  46  HOH WAT A . 
B 2 HOH 47  47  47  HOH WAT A . 
B 2 HOH 48  48  48  HOH WAT A . 
B 2 HOH 49  49  49  HOH WAT A . 
B 2 HOH 50  50  50  HOH WAT A . 
B 2 HOH 51  51  51  HOH WAT A . 
B 2 HOH 52  52  52  HOH WAT A . 
B 2 HOH 53  53  53  HOH WAT A . 
B 2 HOH 54  54  54  HOH WAT A . 
B 2 HOH 55  55  55  HOH WAT A . 
B 2 HOH 56  56  56  HOH WAT A . 
B 2 HOH 57  57  57  HOH WAT A . 
B 2 HOH 58  58  58  HOH WAT A . 
B 2 HOH 59  59  59  HOH WAT A . 
B 2 HOH 60  60  60  HOH WAT A . 
B 2 HOH 61  61  61  HOH WAT A . 
B 2 HOH 62  62  62  HOH WAT A . 
B 2 HOH 63  63  63  HOH WAT A . 
B 2 HOH 64  64  64  HOH WAT A . 
B 2 HOH 65  65  65  HOH WAT A . 
B 2 HOH 66  66  66  HOH WAT A . 
B 2 HOH 67  67  67  HOH WAT A . 
B 2 HOH 68  68  68  HOH WAT A . 
B 2 HOH 69  69  69  HOH WAT A . 
B 2 HOH 70  70  70  HOH WAT A . 
B 2 HOH 71  71  71  HOH WAT A . 
B 2 HOH 72  72  72  HOH WAT A . 
B 2 HOH 73  73  73  HOH WAT A . 
B 2 HOH 74  74  74  HOH WAT A . 
B 2 HOH 75  75  75  HOH WAT A . 
B 2 HOH 76  76  76  HOH WAT A . 
B 2 HOH 77  77  77  HOH WAT A . 
B 2 HOH 78  78  78  HOH WAT A . 
B 2 HOH 79  79  79  HOH WAT A . 
B 2 HOH 80  80  80  HOH WAT A . 
B 2 HOH 81  81  81  HOH WAT A . 
B 2 HOH 82  82  82  HOH WAT A . 
B 2 HOH 83  83  83  HOH WAT A . 
B 2 HOH 84  84  84  HOH WAT A . 
B 2 HOH 85  85  85  HOH WAT A . 
B 2 HOH 86  86  86  HOH WAT A . 
B 2 HOH 87  87  87  HOH WAT A . 
B 2 HOH 88  88  88  HOH WAT A . 
B 2 HOH 89  89  89  HOH WAT A . 
B 2 HOH 90  90  90  HOH WAT A . 
B 2 HOH 91  91  91  HOH WAT A . 
B 2 HOH 92  92  92  HOH WAT A . 
B 2 HOH 93  93  93  HOH WAT A . 
B 2 HOH 94  94  94  HOH WAT A . 
B 2 HOH 95  95  95  HOH WAT A . 
B 2 HOH 96  96  96  HOH WAT A . 
B 2 HOH 97  97  97  HOH WAT A . 
B 2 HOH 98  98  98  HOH WAT A . 
B 2 HOH 99  99  99  HOH WAT A . 
B 2 HOH 100 100 100 HOH WAT A . 
B 2 HOH 101 101 101 HOH WAT A . 
B 2 HOH 102 102 102 HOH WAT A . 
B 2 HOH 103 103 103 HOH WAT A . 
B 2 HOH 104 104 104 HOH WAT A . 
B 2 HOH 105 105 105 HOH WAT A . 
B 2 HOH 106 106 106 HOH WAT A . 
B 2 HOH 107 107 107 HOH WAT A . 
B 2 HOH 108 108 108 HOH WAT A . 
B 2 HOH 109 109 109 HOH WAT A . 
B 2 HOH 110 110 110 HOH WAT A . 
B 2 HOH 111 111 111 HOH WAT A . 
B 2 HOH 112 112 112 HOH WAT A . 
B 2 HOH 113 113 113 HOH WAT A . 
B 2 HOH 114 114 114 HOH WAT A . 
B 2 HOH 115 115 115 HOH WAT A . 
B 2 HOH 116 116 116 HOH WAT A . 
B 2 HOH 117 117 117 HOH WAT A . 
B 2 HOH 118 118 118 HOH WAT A . 
B 2 HOH 119 119 119 HOH WAT A . 
B 2 HOH 120 120 120 HOH WAT A . 
B 2 HOH 121 121 121 HOH WAT A . 
B 2 HOH 122 122 122 HOH WAT A . 
B 2 HOH 123 123 123 HOH WAT A . 
B 2 HOH 124 124 124 HOH WAT A . 
B 2 HOH 125 125 125 HOH WAT A . 
B 2 HOH 126 126 126 HOH WAT A . 
B 2 HOH 127 127 127 HOH WAT A . 
B 2 HOH 128 128 128 HOH WAT A . 
B 2 HOH 129 129 129 HOH WAT A . 
B 2 HOH 130 130 130 HOH WAT A . 
B 2 HOH 131 131 131 HOH WAT A . 
B 2 HOH 132 132 132 HOH WAT A . 
B 2 HOH 133 133 133 HOH WAT A . 
B 2 HOH 134 134 134 HOH WAT A . 
B 2 HOH 135 135 135 HOH WAT A . 
B 2 HOH 136 136 136 HOH WAT A . 
B 2 HOH 137 137 137 HOH WAT A . 
B 2 HOH 138 138 138 HOH WAT A . 
B 2 HOH 139 139 139 HOH WAT A . 
B 2 HOH 140 140 140 HOH WAT A . 
B 2 HOH 141 141 141 HOH WAT A . 
B 2 HOH 142 142 142 HOH WAT A . 
B 2 HOH 143 143 143 HOH WAT A . 
B 2 HOH 144 144 144 HOH WAT A . 
B 2 HOH 145 145 145 HOH WAT A . 
B 2 HOH 146 146 146 HOH WAT A . 
B 2 HOH 147 147 147 HOH WAT A . 
B 2 HOH 148 148 148 HOH WAT A . 
B 2 HOH 149 149 149 HOH WAT A . 
B 2 HOH 150 150 150 HOH WAT A . 
B 2 HOH 151 151 151 HOH WAT A . 
B 2 HOH 152 152 152 HOH WAT A . 
B 2 HOH 153 153 153 HOH WAT A . 
B 2 HOH 154 154 154 HOH WAT A . 
B 2 HOH 155 155 155 HOH WAT A . 
B 2 HOH 156 156 156 HOH WAT A . 
B 2 HOH 157 157 157 HOH WAT A . 
B 2 HOH 158 158 158 HOH WAT A . 
B 2 HOH 159 159 159 HOH WAT A . 
B 2 HOH 160 160 160 HOH WAT A . 
B 2 HOH 161 161 161 HOH WAT A . 
B 2 HOH 162 162 162 HOH WAT A . 
B 2 HOH 163 163 163 HOH WAT A . 
B 2 HOH 164 164 164 HOH WAT A . 
B 2 HOH 165 165 165 HOH WAT A . 
B 2 HOH 166 166 166 HOH WAT A . 
B 2 HOH 167 167 167 HOH WAT A . 
B 2 HOH 168 168 168 HOH WAT A . 
B 2 HOH 169 169 169 HOH WAT A . 
B 2 HOH 170 170 170 HOH WAT A . 
B 2 HOH 171 171 171 HOH WAT A . 
B 2 HOH 172 172 172 HOH WAT A . 
B 2 HOH 173 173 173 HOH WAT A . 
B 2 HOH 174 174 174 HOH WAT A . 
B 2 HOH 175 175 175 HOH WAT A . 
B 2 HOH 176 176 176 HOH WAT A . 
B 2 HOH 177 177 177 HOH WAT A . 
B 2 HOH 178 178 178 HOH WAT A . 
B 2 HOH 179 179 179 HOH WAT A . 
B 2 HOH 180 180 180 HOH WAT A . 
B 2 HOH 181 181 181 HOH WAT A . 
B 2 HOH 182 182 182 HOH WAT A . 
B 2 HOH 183 183 183 HOH WAT A . 
B 2 HOH 184 184 184 HOH WAT A . 
B 2 HOH 185 185 185 HOH WAT A . 
B 2 HOH 186 186 186 HOH WAT A . 
B 2 HOH 187 187 187 HOH WAT A . 
B 2 HOH 188 188 188 HOH WAT A . 
B 2 HOH 189 189 189 HOH WAT A . 
B 2 HOH 190 190 190 HOH WAT A . 
B 2 HOH 191 191 191 HOH WAT A . 
B 2 HOH 192 192 192 HOH WAT A . 
B 2 HOH 193 193 193 HOH WAT A . 
B 2 HOH 194 194 194 HOH WAT A . 
B 2 HOH 195 195 195 HOH WAT A . 
B 2 HOH 196 196 196 HOH WAT A . 
B 2 HOH 197 197 197 HOH WAT A . 
B 2 HOH 198 198 198 HOH WAT A . 
B 2 HOH 199 199 199 HOH WAT A . 
B 2 HOH 200 200 200 HOH WAT A . 
B 2 HOH 201 201 201 HOH WAT A . 
B 2 HOH 202 202 202 HOH WAT A . 
B 2 HOH 203 203 203 HOH WAT A . 
B 2 HOH 204 204 204 HOH WAT A . 
B 2 HOH 205 205 205 HOH WAT A . 
B 2 HOH 206 206 206 HOH WAT A . 
B 2 HOH 207 207 207 HOH WAT A . 
B 2 HOH 208 208 208 HOH WAT A . 
B 2 HOH 209 209 209 HOH WAT A . 
B 2 HOH 210 210 210 HOH WAT A . 
B 2 HOH 211 211 211 HOH WAT A . 
B 2 HOH 212 212 212 HOH WAT A . 
B 2 HOH 213 213 213 HOH WAT A . 
B 2 HOH 214 214 214 HOH WAT A . 
B 2 HOH 215 215 215 HOH WAT A . 
B 2 HOH 216 216 216 HOH WAT A . 
B 2 HOH 217 217 217 HOH WAT A . 
B 2 HOH 218 218 218 HOH WAT A . 
B 2 HOH 219 219 219 HOH WAT A . 
B 2 HOH 220 220 220 HOH WAT A . 
# 
loop_
_software.name 
_software.classification 
_software.version 
_software.citation_id 
_software.pdbx_ordinal 
DENZO     'data reduction' . ? 1 
SCALEPACK 'data scaling'   . ? 2 
SOLVE     phasing          . ? 3 
RESOLVE   'model building' . ? 4 
CNS       refinement       . ? 5 
RESOLVE   phasing          . ? 6 
# 
_cell.entry_id           1Q5Z 
_cell.length_a           79.900 
_cell.length_b           79.900 
_cell.length_c           57.500 
_cell.angle_alpha        90.00 
_cell.angle_beta         90.00 
_cell.angle_gamma        90.00 
_cell.Z_PDB              8 
_cell.pdbx_unique_axis   ? 
# 
_symmetry.entry_id                         1Q5Z 
_symmetry.space_group_name_H-M             'P 43 21 2' 
_symmetry.pdbx_full_space_group_name_H-M   ? 
_symmetry.cell_setting                     tetragonal 
_symmetry.Int_Tables_number                96 
# 
_exptl.entry_id          1Q5Z 
_exptl.method            'X-RAY DIFFRACTION' 
_exptl.crystals_number   1 
# 
_exptl_crystal.id                    1 
_exptl_crystal.density_meas          ? 
_exptl_crystal.density_Matthews      2.36 
_exptl_crystal.density_percent_sol   47.82 
_exptl_crystal.description           ? 
# 
_exptl_crystal_grow.crystal_id      1 
_exptl_crystal_grow.method          'VAPOR DIFFUSION, HANGING DROP' 
_exptl_crystal_grow.temp            277 
_exptl_crystal_grow.temp_details    ? 
_exptl_crystal_grow.pH              7.5 
_exptl_crystal_grow.pdbx_details    
'2M ammonium sulfate, 1.5% methyl-pentanediol, 0.1M Hepes, pH 7.5, VAPOR DIFFUSION, HANGING DROP, temperature 277K' 
_exptl_crystal_grow.pdbx_pH_range   . 
# 
_diffrn.id                     1 
_diffrn.ambient_temp           113.15 
_diffrn.ambient_temp_details   ? 
_diffrn.crystal_id             1 
# 
_diffrn_detector.diffrn_id              1 
_diffrn_detector.detector               CCD 
_diffrn_detector.type                   MARRESEARCH 
_diffrn_detector.pdbx_collection_date   2002-09-18 
_diffrn_detector.details                X9A 
# 
_diffrn_radiation.diffrn_id                        1 
_diffrn_radiation.wavelength_id                    1 
_diffrn_radiation.pdbx_monochromatic_or_laue_m_l   M 
_diffrn_radiation.monochromator                    Si 
_diffrn_radiation.pdbx_diffrn_protocol             MAD 
_diffrn_radiation.pdbx_scattering_type             x-ray 
# 
loop_
_diffrn_radiation_wavelength.id 
_diffrn_radiation_wavelength.wavelength 
_diffrn_radiation_wavelength.wt 
1 0.9792 1.0 
2 0.9794 1.0 
3 0.9716 1.0 
# 
_diffrn_source.diffrn_id                   1 
_diffrn_source.source                      SYNCHROTRON 
_diffrn_source.type                        'NSLS BEAMLINE X9A' 
_diffrn_source.pdbx_synchrotron_site       NSLS 
_diffrn_source.pdbx_synchrotron_beamline   X9A 
_diffrn_source.pdbx_wavelength             ? 
_diffrn_source.pdbx_wavelength_list        0.9792,0.9794,0.9716 
# 
_reflns.entry_id                     1Q5Z 
_reflns.observed_criterion_sigma_F   2.0 
_reflns.observed_criterion_sigma_I   2.0 
_reflns.d_resolution_high            1.8 
_reflns.d_resolution_low             30.0 
_reflns.number_all                   17843 
_reflns.number_obs                   17011 
_reflns.percent_possible_obs         100 
_reflns.pdbx_Rmerge_I_obs            ? 
_reflns.pdbx_Rsym_value              ? 
_reflns.pdbx_netI_over_sigmaI        ? 
_reflns.B_iso_Wilson_estimate        ? 
_reflns.pdbx_redundancy              ? 
_reflns.R_free_details               ? 
_reflns.limit_h_max                  ? 
_reflns.limit_h_min                  ? 
_reflns.limit_k_max                  ? 
_reflns.limit_k_min                  ? 
_reflns.limit_l_max                  ? 
_reflns.limit_l_min                  ? 
_reflns.observed_criterion_F_max     ? 
_reflns.observed_criterion_F_min     ? 
_reflns.pdbx_diffrn_id               1 
_reflns.pdbx_ordinal                 1 
# 
_reflns_shell.d_res_high             1.80 
_reflns_shell.d_res_low              1.86 
_reflns_shell.percent_possible_all   100.0 
_reflns_shell.Rmerge_I_obs           ? 
_reflns_shell.pdbx_Rsym_value        ? 
_reflns_shell.meanI_over_sigI_obs    ? 
_reflns_shell.pdbx_redundancy        ? 
_reflns_shell.percent_possible_obs   ? 
_reflns_shell.number_unique_all      ? 
_reflns_shell.pdbx_diffrn_id         ? 
_reflns_shell.pdbx_ordinal           1 
# 
_refine.entry_id                                 1Q5Z 
_refine.ls_d_res_high                            1.8 
_refine.ls_d_res_low                             30.0 
_refine.pdbx_ls_sigma_F                          0.0 
_refine.pdbx_ls_sigma_I                          ? 
_refine.ls_number_reflns_all                     17788 
_refine.ls_number_reflns_obs                     17011 
_refine.ls_number_reflns_R_free                  836 
_refine.ls_percent_reflns_obs                    ? 
_refine.ls_R_factor_all                          0.194 
_refine.ls_R_factor_obs                          0.194 
_refine.ls_R_factor_R_work                       0.194 
_refine.ls_R_factor_R_free                       0.222 
_refine.ls_redundancy_reflns_obs                 ? 
_refine.pdbx_data_cutoff_high_absF               ? 
_refine.pdbx_data_cutoff_low_absF                ? 
_refine.ls_number_parameters                     ? 
_refine.ls_number_restraints                     ? 
_refine.ls_percent_reflns_R_free                 ? 
_refine.ls_R_factor_R_free_error                 ? 
_refine.ls_R_factor_R_free_error_details         ? 
_refine.pdbx_method_to_determine_struct          MAD 
_refine.pdbx_starting_model                      ? 
_refine.pdbx_ls_cross_valid_method               ? 
_refine.pdbx_R_Free_selection_details            random 
_refine.pdbx_stereochem_target_val_spec_case     ? 
_refine.pdbx_stereochemistry_target_values       'Engh & Huber' 
_refine.solvent_model_details                    ? 
_refine.solvent_model_param_bsol                 ? 
_refine.solvent_model_param_ksol                 ? 
_refine.occupancy_max                            ? 
_refine.occupancy_min                            ? 
_refine.pdbx_isotropic_thermal_model             ? 
_refine.B_iso_mean                               ? 
_refine.aniso_B[1][1]                            ? 
_refine.aniso_B[1][2]                            ? 
_refine.aniso_B[1][3]                            ? 
_refine.aniso_B[2][2]                            ? 
_refine.aniso_B[2][3]                            ? 
_refine.aniso_B[3][3]                            ? 
_refine.details                                  ? 
_refine.B_iso_min                                ? 
_refine.B_iso_max                                ? 
_refine.correlation_coeff_Fo_to_Fc               ? 
_refine.correlation_coeff_Fo_to_Fc_free          ? 
_refine.pdbx_solvent_vdw_probe_radii             ? 
_refine.pdbx_solvent_ion_probe_radii             ? 
_refine.pdbx_solvent_shrinkage_radii             ? 
_refine.overall_SU_R_Cruickshank_DPI             ? 
_refine.overall_SU_R_free                        ? 
_refine.overall_SU_B                             ? 
_refine.overall_SU_ML                            ? 
_refine.pdbx_overall_ESU_R                       ? 
_refine.pdbx_overall_ESU_R_Free                  ? 
_refine.pdbx_data_cutoff_high_rms_absF           ? 
_refine.pdbx_refine_id                           'X-RAY DIFFRACTION' 
_refine.pdbx_diffrn_id                           1 
_refine.pdbx_TLS_residual_ADP_flag               ? 
_refine.pdbx_overall_phase_error                 ? 
_refine.pdbx_overall_SU_R_free_Cruickshank_DPI   ? 
_refine.pdbx_overall_SU_R_Blow_DPI               ? 
_refine.pdbx_overall_SU_R_free_Blow_DPI          ? 
# 
_refine_hist.pdbx_refine_id                   'X-RAY DIFFRACTION' 
_refine_hist.cycle_id                         LAST 
_refine_hist.pdbx_number_atoms_protein        1136 
_refine_hist.pdbx_number_atoms_nucleic_acid   0 
_refine_hist.pdbx_number_atoms_ligand         0 
_refine_hist.number_atoms_solvent             220 
_refine_hist.number_atoms_total               1356 
_refine_hist.d_res_high                       1.8 
_refine_hist.d_res_low                        30.0 
# 
loop_
_refine_ls_restr.type 
_refine_ls_restr.dev_ideal 
_refine_ls_restr.dev_ideal_target 
_refine_ls_restr.weight 
_refine_ls_restr.number 
_refine_ls_restr.pdbx_refine_id 
_refine_ls_restr.pdbx_restraint_function 
c_angle_deg 1.26569  ? ? ? 'X-RAY DIFFRACTION' ? 
c_bond_d    0.007649 ? ? ? 'X-RAY DIFFRACTION' ? 
# 
_refine_ls_shell.pdbx_total_number_of_bins_used   ? 
_refine_ls_shell.d_res_high                       1.8 
_refine_ls_shell.d_res_low                        1.84 
_refine_ls_shell.number_reflns_R_work             ? 
_refine_ls_shell.R_factor_R_work                  0.22 
_refine_ls_shell.percent_reflns_obs               ? 
_refine_ls_shell.R_factor_R_free                  0.26 
_refine_ls_shell.R_factor_R_free_error            ? 
_refine_ls_shell.percent_reflns_R_free            ? 
_refine_ls_shell.number_reflns_R_free             41 
_refine_ls_shell.number_reflns_obs                944 
_refine_ls_shell.redundancy_reflns_obs            ? 
_refine_ls_shell.number_reflns_all                ? 
_refine_ls_shell.pdbx_refine_id                   'X-RAY DIFFRACTION' 
_refine_ls_shell.R_factor_all                     ? 
# 
_struct.entry_id                  1Q5Z 
_struct.title                     
'Crystal Structure of the C-terminal Actin Binding Domain of Salmonella Invasion Protein A (SipA)' 
_struct.pdbx_model_details        ? 
_struct.pdbx_CASP_flag            ? 
_struct.pdbx_model_type_details   ? 
# 
_struct_keywords.entry_id        1Q5Z 
_struct_keywords.pdbx_keywords   'CELL INVASION' 
_struct_keywords.text            'CELL INVASION' 
# 
loop_
_struct_asym.id 
_struct_asym.pdbx_blank_PDB_chainid_flag 
_struct_asym.pdbx_modified 
_struct_asym.entity_id 
_struct_asym.details 
A N N 1 ? 
B N N 2 ? 
# 
_struct_ref.id                         1 
_struct_ref.db_name                    UNP 
_struct_ref.db_code                    SIPA_SALTY 
_struct_ref.pdbx_db_accession          Q56027 
_struct_ref.entity_id                  1 
_struct_ref.pdbx_seq_one_letter_code   
;KAGTTDNDNSQTDKTGPFSGLKFKQNSFLSTVPSVTNMHSMHFDARETFLGVIRKALEPDTSTPFPVRRAFDGLRAEILP
NDTIKSAALKAQCSDIDKHPELKAKMETLKEVITHHPQKEKLAEIALQFAREAGLTRLKGETDYVLSNVLDGLIGDGSWR
AGPAYESYLNKPG
;
_struct_ref.pdbx_align_begin           497 
_struct_ref.pdbx_db_isoform            ? 
# 
_struct_ref_seq.align_id                      1 
_struct_ref_seq.ref_id                        1 
_struct_ref_seq.pdbx_PDB_id_code              1Q5Z 
_struct_ref_seq.pdbx_strand_id                A 
_struct_ref_seq.seq_align_beg                 5 
_struct_ref_seq.pdbx_seq_align_beg_ins_code   ? 
_struct_ref_seq.seq_align_end                 177 
_struct_ref_seq.pdbx_seq_align_end_ins_code   ? 
_struct_ref_seq.pdbx_db_accession             Q56027 
_struct_ref_seq.db_align_beg                  497 
_struct_ref_seq.pdbx_db_align_beg_ins_code    ? 
_struct_ref_seq.db_align_end                  669 
_struct_ref_seq.pdbx_db_align_end_ins_code    ? 
_struct_ref_seq.pdbx_auth_seq_align_beg       497 
_struct_ref_seq.pdbx_auth_seq_align_end       669 
# 
_pdbx_struct_assembly.id                   1 
_pdbx_struct_assembly.details              author_defined_assembly 
_pdbx_struct_assembly.method_details       ? 
_pdbx_struct_assembly.oligomeric_details   monomeric 
_pdbx_struct_assembly.oligomeric_count     1 
# 
_pdbx_struct_assembly_gen.assembly_id       1 
_pdbx_struct_assembly_gen.oper_expression   1 
_pdbx_struct_assembly_gen.asym_id_list      A,B 
# 
_pdbx_struct_oper_list.id                   1 
_pdbx_struct_oper_list.type                 'identity operation' 
_pdbx_struct_oper_list.name                 1_555 
_pdbx_struct_oper_list.symmetry_operation   x,y,z 
_pdbx_struct_oper_list.matrix[1][1]         1.0000000000 
_pdbx_struct_oper_list.matrix[1][2]         0.0000000000 
_pdbx_struct_oper_list.matrix[1][3]         0.0000000000 
_pdbx_struct_oper_list.vector[1]            0.0000000000 
_pdbx_struct_oper_list.matrix[2][1]         0.0000000000 
_pdbx_struct_oper_list.matrix[2][2]         1.0000000000 
_pdbx_struct_oper_list.matrix[2][3]         0.0000000000 
_pdbx_struct_oper_list.vector[2]            0.0000000000 
_pdbx_struct_oper_list.matrix[3][1]         0.0000000000 
_pdbx_struct_oper_list.matrix[3][2]         0.0000000000 
_pdbx_struct_oper_list.matrix[3][3]         1.0000000000 
_pdbx_struct_oper_list.vector[3]            0.0000000000 
# 
_struct_biol.id                    1 
_struct_biol.pdbx_parent_biol_id   ? 
_struct_biol.details               ? 
# 
loop_
_struct_conf.conf_type_id 
_struct_conf.id 
_struct_conf.pdbx_PDB_helix_id 
_struct_conf.beg_label_comp_id 
_struct_conf.beg_label_asym_id 
_struct_conf.beg_label_seq_id 
_struct_conf.pdbx_beg_PDB_ins_code 
_struct_conf.end_label_comp_id 
_struct_conf.end_label_asym_id 
_struct_conf.end_label_seq_id 
_struct_conf.pdbx_end_PDB_ins_code 
_struct_conf.beg_auth_comp_id 
_struct_conf.beg_auth_asym_id 
_struct_conf.beg_auth_seq_id 
_struct_conf.end_auth_comp_id 
_struct_conf.end_auth_asym_id 
_struct_conf.end_auth_seq_id 
_struct_conf.pdbx_PDB_helix_class 
_struct_conf.details 
_struct_conf.pdbx_PDB_helix_length 
HELX_P HELX_P1  1  PHE A 32  ? VAL A 36  ? PHE A 524 VAL A 528 5 ? 5  
HELX_P HELX_P2  2  SER A 38  ? HIS A 43  ? SER A 530 HIS A 535 1 ? 6  
HELX_P HELX_P3  3  ASP A 48  ? LEU A 61  ? ASP A 540 LEU A 553 1 ? 14 
HELX_P HELX_P4  4  PRO A 68  ? LEU A 83  ? PRO A 560 LEU A 575 1 ? 16 
HELX_P HELX_P5  5  ASP A 86  ? SER A 98  ? ASP A 578 SER A 590 1 ? 13 
HELX_P HELX_P6  6  ASP A 99  ? LYS A 102 ? ASP A 591 LYS A 594 5 ? 4  
HELX_P HELX_P7  7  HIS A 103 ? HIS A 119 ? HIS A 595 HIS A 611 1 ? 17 
HELX_P HELX_P8  8  GLN A 122 ? GLY A 138 ? GLN A 614 GLY A 630 1 ? 17 
HELX_P HELX_P9  9  LEU A 142 ? THR A 146 ? LEU A 634 THR A 638 5 ? 5  
HELX_P HELX_P10 10 ASP A 147 ? ILE A 158 ? ASP A 639 ILE A 650 1 ? 12 
HELX_P HELX_P11 11 GLY A 161 ? ALA A 165 ? GLY A 653 ALA A 657 5 ? 5  
# 
_struct_conf_type.id          HELX_P 
_struct_conf_type.criteria    ? 
_struct_conf_type.reference   ? 
# 
_pdbx_validate_close_contact.id               1 
_pdbx_validate_close_contact.PDB_model_num    1 
_pdbx_validate_close_contact.auth_atom_id_1   O 
_pdbx_validate_close_contact.auth_asym_id_1   A 
_pdbx_validate_close_contact.auth_comp_id_1   HOH 
_pdbx_validate_close_contact.auth_seq_id_1    176 
_pdbx_validate_close_contact.PDB_ins_code_1   ? 
_pdbx_validate_close_contact.label_alt_id_1   ? 
_pdbx_validate_close_contact.auth_atom_id_2   O 
_pdbx_validate_close_contact.auth_asym_id_2   A 
_pdbx_validate_close_contact.auth_comp_id_2   HOH 
_pdbx_validate_close_contact.auth_seq_id_2    214 
_pdbx_validate_close_contact.PDB_ins_code_2   ? 
_pdbx_validate_close_contact.label_alt_id_2   ? 
_pdbx_validate_close_contact.dist             1.94 
# 
loop_
_pdbx_validate_torsion.id 
_pdbx_validate_torsion.PDB_model_num 
_pdbx_validate_torsion.auth_comp_id 
_pdbx_validate_torsion.auth_asym_id 
_pdbx_validate_torsion.auth_seq_id 
_pdbx_validate_torsion.PDB_ins_code 
_pdbx_validate_torsion.label_alt_id 
_pdbx_validate_torsion.phi 
_pdbx_validate_torsion.psi 
1 1 PHE A 514 ? ? -113.15 55.46   
2 1 ASN A 522 ? ? 57.35   19.53   
3 1 LYS A 635 ? ? 46.69   -127.21 
# 
loop_
_pdbx_unobs_or_zero_occ_residues.id 
_pdbx_unobs_or_zero_occ_residues.PDB_model_num 
_pdbx_unobs_or_zero_occ_residues.polymer_flag 
_pdbx_unobs_or_zero_occ_residues.occupancy_flag 
_pdbx_unobs_or_zero_occ_residues.auth_asym_id 
_pdbx_unobs_or_zero_occ_residues.auth_comp_id 
_pdbx_unobs_or_zero_occ_residues.auth_seq_id 
_pdbx_unobs_or_zero_occ_residues.PDB_ins_code 
_pdbx_unobs_or_zero_occ_residues.label_asym_id 
_pdbx_unobs_or_zero_occ_residues.label_comp_id 
_pdbx_unobs_or_zero_occ_residues.label_seq_id 
1  1 Y 1 A GLY 493 ? A GLY 1   
2  1 Y 1 A PRO 494 ? A PRO 2   
3  1 Y 1 A VAL 495 ? A VAL 3   
4  1 Y 1 A ASP 496 ? A ASP 4   
5  1 Y 1 A LYS 497 ? A LYS 5   
6  1 Y 1 A ALA 498 ? A ALA 6   
7  1 Y 1 A GLY 499 ? A GLY 7   
8  1 Y 1 A THR 500 ? A THR 8   
9  1 Y 1 A THR 501 ? A THR 9   
10 1 Y 1 A ASP 502 ? A ASP 10  
11 1 Y 1 A ASN 503 ? A ASN 11  
12 1 Y 1 A ASP 504 ? A ASP 12  
13 1 Y 1 A ASN 505 ? A ASN 13  
14 1 Y 1 A SER 506 ? A SER 14  
15 1 Y 1 A GLN 507 ? A GLN 15  
16 1 Y 1 A THR 508 ? A THR 16  
17 1 Y 1 A ASP 509 ? A ASP 17  
18 1 Y 1 A LYS 510 ? A LYS 18  
19 1 Y 1 A THR 511 ? A THR 19  
20 1 Y 1 A GLY 512 ? A GLY 20  
21 1 Y 1 A GLY 658 ? A GLY 166 
22 1 Y 1 A PRO 659 ? A PRO 167 
23 1 Y 1 A ALA 660 ? A ALA 168 
24 1 Y 1 A TYR 661 ? A TYR 169 
25 1 Y 1 A GLU 662 ? A GLU 170 
26 1 Y 1 A SER 663 ? A SER 171 
27 1 Y 1 A TYR 664 ? A TYR 172 
28 1 Y 1 A LEU 665 ? A LEU 173 
29 1 Y 1 A ASN 666 ? A ASN 174 
30 1 Y 1 A LYS 667 ? A LYS 175 
31 1 Y 1 A PRO 668 ? A PRO 176 
32 1 Y 1 A GLY 669 ? A GLY 177 
# 
loop_
_chem_comp_atom.comp_id 
_chem_comp_atom.atom_id 
_chem_comp_atom.type_symbol 
_chem_comp_atom.pdbx_aromatic_flag 
_chem_comp_atom.pdbx_stereo_config 
_chem_comp_atom.pdbx_ordinal 
ALA N    N N N 1   
ALA CA   C N S 2   
ALA C    C N N 3   
ALA O    O N N 4   
ALA CB   C N N 5   
ALA OXT  O N N 6   
ALA H    H N N 7   
ALA H2   H N N 8   
ALA HA   H N N 9   
ALA HB1  H N N 10  
ALA HB2  H N N 11  
ALA HB3  H N N 12  
ALA HXT  H N N 13  
ARG N    N N N 14  
ARG CA   C N S 15  
ARG C    C N N 16  
ARG O    O N N 17  
ARG CB   C N N 18  
ARG CG   C N N 19  
ARG CD   C N N 20  
ARG NE   N N N 21  
ARG CZ   C N N 22  
ARG NH1  N N N 23  
ARG NH2  N N N 24  
ARG OXT  O N N 25  
ARG H    H N N 26  
ARG H2   H N N 27  
ARG HA   H N N 28  
ARG HB2  H N N 29  
ARG HB3  H N N 30  
ARG HG2  H N N 31  
ARG HG3  H N N 32  
ARG HD2  H N N 33  
ARG HD3  H N N 34  
ARG HE   H N N 35  
ARG HH11 H N N 36  
ARG HH12 H N N 37  
ARG HH21 H N N 38  
ARG HH22 H N N 39  
ARG HXT  H N N 40  
ASN N    N N N 41  
ASN CA   C N S 42  
ASN C    C N N 43  
ASN O    O N N 44  
ASN CB   C N N 45  
ASN CG   C N N 46  
ASN OD1  O N N 47  
ASN ND2  N N N 48  
ASN OXT  O N N 49  
ASN H    H N N 50  
ASN H2   H N N 51  
ASN HA   H N N 52  
ASN HB2  H N N 53  
ASN HB3  H N N 54  
ASN HD21 H N N 55  
ASN HD22 H N N 56  
ASN HXT  H N N 57  
ASP N    N N N 58  
ASP CA   C N S 59  
ASP C    C N N 60  
ASP O    O N N 61  
ASP CB   C N N 62  
ASP CG   C N N 63  
ASP OD1  O N N 64  
ASP OD2  O N N 65  
ASP OXT  O N N 66  
ASP H    H N N 67  
ASP H2   H N N 68  
ASP HA   H N N 69  
ASP HB2  H N N 70  
ASP HB3  H N N 71  
ASP HD2  H N N 72  
ASP HXT  H N N 73  
CYS N    N N N 74  
CYS CA   C N R 75  
CYS C    C N N 76  
CYS O    O N N 77  
CYS CB   C N N 78  
CYS SG   S N N 79  
CYS OXT  O N N 80  
CYS H    H N N 81  
CYS H2   H N N 82  
CYS HA   H N N 83  
CYS HB2  H N N 84  
CYS HB3  H N N 85  
CYS HG   H N N 86  
CYS HXT  H N N 87  
GLN N    N N N 88  
GLN CA   C N S 89  
GLN C    C N N 90  
GLN O    O N N 91  
GLN CB   C N N 92  
GLN CG   C N N 93  
GLN CD   C N N 94  
GLN OE1  O N N 95  
GLN NE2  N N N 96  
GLN OXT  O N N 97  
GLN H    H N N 98  
GLN H2   H N N 99  
GLN HA   H N N 100 
GLN HB2  H N N 101 
GLN HB3  H N N 102 
GLN HG2  H N N 103 
GLN HG3  H N N 104 
GLN HE21 H N N 105 
GLN HE22 H N N 106 
GLN HXT  H N N 107 
GLU N    N N N 108 
GLU CA   C N S 109 
GLU C    C N N 110 
GLU O    O N N 111 
GLU CB   C N N 112 
GLU CG   C N N 113 
GLU CD   C N N 114 
GLU OE1  O N N 115 
GLU OE2  O N N 116 
GLU OXT  O N N 117 
GLU H    H N N 118 
GLU H2   H N N 119 
GLU HA   H N N 120 
GLU HB2  H N N 121 
GLU HB3  H N N 122 
GLU HG2  H N N 123 
GLU HG3  H N N 124 
GLU HE2  H N N 125 
GLU HXT  H N N 126 
GLY N    N N N 127 
GLY CA   C N N 128 
GLY C    C N N 129 
GLY O    O N N 130 
GLY OXT  O N N 131 
GLY H    H N N 132 
GLY H2   H N N 133 
GLY HA2  H N N 134 
GLY HA3  H N N 135 
GLY HXT  H N N 136 
HIS N    N N N 137 
HIS CA   C N S 138 
HIS C    C N N 139 
HIS O    O N N 140 
HIS CB   C N N 141 
HIS CG   C Y N 142 
HIS ND1  N Y N 143 
HIS CD2  C Y N 144 
HIS CE1  C Y N 145 
HIS NE2  N Y N 146 
HIS OXT  O N N 147 
HIS H    H N N 148 
HIS H2   H N N 149 
HIS HA   H N N 150 
HIS HB2  H N N 151 
HIS HB3  H N N 152 
HIS HD1  H N N 153 
HIS HD2  H N N 154 
HIS HE1  H N N 155 
HIS HE2  H N N 156 
HIS HXT  H N N 157 
HOH O    O N N 158 
HOH H1   H N N 159 
HOH H2   H N N 160 
ILE N    N N N 161 
ILE CA   C N S 162 
ILE C    C N N 163 
ILE O    O N N 164 
ILE CB   C N S 165 
ILE CG1  C N N 166 
ILE CG2  C N N 167 
ILE CD1  C N N 168 
ILE OXT  O N N 169 
ILE H    H N N 170 
ILE H2   H N N 171 
ILE HA   H N N 172 
ILE HB   H N N 173 
ILE HG12 H N N 174 
ILE HG13 H N N 175 
ILE HG21 H N N 176 
ILE HG22 H N N 177 
ILE HG23 H N N 178 
ILE HD11 H N N 179 
ILE HD12 H N N 180 
ILE HD13 H N N 181 
ILE HXT  H N N 182 
LEU N    N N N 183 
LEU CA   C N S 184 
LEU C    C N N 185 
LEU O    O N N 186 
LEU CB   C N N 187 
LEU CG   C N N 188 
LEU CD1  C N N 189 
LEU CD2  C N N 190 
LEU OXT  O N N 191 
LEU H    H N N 192 
LEU H2   H N N 193 
LEU HA   H N N 194 
LEU HB2  H N N 195 
LEU HB3  H N N 196 
LEU HG   H N N 197 
LEU HD11 H N N 198 
LEU HD12 H N N 199 
LEU HD13 H N N 200 
LEU HD21 H N N 201 
LEU HD22 H N N 202 
LEU HD23 H N N 203 
LEU HXT  H N N 204 
LYS N    N N N 205 
LYS CA   C N S 206 
LYS C    C N N 207 
LYS O    O N N 208 
LYS CB   C N N 209 
LYS CG   C N N 210 
LYS CD   C N N 211 
LYS CE   C N N 212 
LYS NZ   N N N 213 
LYS OXT  O N N 214 
LYS H    H N N 215 
LYS H2   H N N 216 
LYS HA   H N N 217 
LYS HB2  H N N 218 
LYS HB3  H N N 219 
LYS HG2  H N N 220 
LYS HG3  H N N 221 
LYS HD2  H N N 222 
LYS HD3  H N N 223 
LYS HE2  H N N 224 
LYS HE3  H N N 225 
LYS HZ1  H N N 226 
LYS HZ2  H N N 227 
LYS HZ3  H N N 228 
LYS HXT  H N N 229 
MET N    N N N 230 
MET CA   C N S 231 
MET C    C N N 232 
MET O    O N N 233 
MET CB   C N N 234 
MET CG   C N N 235 
MET SD   S N N 236 
MET CE   C N N 237 
MET OXT  O N N 238 
MET H    H N N 239 
MET H2   H N N 240 
MET HA   H N N 241 
MET HB2  H N N 242 
MET HB3  H N N 243 
MET HG2  H N N 244 
MET HG3  H N N 245 
MET HE1  H N N 246 
MET HE2  H N N 247 
MET HE3  H N N 248 
MET HXT  H N N 249 
PHE N    N N N 250 
PHE CA   C N S 251 
PHE C    C N N 252 
PHE O    O N N 253 
PHE CB   C N N 254 
PHE CG   C Y N 255 
PHE CD1  C Y N 256 
PHE CD2  C Y N 257 
PHE CE1  C Y N 258 
PHE CE2  C Y N 259 
PHE CZ   C Y N 260 
PHE OXT  O N N 261 
PHE H    H N N 262 
PHE H2   H N N 263 
PHE HA   H N N 264 
PHE HB2  H N N 265 
PHE HB3  H N N 266 
PHE HD1  H N N 267 
PHE HD2  H N N 268 
PHE HE1  H N N 269 
PHE HE2  H N N 270 
PHE HZ   H N N 271 
PHE HXT  H N N 272 
PRO N    N N N 273 
PRO CA   C N S 274 
PRO C    C N N 275 
PRO O    O N N 276 
PRO CB   C N N 277 
PRO CG   C N N 278 
PRO CD   C N N 279 
PRO OXT  O N N 280 
PRO H    H N N 281 
PRO HA   H N N 282 
PRO HB2  H N N 283 
PRO HB3  H N N 284 
PRO HG2  H N N 285 
PRO HG3  H N N 286 
PRO HD2  H N N 287 
PRO HD3  H N N 288 
PRO HXT  H N N 289 
SER N    N N N 290 
SER CA   C N S 291 
SER C    C N N 292 
SER O    O N N 293 
SER CB   C N N 294 
SER OG   O N N 295 
SER OXT  O N N 296 
SER H    H N N 297 
SER H2   H N N 298 
SER HA   H N N 299 
SER HB2  H N N 300 
SER HB3  H N N 301 
SER HG   H N N 302 
SER HXT  H N N 303 
THR N    N N N 304 
THR CA   C N S 305 
THR C    C N N 306 
THR O    O N N 307 
THR CB   C N R 308 
THR OG1  O N N 309 
THR CG2  C N N 310 
THR OXT  O N N 311 
THR H    H N N 312 
THR H2   H N N 313 
THR HA   H N N 314 
THR HB   H N N 315 
THR HG1  H N N 316 
THR HG21 H N N 317 
THR HG22 H N N 318 
THR HG23 H N N 319 
THR HXT  H N N 320 
TRP N    N N N 321 
TRP CA   C N S 322 
TRP C    C N N 323 
TRP O    O N N 324 
TRP CB   C N N 325 
TRP CG   C Y N 326 
TRP CD1  C Y N 327 
TRP CD2  C Y N 328 
TRP NE1  N Y N 329 
TRP CE2  C Y N 330 
TRP CE3  C Y N 331 
TRP CZ2  C Y N 332 
TRP CZ3  C Y N 333 
TRP CH2  C Y N 334 
TRP OXT  O N N 335 
TRP H    H N N 336 
TRP H2   H N N 337 
TRP HA   H N N 338 
TRP HB2  H N N 339 
TRP HB3  H N N 340 
TRP HD1  H N N 341 
TRP HE1  H N N 342 
TRP HE3  H N N 343 
TRP HZ2  H N N 344 
TRP HZ3  H N N 345 
TRP HH2  H N N 346 
TRP HXT  H N N 347 
TYR N    N N N 348 
TYR CA   C N S 349 
TYR C    C N N 350 
TYR O    O N N 351 
TYR CB   C N N 352 
TYR CG   C Y N 353 
TYR CD1  C Y N 354 
TYR CD2  C Y N 355 
TYR CE1  C Y N 356 
TYR CE2  C Y N 357 
TYR CZ   C Y N 358 
TYR OH   O N N 359 
TYR OXT  O N N 360 
TYR H    H N N 361 
TYR H2   H N N 362 
TYR HA   H N N 363 
TYR HB2  H N N 364 
TYR HB3  H N N 365 
TYR HD1  H N N 366 
TYR HD2  H N N 367 
TYR HE1  H N N 368 
TYR HE2  H N N 369 
TYR HH   H N N 370 
TYR HXT  H N N 371 
VAL N    N N N 372 
VAL CA   C N S 373 
VAL C    C N N 374 
VAL O    O N N 375 
VAL CB   C N N 376 
VAL CG1  C N N 377 
VAL CG2  C N N 378 
VAL OXT  O N N 379 
VAL H    H N N 380 
VAL H2   H N N 381 
VAL HA   H N N 382 
VAL HB   H N N 383 
VAL HG11 H N N 384 
VAL HG12 H N N 385 
VAL HG13 H N N 386 
VAL HG21 H N N 387 
VAL HG22 H N N 388 
VAL HG23 H N N 389 
VAL HXT  H N N 390 
# 
loop_
_chem_comp_bond.comp_id 
_chem_comp_bond.atom_id_1 
_chem_comp_bond.atom_id_2 
_chem_comp_bond.value_order 
_chem_comp_bond.pdbx_aromatic_flag 
_chem_comp_bond.pdbx_stereo_config 
_chem_comp_bond.pdbx_ordinal 
ALA N   CA   sing N N 1   
ALA N   H    sing N N 2   
ALA N   H2   sing N N 3   
ALA CA  C    sing N N 4   
ALA CA  CB   sing N N 5   
ALA CA  HA   sing N N 6   
ALA C   O    doub N N 7   
ALA C   OXT  sing N N 8   
ALA CB  HB1  sing N N 9   
ALA CB  HB2  sing N N 10  
ALA CB  HB3  sing N N 11  
ALA OXT HXT  sing N N 12  
ARG N   CA   sing N N 13  
ARG N   H    sing N N 14  
ARG N   H2   sing N N 15  
ARG CA  C    sing N N 16  
ARG CA  CB   sing N N 17  
ARG CA  HA   sing N N 18  
ARG C   O    doub N N 19  
ARG C   OXT  sing N N 20  
ARG CB  CG   sing N N 21  
ARG CB  HB2  sing N N 22  
ARG CB  HB3  sing N N 23  
ARG CG  CD   sing N N 24  
ARG CG  HG2  sing N N 25  
ARG CG  HG3  sing N N 26  
ARG CD  NE   sing N N 27  
ARG CD  HD2  sing N N 28  
ARG CD  HD3  sing N N 29  
ARG NE  CZ   sing N N 30  
ARG NE  HE   sing N N 31  
ARG CZ  NH1  sing N N 32  
ARG CZ  NH2  doub N N 33  
ARG NH1 HH11 sing N N 34  
ARG NH1 HH12 sing N N 35  
ARG NH2 HH21 sing N N 36  
ARG NH2 HH22 sing N N 37  
ARG OXT HXT  sing N N 38  
ASN N   CA   sing N N 39  
ASN N   H    sing N N 40  
ASN N   H2   sing N N 41  
ASN CA  C    sing N N 42  
ASN CA  CB   sing N N 43  
ASN CA  HA   sing N N 44  
ASN C   O    doub N N 45  
ASN C   OXT  sing N N 46  
ASN CB  CG   sing N N 47  
ASN CB  HB2  sing N N 48  
ASN CB  HB3  sing N N 49  
ASN CG  OD1  doub N N 50  
ASN CG  ND2  sing N N 51  
ASN ND2 HD21 sing N N 52  
ASN ND2 HD22 sing N N 53  
ASN OXT HXT  sing N N 54  
ASP N   CA   sing N N 55  
ASP N   H    sing N N 56  
ASP N   H2   sing N N 57  
ASP CA  C    sing N N 58  
ASP CA  CB   sing N N 59  
ASP CA  HA   sing N N 60  
ASP C   O    doub N N 61  
ASP C   OXT  sing N N 62  
ASP CB  CG   sing N N 63  
ASP CB  HB2  sing N N 64  
ASP CB  HB3  sing N N 65  
ASP CG  OD1  doub N N 66  
ASP CG  OD2  sing N N 67  
ASP OD2 HD2  sing N N 68  
ASP OXT HXT  sing N N 69  
CYS N   CA   sing N N 70  
CYS N   H    sing N N 71  
CYS N   H2   sing N N 72  
CYS CA  C    sing N N 73  
CYS CA  CB   sing N N 74  
CYS CA  HA   sing N N 75  
CYS C   O    doub N N 76  
CYS C   OXT  sing N N 77  
CYS CB  SG   sing N N 78  
CYS CB  HB2  sing N N 79  
CYS CB  HB3  sing N N 80  
CYS SG  HG   sing N N 81  
CYS OXT HXT  sing N N 82  
GLN N   CA   sing N N 83  
GLN N   H    sing N N 84  
GLN N   H2   sing N N 85  
GLN CA  C    sing N N 86  
GLN CA  CB   sing N N 87  
GLN CA  HA   sing N N 88  
GLN C   O    doub N N 89  
GLN C   OXT  sing N N 90  
GLN CB  CG   sing N N 91  
GLN CB  HB2  sing N N 92  
GLN CB  HB3  sing N N 93  
GLN CG  CD   sing N N 94  
GLN CG  HG2  sing N N 95  
GLN CG  HG3  sing N N 96  
GLN CD  OE1  doub N N 97  
GLN CD  NE2  sing N N 98  
GLN NE2 HE21 sing N N 99  
GLN NE2 HE22 sing N N 100 
GLN OXT HXT  sing N N 101 
GLU N   CA   sing N N 102 
GLU N   H    sing N N 103 
GLU N   H2   sing N N 104 
GLU CA  C    sing N N 105 
GLU CA  CB   sing N N 106 
GLU CA  HA   sing N N 107 
GLU C   O    doub N N 108 
GLU C   OXT  sing N N 109 
GLU CB  CG   sing N N 110 
GLU CB  HB2  sing N N 111 
GLU CB  HB3  sing N N 112 
GLU CG  CD   sing N N 113 
GLU CG  HG2  sing N N 114 
GLU CG  HG3  sing N N 115 
GLU CD  OE1  doub N N 116 
GLU CD  OE2  sing N N 117 
GLU OE2 HE2  sing N N 118 
GLU OXT HXT  sing N N 119 
GLY N   CA   sing N N 120 
GLY N   H    sing N N 121 
GLY N   H2   sing N N 122 
GLY CA  C    sing N N 123 
GLY CA  HA2  sing N N 124 
GLY CA  HA3  sing N N 125 
GLY C   O    doub N N 126 
GLY C   OXT  sing N N 127 
GLY OXT HXT  sing N N 128 
HIS N   CA   sing N N 129 
HIS N   H    sing N N 130 
HIS N   H2   sing N N 131 
HIS CA  C    sing N N 132 
HIS CA  CB   sing N N 133 
HIS CA  HA   sing N N 134 
HIS C   O    doub N N 135 
HIS C   OXT  sing N N 136 
HIS CB  CG   sing N N 137 
HIS CB  HB2  sing N N 138 
HIS CB  HB3  sing N N 139 
HIS CG  ND1  sing Y N 140 
HIS CG  CD2  doub Y N 141 
HIS ND1 CE1  doub Y N 142 
HIS ND1 HD1  sing N N 143 
HIS CD2 NE2  sing Y N 144 
HIS CD2 HD2  sing N N 145 
HIS CE1 NE2  sing Y N 146 
HIS CE1 HE1  sing N N 147 
HIS NE2 HE2  sing N N 148 
HIS OXT HXT  sing N N 149 
HOH O   H1   sing N N 150 
HOH O   H2   sing N N 151 
ILE N   CA   sing N N 152 
ILE N   H    sing N N 153 
ILE N   H2   sing N N 154 
ILE CA  C    sing N N 155 
ILE CA  CB   sing N N 156 
ILE CA  HA   sing N N 157 
ILE C   O    doub N N 158 
ILE C   OXT  sing N N 159 
ILE CB  CG1  sing N N 160 
ILE CB  CG2  sing N N 161 
ILE CB  HB   sing N N 162 
ILE CG1 CD1  sing N N 163 
ILE CG1 HG12 sing N N 164 
ILE CG1 HG13 sing N N 165 
ILE CG2 HG21 sing N N 166 
ILE CG2 HG22 sing N N 167 
ILE CG2 HG23 sing N N 168 
ILE CD1 HD11 sing N N 169 
ILE CD1 HD12 sing N N 170 
ILE CD1 HD13 sing N N 171 
ILE OXT HXT  sing N N 172 
LEU N   CA   sing N N 173 
LEU N   H    sing N N 174 
LEU N   H2   sing N N 175 
LEU CA  C    sing N N 176 
LEU CA  CB   sing N N 177 
LEU CA  HA   sing N N 178 
LEU C   O    doub N N 179 
LEU C   OXT  sing N N 180 
LEU CB  CG   sing N N 181 
LEU CB  HB2  sing N N 182 
LEU CB  HB3  sing N N 183 
LEU CG  CD1  sing N N 184 
LEU CG  CD2  sing N N 185 
LEU CG  HG   sing N N 186 
LEU CD1 HD11 sing N N 187 
LEU CD1 HD12 sing N N 188 
LEU CD1 HD13 sing N N 189 
LEU CD2 HD21 sing N N 190 
LEU CD2 HD22 sing N N 191 
LEU CD2 HD23 sing N N 192 
LEU OXT HXT  sing N N 193 
LYS N   CA   sing N N 194 
LYS N   H    sing N N 195 
LYS N   H2   sing N N 196 
LYS CA  C    sing N N 197 
LYS CA  CB   sing N N 198 
LYS CA  HA   sing N N 199 
LYS C   O    doub N N 200 
LYS C   OXT  sing N N 201 
LYS CB  CG   sing N N 202 
LYS CB  HB2  sing N N 203 
LYS CB  HB3  sing N N 204 
LYS CG  CD   sing N N 205 
LYS CG  HG2  sing N N 206 
LYS CG  HG3  sing N N 207 
LYS CD  CE   sing N N 208 
LYS CD  HD2  sing N N 209 
LYS CD  HD3  sing N N 210 
LYS CE  NZ   sing N N 211 
LYS CE  HE2  sing N N 212 
LYS CE  HE3  sing N N 213 
LYS NZ  HZ1  sing N N 214 
LYS NZ  HZ2  sing N N 215 
LYS NZ  HZ3  sing N N 216 
LYS OXT HXT  sing N N 217 
MET N   CA   sing N N 218 
MET N   H    sing N N 219 
MET N   H2   sing N N 220 
MET CA  C    sing N N 221 
MET CA  CB   sing N N 222 
MET CA  HA   sing N N 223 
MET C   O    doub N N 224 
MET C   OXT  sing N N 225 
MET CB  CG   sing N N 226 
MET CB  HB2  sing N N 227 
MET CB  HB3  sing N N 228 
MET CG  SD   sing N N 229 
MET CG  HG2  sing N N 230 
MET CG  HG3  sing N N 231 
MET SD  CE   sing N N 232 
MET CE  HE1  sing N N 233 
MET CE  HE2  sing N N 234 
MET CE  HE3  sing N N 235 
MET OXT HXT  sing N N 236 
PHE N   CA   sing N N 237 
PHE N   H    sing N N 238 
PHE N   H2   sing N N 239 
PHE CA  C    sing N N 240 
PHE CA  CB   sing N N 241 
PHE CA  HA   sing N N 242 
PHE C   O    doub N N 243 
PHE C   OXT  sing N N 244 
PHE CB  CG   sing N N 245 
PHE CB  HB2  sing N N 246 
PHE CB  HB3  sing N N 247 
PHE CG  CD1  doub Y N 248 
PHE CG  CD2  sing Y N 249 
PHE CD1 CE1  sing Y N 250 
PHE CD1 HD1  sing N N 251 
PHE CD2 CE2  doub Y N 252 
PHE CD2 HD2  sing N N 253 
PHE CE1 CZ   doub Y N 254 
PHE CE1 HE1  sing N N 255 
PHE CE2 CZ   sing Y N 256 
PHE CE2 HE2  sing N N 257 
PHE CZ  HZ   sing N N 258 
PHE OXT HXT  sing N N 259 
PRO N   CA   sing N N 260 
PRO N   CD   sing N N 261 
PRO N   H    sing N N 262 
PRO CA  C    sing N N 263 
PRO CA  CB   sing N N 264 
PRO CA  HA   sing N N 265 
PRO C   O    doub N N 266 
PRO C   OXT  sing N N 267 
PRO CB  CG   sing N N 268 
PRO CB  HB2  sing N N 269 
PRO CB  HB3  sing N N 270 
PRO CG  CD   sing N N 271 
PRO CG  HG2  sing N N 272 
PRO CG  HG3  sing N N 273 
PRO CD  HD2  sing N N 274 
PRO CD  HD3  sing N N 275 
PRO OXT HXT  sing N N 276 
SER N   CA   sing N N 277 
SER N   H    sing N N 278 
SER N   H2   sing N N 279 
SER CA  C    sing N N 280 
SER CA  CB   sing N N 281 
SER CA  HA   sing N N 282 
SER C   O    doub N N 283 
SER C   OXT  sing N N 284 
SER CB  OG   sing N N 285 
SER CB  HB2  sing N N 286 
SER CB  HB3  sing N N 287 
SER OG  HG   sing N N 288 
SER OXT HXT  sing N N 289 
THR N   CA   sing N N 290 
THR N   H    sing N N 291 
THR N   H2   sing N N 292 
THR CA  C    sing N N 293 
THR CA  CB   sing N N 294 
THR CA  HA   sing N N 295 
THR C   O    doub N N 296 
THR C   OXT  sing N N 297 
THR CB  OG1  sing N N 298 
THR CB  CG2  sing N N 299 
THR CB  HB   sing N N 300 
THR OG1 HG1  sing N N 301 
THR CG2 HG21 sing N N 302 
THR CG2 HG22 sing N N 303 
THR CG2 HG23 sing N N 304 
THR OXT HXT  sing N N 305 
TRP N   CA   sing N N 306 
TRP N   H    sing N N 307 
TRP N   H2   sing N N 308 
TRP CA  C    sing N N 309 
TRP CA  CB   sing N N 310 
TRP CA  HA   sing N N 311 
TRP C   O    doub N N 312 
TRP C   OXT  sing N N 313 
TRP CB  CG   sing N N 314 
TRP CB  HB2  sing N N 315 
TRP CB  HB3  sing N N 316 
TRP CG  CD1  doub Y N 317 
TRP CG  CD2  sing Y N 318 
TRP CD1 NE1  sing Y N 319 
TRP CD1 HD1  sing N N 320 
TRP CD2 CE2  doub Y N 321 
TRP CD2 CE3  sing Y N 322 
TRP NE1 CE2  sing Y N 323 
TRP NE1 HE1  sing N N 324 
TRP CE2 CZ2  sing Y N 325 
TRP CE3 CZ3  doub Y N 326 
TRP CE3 HE3  sing N N 327 
TRP CZ2 CH2  doub Y N 328 
TRP CZ2 HZ2  sing N N 329 
TRP CZ3 CH2  sing Y N 330 
TRP CZ3 HZ3  sing N N 331 
TRP CH2 HH2  sing N N 332 
TRP OXT HXT  sing N N 333 
TYR N   CA   sing N N 334 
TYR N   H    sing N N 335 
TYR N   H2   sing N N 336 
TYR CA  C    sing N N 337 
TYR CA  CB   sing N N 338 
TYR CA  HA   sing N N 339 
TYR C   O    doub N N 340 
TYR C   OXT  sing N N 341 
TYR CB  CG   sing N N 342 
TYR CB  HB2  sing N N 343 
TYR CB  HB3  sing N N 344 
TYR CG  CD1  doub Y N 345 
TYR CG  CD2  sing Y N 346 
TYR CD1 CE1  sing Y N 347 
TYR CD1 HD1  sing N N 348 
TYR CD2 CE2  doub Y N 349 
TYR CD2 HD2  sing N N 350 
TYR CE1 CZ   doub Y N 351 
TYR CE1 HE1  sing N N 352 
TYR CE2 CZ   sing Y N 353 
TYR CE2 HE2  sing N N 354 
TYR CZ  OH   sing N N 355 
TYR OH  HH   sing N N 356 
TYR OXT HXT  sing N N 357 
VAL N   CA   sing N N 358 
VAL N   H    sing N N 359 
VAL N   H2   sing N N 360 
VAL CA  C    sing N N 361 
VAL CA  CB   sing N N 362 
VAL CA  HA   sing N N 363 
VAL C   O    doub N N 364 
VAL C   OXT  sing N N 365 
VAL CB  CG1  sing N N 366 
VAL CB  CG2  sing N N 367 
VAL CB  HB   sing N N 368 
VAL CG1 HG11 sing N N 369 
VAL CG1 HG12 sing N N 370 
VAL CG1 HG13 sing N N 371 
VAL CG2 HG21 sing N N 372 
VAL CG2 HG22 sing N N 373 
VAL CG2 HG23 sing N N 374 
VAL OXT HXT  sing N N 375 
# 
_atom_sites.entry_id                    1Q5Z 
_atom_sites.fract_transf_matrix[1][1]   0.00472921 
_atom_sites.fract_transf_matrix[1][2]   -0.01035850 
_atom_sites.fract_transf_matrix[1][3]   -0.00519484 
_atom_sites.fract_transf_matrix[2][1]   0.01158272 
_atom_sites.fract_transf_matrix[2][2]   0.00439697 
_atom_sites.fract_transf_matrix[2][3]   0.00177696 
_atom_sites.fract_transf_matrix[3][1]   0.00049235 
_atom_sites.fract_transf_matrix[3][2]   -0.00761295 
_atom_sites.fract_transf_matrix[3][3]   0.01562842 
_atom_sites.fract_transf_vector[1]      0.209679 
_atom_sites.fract_transf_vector[2]      0.399363 
_atom_sites.fract_transf_vector[3]      0.232484 
# 
loop_
_atom_type.symbol 
C 
N 
O 
S 
# 
loop_
_atom_site.group_PDB 
_atom_site.id 
_atom_site.type_symbol 
_atom_site.label_atom_id 
_atom_site.label_alt_id 
_atom_site.label_comp_id 
_atom_site.label_asym_id 
_atom_site.label_entity_id 
_atom_site.label_seq_id 
_atom_site.pdbx_PDB_ins_code 
_atom_site.Cartn_x 
_atom_site.Cartn_y 
_atom_site.Cartn_z 
_atom_site.occupancy 
_atom_site.B_iso_or_equiv 
_atom_site.pdbx_formal_charge 
_atom_site.auth_seq_id 
_atom_site.auth_comp_id 
_atom_site.auth_asym_id 
_atom_site.auth_atom_id 
_atom_site.pdbx_PDB_model_num 
ATOM   1    N N   . PRO A 1 21  ? -0.267  3.965   -18.482 1.00 30.35 ? 513 PRO A N   1 
ATOM   2    C CA  . PRO A 1 21  ? -1.654  4.343   -18.119 1.00 31.26 ? 513 PRO A CA  1 
ATOM   3    C C   . PRO A 1 21  ? -1.724  5.638   -17.318 1.00 30.56 ? 513 PRO A C   1 
ATOM   4    O O   . PRO A 1 21  ? -2.688  6.385   -17.434 1.00 30.63 ? 513 PRO A O   1 
ATOM   5    C CB  . PRO A 1 21  ? -2.246  3.187   -17.326 1.00 33.09 ? 513 PRO A CB  1 
ATOM   6    C CG  . PRO A 1 21  ? -0.992  2.546   -16.755 1.00 35.70 ? 513 PRO A CG  1 
ATOM   7    C CD  . PRO A 1 21  ? 0.055   2.657   -17.886 1.00 34.80 ? 513 PRO A CD  1 
ATOM   8    N N   . PHE A 1 22  ? -0.702  5.903   -16.508 1.00 29.99 ? 514 PHE A N   1 
ATOM   9    C CA  . PHE A 1 22  ? -0.670  7.127   -15.706 1.00 30.28 ? 514 PHE A CA  1 
ATOM   10   C C   . PHE A 1 22  ? 0.439   8.090   -16.137 1.00 34.34 ? 514 PHE A C   1 
ATOM   11   O O   . PHE A 1 22  ? 1.269   8.511   -15.328 1.00 33.71 ? 514 PHE A O   1 
ATOM   12   C CB  . PHE A 1 22  ? -0.525  6.757   -14.228 1.00 27.15 ? 514 PHE A CB  1 
ATOM   13   C CG  . PHE A 1 22  ? -1.728  6.054   -13.682 1.00 19.23 ? 514 PHE A CG  1 
ATOM   14   C CD1 . PHE A 1 22  ? -2.950  6.713   -13.592 1.00 19.03 ? 514 PHE A CD1 1 
ATOM   15   C CD2 . PHE A 1 22  ? -1.663  4.715   -13.330 1.00 20.15 ? 514 PHE A CD2 1 
ATOM   16   C CE1 . PHE A 1 22  ? -4.089  6.048   -13.170 1.00 20.40 ? 514 PHE A CE1 1 
ATOM   17   C CE2 . PHE A 1 22  ? -2.792  4.043   -12.908 1.00 15.79 ? 514 PHE A CE2 1 
ATOM   18   C CZ  . PHE A 1 22  ? -4.007  4.697   -12.826 1.00 17.72 ? 514 PHE A CZ  1 
ATOM   19   N N   . SER A 1 23  ? 0.432   8.452   -17.417 1.00 35.24 ? 515 SER A N   1 
ATOM   20   C CA  . SER A 1 23  ? 1.443   9.348   -17.958 1.00 35.69 ? 515 SER A CA  1 
ATOM   21   C C   . SER A 1 23  ? 1.503   10.686  -17.234 1.00 35.63 ? 515 SER A C   1 
ATOM   22   O O   . SER A 1 23  ? 0.489   11.371  -17.064 1.00 36.31 ? 515 SER A O   1 
ATOM   23   C CB  . SER A 1 23  ? 1.195   9.575   -19.452 1.00 39.15 ? 515 SER A CB  1 
ATOM   24   O OG  . SER A 1 23  ? 1.254   8.342   -20.155 1.00 41.34 ? 515 SER A OG  1 
ATOM   25   N N   . GLY A 1 24  ? 2.710   11.049  -16.815 1.00 34.53 ? 516 GLY A N   1 
ATOM   26   C CA  . GLY A 1 24  ? 2.905   12.300  -16.112 1.00 33.05 ? 516 GLY A CA  1 
ATOM   27   C C   . GLY A 1 24  ? 2.649   12.175  -14.623 1.00 31.98 ? 516 GLY A C   1 
ATOM   28   O O   . GLY A 1 24  ? 2.660   13.177  -13.905 1.00 33.38 ? 516 GLY A O   1 
ATOM   29   N N   . LEU A 1 25  ? 2.415   10.958  -14.140 1.00 28.37 ? 517 LEU A N   1 
ATOM   30   C CA  . LEU A 1 25  ? 2.164   10.800  -12.711 1.00 24.98 ? 517 LEU A CA  1 
ATOM   31   C C   . LEU A 1 25  ? 3.401   11.046  -11.862 1.00 22.03 ? 517 LEU A C   1 
ATOM   32   O O   . LEU A 1 25  ? 4.401   10.330  -11.952 1.00 22.39 ? 517 LEU A O   1 
ATOM   33   C CB  . LEU A 1 25  ? 1.603   9.409   -12.384 1.00 22.62 ? 517 LEU A CB  1 
ATOM   34   C CG  . LEU A 1 25  ? 1.259   9.233   -10.893 1.00 24.91 ? 517 LEU A CG  1 
ATOM   35   C CD1 . LEU A 1 25  ? 0.240   10.286  -10.447 1.00 20.81 ? 517 LEU A CD1 1 
ATOM   36   C CD2 . LEU A 1 25  ? 0.705   7.828   -10.663 1.00 22.30 ? 517 LEU A CD2 1 
ATOM   37   N N   . LYS A 1 26  ? 3.310   12.071  -11.026 1.00 19.75 ? 518 LYS A N   1 
ATOM   38   C CA  . LYS A 1 26  ? 4.381   12.437  -10.109 1.00 20.98 ? 518 LYS A CA  1 
ATOM   39   C C   . LYS A 1 26  ? 3.746   12.434  -8.725  1.00 16.93 ? 518 LYS A C   1 
ATOM   40   O O   . LYS A 1 26  ? 2.537   12.600  -8.596  1.00 18.81 ? 518 LYS A O   1 
ATOM   41   C CB  . LYS A 1 26  ? 4.902   13.833  -10.439 1.00 23.69 ? 518 LYS A CB  1 
ATOM   42   C CG  . LYS A 1 26  ? 5.609   13.910  -11.776 1.00 29.27 ? 518 LYS A CG  1 
ATOM   43   C CD  . LYS A 1 26  ? 6.157   15.302  -12.015 1.00 32.79 ? 518 LYS A CD  1 
ATOM   44   C CE  . LYS A 1 26  ? 7.030   15.340  -13.260 1.00 36.01 ? 518 LYS A CE  1 
ATOM   45   N NZ  . LYS A 1 26  ? 8.237   14.469  -13.128 1.00 35.53 ? 518 LYS A NZ  1 
ATOM   46   N N   . PHE A 1 27  ? 4.560   12.253  -7.695  1.00 16.17 ? 519 PHE A N   1 
ATOM   47   C CA  . PHE A 1 27  ? 4.050   12.212  -6.336  1.00 16.21 ? 519 PHE A CA  1 
ATOM   48   C C   . PHE A 1 27  ? 4.518   13.399  -5.497  1.00 18.48 ? 519 PHE A C   1 
ATOM   49   O O   . PHE A 1 27  ? 5.532   14.018  -5.799  1.00 19.03 ? 519 PHE A O   1 
ATOM   50   C CB  . PHE A 1 27  ? 4.493   10.905  -5.679  1.00 14.79 ? 519 PHE A CB  1 
ATOM   51   C CG  . PHE A 1 27  ? 3.914   9.687   -6.342  1.00 15.76 ? 519 PHE A CG  1 
ATOM   52   C CD1 . PHE A 1 27  ? 2.587   9.325   -6.120  1.00 17.60 ? 519 PHE A CD1 1 
ATOM   53   C CD2 . PHE A 1 27  ? 4.672   8.947   -7.242  1.00 17.97 ? 519 PHE A CD2 1 
ATOM   54   C CE1 . PHE A 1 27  ? 2.023   8.245   -6.794  1.00 18.59 ? 519 PHE A CE1 1 
ATOM   55   C CE2 . PHE A 1 27  ? 4.111   7.865   -7.916  1.00 20.58 ? 519 PHE A CE2 1 
ATOM   56   C CZ  . PHE A 1 27  ? 2.788   7.518   -7.689  1.00 19.79 ? 519 PHE A CZ  1 
ATOM   57   N N   . LYS A 1 28  ? 3.759   13.703  -4.451  1.00 17.46 ? 520 LYS A N   1 
ATOM   58   C CA  . LYS A 1 28  ? 4.097   14.793  -3.549  1.00 18.47 ? 520 LYS A CA  1 
ATOM   59   C C   . LYS A 1 28  ? 5.133   14.282  -2.569  1.00 18.67 ? 520 LYS A C   1 
ATOM   60   O O   . LYS A 1 28  ? 4.846   13.406  -1.743  1.00 16.52 ? 520 LYS A O   1 
ATOM   61   C CB  . LYS A 1 28  ? 2.866   15.256  -2.782  1.00 22.61 ? 520 LYS A CB  1 
ATOM   62   C CG  . LYS A 1 28  ? 3.130   16.432  -1.857  1.00 30.54 ? 520 LYS A CG  1 
ATOM   63   C CD  . LYS A 1 28  ? 1.823   17.045  -1.385  1.00 38.23 ? 520 LYS A CD  1 
ATOM   64   C CE  . LYS A 1 28  ? 0.972   17.488  -2.566  1.00 43.29 ? 520 LYS A CE  1 
ATOM   65   N NZ  . LYS A 1 28  ? -0.384  17.930  -2.139  1.00 48.51 ? 520 LYS A NZ  1 
ATOM   66   N N   . GLN A 1 29  ? 6.335   14.836  -2.665  1.00 15.90 ? 521 GLN A N   1 
ATOM   67   C CA  . GLN A 1 29  ? 7.449   14.449  -1.807  1.00 14.62 ? 521 GLN A CA  1 
ATOM   68   C C   . GLN A 1 29  ? 7.054   14.454  -0.330  1.00 13.37 ? 521 GLN A C   1 
ATOM   69   O O   . GLN A 1 29  ? 6.415   15.398  0.145   1.00 14.44 ? 521 GLN A O   1 
ATOM   70   C CB  . GLN A 1 29  ? 8.603   15.431  -2.036  1.00 21.48 ? 521 GLN A CB  1 
ATOM   71   C CG  . GLN A 1 29  ? 9.854   15.198  -1.222  1.00 24.12 ? 521 GLN A CG  1 
ATOM   72   C CD  . GLN A 1 29  ? 10.952  16.199  -1.584  1.00 28.04 ? 521 GLN A CD  1 
ATOM   73   O OE1 . GLN A 1 29  ? 10.794  17.413  -1.413  1.00 31.41 ? 521 GLN A OE1 1 
ATOM   74   N NE2 . GLN A 1 29  ? 12.065  15.691  -2.098  1.00 25.36 ? 521 GLN A NE2 1 
ATOM   75   N N   . ASN A 1 30  ? 7.430   13.389  0.374   1.00 12.22 ? 522 ASN A N   1 
ATOM   76   C CA  . ASN A 1 30  ? 7.171   13.257  1.805   1.00 13.44 ? 522 ASN A CA  1 
ATOM   77   C C   . ASN A 1 30  ? 5.717   13.344  2.256   1.00 12.72 ? 522 ASN A C   1 
ATOM   78   O O   . ASN A 1 30  ? 5.447   13.563  3.435   1.00 12.16 ? 522 ASN A O   1 
ATOM   79   C CB  . ASN A 1 30  ? 7.967   14.308  2.572   1.00 12.75 ? 522 ASN A CB  1 
ATOM   80   C CG  . ASN A 1 30  ? 9.451   14.073  2.510   1.00 15.07 ? 522 ASN A CG  1 
ATOM   81   O OD1 . ASN A 1 30  ? 9.915   12.923  2.466   1.00 16.92 ? 522 ASN A OD1 1 
ATOM   82   N ND2 . ASN A 1 30  ? 10.221  15.166  2.530   1.00 18.81 ? 522 ASN A ND2 1 
ATOM   83   N N   . SER A 1 31  ? 4.785   13.136  1.344   1.00 10.60 ? 523 SER A N   1 
ATOM   84   C CA  . SER A 1 31  ? 3.374   13.230  1.689   1.00 12.41 ? 523 SER A CA  1 
ATOM   85   C C   . SER A 1 31  ? 2.932   12.253  2.775   1.00 13.40 ? 523 SER A C   1 
ATOM   86   O O   . SER A 1 31  ? 1.877   12.434  3.374   1.00 14.64 ? 523 SER A O   1 
ATOM   87   C CB  . SER A 1 31  ? 2.523   12.985  0.445   1.00 18.43 ? 523 SER A CB  1 
ATOM   88   O OG  . SER A 1 31  ? 2.798   11.699  -0.096  1.00 15.80 ? 523 SER A OG  1 
ATOM   89   N N   . PHE A 1 32  ? 3.753   11.239  3.020   1.00 11.32 ? 524 PHE A N   1 
ATOM   90   C CA  . PHE A 1 32  ? 3.448   10.183  3.981   1.00 12.79 ? 524 PHE A CA  1 
ATOM   91   C C   . PHE A 1 32  ? 4.130   10.329  5.331   1.00 13.44 ? 524 PHE A C   1 
ATOM   92   O O   . PHE A 1 32  ? 3.801   9.598   6.270   1.00 14.96 ? 524 PHE A O   1 
ATOM   93   C CB  . PHE A 1 32  ? 3.871   8.824   3.377   1.00 10.42 ? 524 PHE A CB  1 
ATOM   94   C CG  . PHE A 1 32  ? 5.343   8.757   3.020   1.00 11.78 ? 524 PHE A CG  1 
ATOM   95   C CD1 . PHE A 1 32  ? 6.287   8.373   3.968   1.00 13.96 ? 524 PHE A CD1 1 
ATOM   96   C CD2 . PHE A 1 32  ? 5.785   9.167   1.763   1.00 12.64 ? 524 PHE A CD2 1 
ATOM   97   C CE1 . PHE A 1 32  ? 7.657   8.403   3.682   1.00 14.51 ? 524 PHE A CE1 1 
ATOM   98   C CE2 . PHE A 1 32  ? 7.157   9.206   1.458   1.00 15.29 ? 524 PHE A CE2 1 
ATOM   99   C CZ  . PHE A 1 32  ? 8.093   8.826   2.421   1.00 13.64 ? 524 PHE A CZ  1 
ATOM   100  N N   . LEU A 1 33  ? 5.068   11.267  5.453   1.00 13.84 ? 525 LEU A N   1 
ATOM   101  C CA  . LEU A 1 33  ? 5.812   11.387  6.703   1.00 15.61 ? 525 LEU A CA  1 
ATOM   102  C C   . LEU A 1 33  ? 4.992   11.502  7.976   1.00 16.96 ? 525 LEU A C   1 
ATOM   103  O O   . LEU A 1 33  ? 5.248   10.775  8.945   1.00 17.82 ? 525 LEU A O   1 
ATOM   104  C CB  . LEU A 1 33  ? 6.804   12.566  6.650   1.00 16.66 ? 525 LEU A CB  1 
ATOM   105  C CG  . LEU A 1 33  ? 8.073   12.444  5.811   1.00 21.85 ? 525 LEU A CG  1 
ATOM   106  C CD1 . LEU A 1 33  ? 8.923   13.689  6.071   1.00 22.45 ? 525 LEU A CD1 1 
ATOM   107  C CD2 . LEU A 1 33  ? 8.860   11.173  6.176   1.00 23.13 ? 525 LEU A CD2 1 
ATOM   108  N N   . SER A 1 34  ? 4.020   12.408  7.981   1.00 18.14 ? 526 SER A N   1 
ATOM   109  C CA  . SER A 1 34  ? 3.190   12.632  9.165   1.00 20.63 ? 526 SER A CA  1 
ATOM   110  C C   . SER A 1 34  ? 2.265   11.464  9.483   1.00 20.47 ? 526 SER A C   1 
ATOM   111  O O   . SER A 1 34  ? 1.587   11.460  10.517  1.00 19.05 ? 526 SER A O   1 
ATOM   112  C CB  . SER A 1 34  ? 2.369   13.920  8.996   1.00 18.80 ? 526 SER A CB  1 
ATOM   113  O OG  . SER A 1 34  ? 1.432   13.788  7.942   1.00 22.39 ? 526 SER A OG  1 
ATOM   114  N N   . THR A 1 35  ? 2.249   10.461  8.608   1.00 17.32 ? 527 THR A N   1 
ATOM   115  C CA  . THR A 1 35  ? 1.390   9.299   8.800   1.00 18.99 ? 527 THR A CA  1 
ATOM   116  C C   . THR A 1 35  ? 2.152   8.089   9.323   1.00 16.45 ? 527 THR A C   1 
ATOM   117  O O   . THR A 1 35  ? 1.548   7.094   9.736   1.00 18.55 ? 527 THR A O   1 
ATOM   118  C CB  . THR A 1 35  ? 0.664   8.954   7.474   1.00 21.01 ? 527 THR A CB  1 
ATOM   119  O OG1 . THR A 1 35  ? -0.126  10.077  7.081   1.00 22.47 ? 527 THR A OG1 1 
ATOM   120  C CG2 . THR A 1 35  ? -0.264  7.761   7.631   1.00 20.62 ? 527 THR A CG2 1 
ATOM   121  N N   . VAL A 1 36  ? 3.475   8.172   9.323   1.00 17.03 ? 528 VAL A N   1 
ATOM   122  C CA  . VAL A 1 36  ? 4.274   7.062   9.814   1.00 16.69 ? 528 VAL A CA  1 
ATOM   123  C C   . VAL A 1 36  ? 4.175   7.048   11.332  1.00 19.62 ? 528 VAL A C   1 
ATOM   124  O O   . VAL A 1 36  ? 4.502   8.037   12.000  1.00 17.29 ? 528 VAL A O   1 
ATOM   125  C CB  . VAL A 1 36  ? 5.762   7.186   9.417   1.00 17.45 ? 528 VAL A CB  1 
ATOM   126  C CG1 . VAL A 1 36  ? 6.550   5.999   9.993   1.00 17.57 ? 528 VAL A CG1 1 
ATOM   127  C CG2 . VAL A 1 36  ? 5.898   7.217   7.891   1.00 19.37 ? 528 VAL A CG2 1 
ATOM   128  N N   . PRO A 1 37  ? 3.728   5.922   11.903  1.00 18.22 ? 529 PRO A N   1 
ATOM   129  C CA  . PRO A 1 37  ? 3.612   5.855   13.363  1.00 16.33 ? 529 PRO A CA  1 
ATOM   130  C C   . PRO A 1 37  ? 4.947   5.754   14.082  1.00 16.52 ? 529 PRO A C   1 
ATOM   131  O O   . PRO A 1 37  ? 5.945   5.325   13.514  1.00 17.69 ? 529 PRO A O   1 
ATOM   132  C CB  . PRO A 1 37  ? 2.738   4.614   13.584  1.00 17.00 ? 529 PRO A CB  1 
ATOM   133  C CG  . PRO A 1 37  ? 3.100   3.734   12.420  1.00 16.22 ? 529 PRO A CG  1 
ATOM   134  C CD  . PRO A 1 37  ? 3.220   4.692   11.259  1.00 14.94 ? 529 PRO A CD  1 
ATOM   135  N N   . SER A 1 38  ? 4.963   6.171   15.343  1.00 17.74 ? 530 SER A N   1 
ATOM   136  C CA  . SER A 1 38  ? 6.180   6.063   16.145  1.00 19.25 ? 530 SER A CA  1 
ATOM   137  C C   . SER A 1 38  ? 6.308   4.589   16.527  1.00 19.06 ? 530 SER A C   1 
ATOM   138  O O   . SER A 1 38  ? 5.338   3.849   16.461  1.00 19.24 ? 530 SER A O   1 
ATOM   139  C CB  . SER A 1 38  ? 6.045   6.882   17.428  1.00 22.21 ? 530 SER A CB  1 
ATOM   140  O OG  . SER A 1 38  ? 4.948   6.410   18.189  1.00 23.05 ? 530 SER A OG  1 
ATOM   141  N N   . VAL A 1 39  ? 7.499   4.165   16.930  1.00 20.47 ? 531 VAL A N   1 
ATOM   142  C CA  . VAL A 1 39  ? 7.692   2.781   17.338  1.00 22.14 ? 531 VAL A CA  1 
ATOM   143  C C   . VAL A 1 39  ? 6.803   2.513   18.550  1.00 20.07 ? 531 VAL A C   1 
ATOM   144  O O   . VAL A 1 39  ? 6.259   1.420   18.706  1.00 19.15 ? 531 VAL A O   1 
ATOM   145  C CB  . VAL A 1 39  ? 9.176   2.511   17.681  1.00 25.44 ? 531 VAL A CB  1 
ATOM   146  C CG1 . VAL A 1 39  ? 9.334   1.135   18.307  1.00 24.36 ? 531 VAL A CG1 1 
ATOM   147  C CG2 . VAL A 1 39  ? 10.022  2.615   16.404  1.00 25.89 ? 531 VAL A CG2 1 
ATOM   148  N N   . THR A 1 40  ? 6.634   3.521   19.402  1.00 21.46 ? 532 THR A N   1 
ATOM   149  C CA  . THR A 1 40  ? 5.783   3.355   20.576  1.00 20.39 ? 532 THR A CA  1 
ATOM   150  C C   . THR A 1 40  ? 4.352   3.044   20.148  1.00 21.12 ? 532 THR A C   1 
ATOM   151  O O   . THR A 1 40  ? 3.715   2.146   20.708  1.00 20.08 ? 532 THR A O   1 
ATOM   152  C CB  . THR A 1 40  ? 5.791   4.614   21.466  1.00 24.38 ? 532 THR A CB  1 
ATOM   153  O OG1 . THR A 1 40  ? 7.099   4.784   22.029  1.00 29.34 ? 532 THR A OG1 1 
ATOM   154  C CG2 . THR A 1 40  ? 4.775   4.477   22.601  1.00 27.09 ? 532 THR A CG2 1 
ATOM   155  N N   . ASN A 1 41  ? 3.844   3.796   19.167  1.00 19.02 ? 533 ASN A N   1 
ATOM   156  C CA  . ASN A 1 41  ? 2.493   3.565   18.654  1.00 20.47 ? 533 ASN A CA  1 
ATOM   157  C C   . ASN A 1 41  ? 2.410   2.137   18.106  1.00 16.94 ? 533 ASN A C   1 
ATOM   158  O O   . ASN A 1 41  ? 1.418   1.439   18.319  1.00 17.86 ? 533 ASN A O   1 
ATOM   159  C CB  . ASN A 1 41  ? 2.141   4.510   17.486  1.00 25.47 ? 533 ASN A CB  1 
ATOM   160  C CG  . ASN A 1 41  ? 2.119   5.975   17.869  1.00 36.93 ? 533 ASN A CG  1 
ATOM   161  O OD1 . ASN A 1 41  ? 1.630   6.353   18.932  1.00 38.11 ? 533 ASN A OD1 1 
ATOM   162  N ND2 . ASN A 1 41  ? 2.623   6.820   16.968  1.00 39.64 ? 533 ASN A ND2 1 
ATOM   163  N N   . MET A 1 42  ? 3.452   1.703   17.391  1.00 16.24 ? 534 MET A N   1 
ATOM   164  C CA  . MET A 1 42  ? 3.448   0.365   16.803  1.00 16.38 ? 534 MET A CA  1 
ATOM   165  C C   . MET A 1 42  ? 3.315   -0.734  17.849  1.00 18.79 ? 534 MET A C   1 
ATOM   166  O O   . MET A 1 42  ? 2.802   -1.815  17.566  1.00 16.28 ? 534 MET A O   1 
ATOM   167  C CB  . MET A 1 42  ? 4.727   0.130   15.975  1.00 15.70 ? 534 MET A CB  1 
ATOM   168  C CG  . MET A 1 42  ? 4.871   1.014   14.741  1.00 16.86 ? 534 MET A CG  1 
ATOM   169  S SD  . MET A 1 42  ? 6.411   0.636   13.858  1.00 18.39 ? 534 MET A SD  1 
ATOM   170  C CE  . MET A 1 42  ? 6.333   1.834   12.493  1.00 17.36 ? 534 MET A CE  1 
ATOM   171  N N   . HIS A 1 43  ? 3.781   -0.454  19.060  1.00 17.93 ? 535 HIS A N   1 
ATOM   172  C CA  . HIS A 1 43  ? 3.717   -1.428  20.142  1.00 19.57 ? 535 HIS A CA  1 
ATOM   173  C C   . HIS A 1 43  ? 2.376   -1.462  20.879  1.00 22.05 ? 535 HIS A C   1 
ATOM   174  O O   . HIS A 1 43  ? 2.161   -2.342  21.708  1.00 23.03 ? 535 HIS A O   1 
ATOM   175  C CB  . HIS A 1 43  ? 4.827   -1.138  21.156  1.00 20.70 ? 535 HIS A CB  1 
ATOM   176  C CG  . HIS A 1 43  ? 6.207   -1.310  20.605  1.00 22.78 ? 535 HIS A CG  1 
ATOM   177  N ND1 . HIS A 1 43  ? 7.326   -0.811  21.237  1.00 26.06 ? 535 HIS A ND1 1 
ATOM   178  C CD2 . HIS A 1 43  ? 6.652   -1.934  19.489  1.00 24.10 ? 535 HIS A CD2 1 
ATOM   179  C CE1 . HIS A 1 43  ? 8.401   -1.118  20.531  1.00 25.21 ? 535 HIS A CE1 1 
ATOM   180  N NE2 . HIS A 1 43  ? 8.019   -1.800  19.466  1.00 25.62 ? 535 HIS A NE2 1 
ATOM   181  N N   . SER A 1 44  ? 1.480   -0.519  20.590  1.00 19.92 ? 536 SER A N   1 
ATOM   182  C CA  . SER A 1 44  ? 0.181   -0.478  21.271  1.00 20.99 ? 536 SER A CA  1 
ATOM   183  C C   . SER A 1 44  ? -0.668  -1.710  21.010  1.00 22.62 ? 536 SER A C   1 
ATOM   184  O O   . SER A 1 44  ? -0.684  -2.222  19.904  1.00 18.90 ? 536 SER A O   1 
ATOM   185  C CB  . SER A 1 44  ? -0.620  0.758   20.854  1.00 23.59 ? 536 SER A CB  1 
ATOM   186  O OG  . SER A 1 44  ? -1.970  0.650   21.309  1.00 22.77 ? 536 SER A OG  1 
ATOM   187  N N   . MET A 1 45  ? -1.402  -2.167  22.023  1.00 22.86 ? 537 MET A N   1 
ATOM   188  C CA  . MET A 1 45  ? -2.253  -3.334  21.851  1.00 24.32 ? 537 MET A CA  1 
ATOM   189  C C   . MET A 1 45  ? -3.389  -3.017  20.887  1.00 21.29 ? 537 MET A C   1 
ATOM   190  O O   . MET A 1 45  ? -4.022  -3.924  20.343  1.00 23.98 ? 537 MET A O   1 
ATOM   191  C CB  . MET A 1 45  ? -2.852  -3.785  23.200  1.00 29.31 ? 537 MET A CB  1 
ATOM   192  C CG  . MET A 1 45  ? -4.122  -3.028  23.619  1.00 34.24 ? 537 MET A CG  1 
ATOM   193  S SD  . MET A 1 45  ? -4.902  -3.616  25.175  1.00 45.04 ? 537 MET A SD  1 
ATOM   194  C CE  . MET A 1 45  ? -6.160  -4.727  24.556  1.00 40.19 ? 537 MET A CE  1 
ATOM   195  N N   . HIS A 1 46  ? -3.650  -1.731  20.670  1.00 17.71 ? 538 HIS A N   1 
ATOM   196  C CA  . HIS A 1 46  ? -4.738  -1.317  19.780  1.00 15.21 ? 538 HIS A CA  1 
ATOM   197  C C   . HIS A 1 46  ? -4.264  -0.961  18.374  1.00 17.15 ? 538 HIS A C   1 
ATOM   198  O O   . HIS A 1 46  ? -5.053  -0.545  17.525  1.00 15.48 ? 538 HIS A O   1 
ATOM   199  C CB  . HIS A 1 46  ? -5.474  -0.119  20.387  1.00 18.37 ? 538 HIS A CB  1 
ATOM   200  C CG  . HIS A 1 46  ? -6.111  -0.422  21.708  1.00 23.31 ? 538 HIS A CG  1 
ATOM   201  N ND1 . HIS A 1 46  ? -7.210  -1.243  21.828  1.00 27.09 ? 538 HIS A ND1 1 
ATOM   202  C CD2 . HIS A 1 46  ? -5.754  -0.083  22.969  1.00 29.68 ? 538 HIS A CD2 1 
ATOM   203  C CE1 . HIS A 1 46  ? -7.502  -1.398  23.107  1.00 28.19 ? 538 HIS A CE1 1 
ATOM   204  N NE2 . HIS A 1 46  ? -6.631  -0.707  23.821  1.00 28.03 ? 538 HIS A NE2 1 
ATOM   205  N N   . PHE A 1 47  ? -2.974  -1.128  18.131  1.00 14.89 ? 539 PHE A N   1 
ATOM   206  C CA  . PHE A 1 47  ? -2.403  -0.823  16.816  1.00 15.11 ? 539 PHE A CA  1 
ATOM   207  C C   . PHE A 1 47  ? -2.727  -1.914  15.784  1.00 14.69 ? 539 PHE A C   1 
ATOM   208  O O   . PHE A 1 47  ? -2.493  -3.089  16.031  1.00 17.43 ? 539 PHE A O   1 
ATOM   209  C CB  . PHE A 1 47  ? -0.886  -0.702  16.959  1.00 13.40 ? 539 PHE A CB  1 
ATOM   210  C CG  . PHE A 1 47  ? -0.178  -0.257  15.702  1.00 13.01 ? 539 PHE A CG  1 
ATOM   211  C CD1 . PHE A 1 47  ? -0.219  1.081   15.299  1.00 15.43 ? 539 PHE A CD1 1 
ATOM   212  C CD2 . PHE A 1 47  ? 0.570   -1.164  14.951  1.00 13.31 ? 539 PHE A CD2 1 
ATOM   213  C CE1 . PHE A 1 47  ? 0.473   1.508   14.156  1.00 15.45 ? 539 PHE A CE1 1 
ATOM   214  C CE2 . PHE A 1 47  ? 1.269   -0.747  13.807  1.00 13.24 ? 539 PHE A CE2 1 
ATOM   215  C CZ  . PHE A 1 47  ? 1.222   0.593   13.415  1.00 12.89 ? 539 PHE A CZ  1 
ATOM   216  N N   . ASP A 1 48  ? -3.245  -1.518  14.621  1.00 13.16 ? 540 ASP A N   1 
ATOM   217  C CA  . ASP A 1 48  ? -3.554  -2.469  13.550  1.00 17.23 ? 540 ASP A CA  1 
ATOM   218  C C   . ASP A 1 48  ? -2.445  -2.249  12.517  1.00 14.88 ? 540 ASP A C   1 
ATOM   219  O O   . ASP A 1 48  ? -2.483  -1.274  11.762  1.00 12.75 ? 540 ASP A O   1 
ATOM   220  C CB  . ASP A 1 48  ? -4.921  -2.152  12.927  1.00 22.28 ? 540 ASP A CB  1 
ATOM   221  C CG  . ASP A 1 48  ? -6.087  -2.460  13.862  1.00 32.42 ? 540 ASP A CG  1 
ATOM   222  O OD1 . ASP A 1 48  ? -6.114  -3.563  14.443  1.00 35.64 ? 540 ASP A OD1 1 
ATOM   223  O OD2 . ASP A 1 48  ? -6.986  -1.604  14.006  1.00 40.71 ? 540 ASP A OD2 1 
ATOM   224  N N   . ALA A 1 49  ? -1.457  -3.135  12.496  1.00 16.10 ? 541 ALA A N   1 
ATOM   225  C CA  . ALA A 1 49  ? -0.319  -2.977  11.589  1.00 14.76 ? 541 ALA A CA  1 
ATOM   226  C C   . ALA A 1 49  ? -0.681  -2.954  10.110  1.00 14.72 ? 541 ALA A C   1 
ATOM   227  O O   . ALA A 1 49  ? -0.214  -2.095  9.352   1.00 12.49 ? 541 ALA A O   1 
ATOM   228  C CB  . ALA A 1 49  ? 0.711   -4.083  11.851  1.00 14.36 ? 541 ALA A CB  1 
ATOM   229  N N   . ARG A 1 50  ? -1.528  -3.888  9.694   1.00 11.69 ? 542 ARG A N   1 
ATOM   230  C CA  . ARG A 1 50  ? -1.888  -3.967  8.288   1.00 13.69 ? 542 ARG A CA  1 
ATOM   231  C C   . ARG A 1 50  ? -2.602  -2.722  7.795   1.00 13.02 ? 542 ARG A C   1 
ATOM   232  O O   . ARG A 1 50  ? -2.172  -2.110  6.817   1.00 12.89 ? 542 ARG A O   1 
ATOM   233  C CB  . ARG A 1 50  ? -2.760  -5.196  8.028   1.00 16.28 ? 542 ARG A CB  1 
ATOM   234  C CG  . ARG A 1 50  ? -3.187  -5.361  6.562   1.00 14.16 ? 542 ARG A CG  1 
ATOM   235  C CD  . ARG A 1 50  ? -4.242  -6.467  6.397   1.00 18.41 ? 542 ARG A CD  1 
ATOM   236  N NE  . ARG A 1 50  ? -4.572  -6.706  4.992   1.00 15.61 ? 542 ARG A NE  1 
ATOM   237  C CZ  . ARG A 1 50  ? -5.496  -6.048  4.303   1.00 16.15 ? 542 ARG A CZ  1 
ATOM   238  N NH1 . ARG A 1 50  ? -6.225  -5.093  4.881   1.00 14.80 ? 542 ARG A NH1 1 
ATOM   239  N NH2 . ARG A 1 50  ? -5.678  -6.325  3.018   1.00 14.33 ? 542 ARG A NH2 1 
ATOM   240  N N   . GLU A 1 51  ? -3.684  -2.330  8.470   1.00 10.98 ? 543 GLU A N   1 
ATOM   241  C CA  . GLU A 1 51  ? -4.442  -1.157  8.028   1.00 11.76 ? 543 GLU A CA  1 
ATOM   242  C C   . GLU A 1 51  ? -3.614  0.118   8.097   1.00 10.23 ? 543 GLU A C   1 
ATOM   243  O O   . GLU A 1 51  ? -3.692  0.971   7.210   1.00 10.55 ? 543 GLU A O   1 
ATOM   244  C CB  . GLU A 1 51  ? -5.699  -0.963  8.881   1.00 17.43 ? 543 GLU A CB  1 
ATOM   245  C CG  . GLU A 1 51  ? -6.546  -2.214  9.063   1.00 29.88 ? 543 GLU A CG  1 
ATOM   246  C CD  . GLU A 1 51  ? -6.933  -2.852  7.754   1.00 32.04 ? 543 GLU A CD  1 
ATOM   247  O OE1 . GLU A 1 51  ? -7.428  -2.111  6.878   1.00 37.72 ? 543 GLU A OE1 1 
ATOM   248  O OE2 . GLU A 1 51  ? -6.754  -4.090  7.611   1.00 32.83 ? 543 GLU A OE2 1 
ATOM   249  N N   . THR A 1 52  ? -2.845  0.268   9.166   1.00 11.42 ? 544 THR A N   1 
ATOM   250  C CA  . THR A 1 52  ? -2.014  1.461   9.297   1.00 12.10 ? 544 THR A CA  1 
ATOM   251  C C   . THR A 1 52  ? -0.958  1.522   8.187   1.00 11.65 ? 544 THR A C   1 
ATOM   252  O O   . THR A 1 52  ? -0.755  2.562   7.567   1.00 10.85 ? 544 THR A O   1 
ATOM   253  C CB  . THR A 1 52  ? -1.315  1.490   10.675  1.00 14.47 ? 544 THR A CB  1 
ATOM   254  O OG1 . THR A 1 52  ? -2.320  1.491   11.701  1.00 13.33 ? 544 THR A OG1 1 
ATOM   255  C CG2 . THR A 1 52  ? -0.466  2.757   10.825  1.00 11.21 ? 544 THR A CG2 1 
ATOM   256  N N   . PHE A 1 53  ? -0.270  0.416   7.952   1.00 10.29 ? 545 PHE A N   1 
ATOM   257  C CA  . PHE A 1 53  ? 0.739   0.408   6.897   1.00 10.62 ? 545 PHE A CA  1 
ATOM   258  C C   . PHE A 1 53  ? 0.129   0.751   5.533   1.00 13.72 ? 545 PHE A C   1 
ATOM   259  O O   . PHE A 1 53  ? 0.702   1.536   4.765   1.00 11.15 ? 545 PHE A O   1 
ATOM   260  C CB  . PHE A 1 53  ? 1.415   -0.966  6.817   1.00 11.75 ? 545 PHE A CB  1 
ATOM   261  C CG  . PHE A 1 53  ? 2.409   -1.071  5.685   1.00 12.64 ? 545 PHE A CG  1 
ATOM   262  C CD1 . PHE A 1 53  ? 3.591   -0.334  5.713   1.00 13.32 ? 545 PHE A CD1 1 
ATOM   263  C CD2 . PHE A 1 53  ? 2.137   -1.863  4.574   1.00 13.88 ? 545 PHE A CD2 1 
ATOM   264  C CE1 . PHE A 1 53  ? 4.497   -0.386  4.639   1.00 14.89 ? 545 PHE A CE1 1 
ATOM   265  C CE2 . PHE A 1 53  ? 3.037   -1.921  3.502   1.00 16.81 ? 545 PHE A CE2 1 
ATOM   266  C CZ  . PHE A 1 53  ? 4.211   -1.184  3.539   1.00 12.97 ? 545 PHE A CZ  1 
ATOM   267  N N   . LEU A 1 54  ? -1.019  0.146   5.207   1.00 10.16 ? 546 LEU A N   1 
ATOM   268  C CA  . LEU A 1 54  ? -1.649  0.435   3.915   1.00 9.80  ? 546 LEU A CA  1 
ATOM   269  C C   . LEU A 1 54  ? -2.039  1.910   3.843   1.00 9.33  ? 546 LEU A C   1 
ATOM   270  O O   . LEU A 1 54  ? -2.017  2.517   2.768   1.00 11.35 ? 546 LEU A O   1 
ATOM   271  C CB  . LEU A 1 54  ? -2.884  -0.462  3.698   1.00 10.51 ? 546 LEU A CB  1 
ATOM   272  C CG  . LEU A 1 54  ? -2.509  -1.931  3.491   1.00 13.24 ? 546 LEU A CG  1 
ATOM   273  C CD1 . LEU A 1 54  ? -3.785  -2.770  3.333   1.00 12.05 ? 546 LEU A CD1 1 
ATOM   274  C CD2 . LEU A 1 54  ? -1.642  -2.068  2.252   1.00 14.51 ? 546 LEU A CD2 1 
ATOM   275  N N   . GLY A 1 55  ? -2.373  2.487   4.995   1.00 9.47  ? 547 GLY A N   1 
ATOM   276  C CA  . GLY A 1 55  ? -2.720  3.900   5.046   1.00 10.12 ? 547 GLY A CA  1 
ATOM   277  C C   . GLY A 1 55  ? -1.495  4.765   4.763   1.00 11.19 ? 547 GLY A C   1 
ATOM   278  O O   . GLY A 1 55  ? -1.605  5.808   4.107   1.00 11.60 ? 547 GLY A O   1 
ATOM   279  N N   . VAL A 1 56  ? -0.330  4.337   5.253   1.00 11.52 ? 548 VAL A N   1 
ATOM   280  C CA  . VAL A 1 56  ? 0.924   5.069   4.987   1.00 9.41  ? 548 VAL A CA  1 
ATOM   281  C C   . VAL A 1 56  ? 1.182   5.037   3.477   1.00 13.01 ? 548 VAL A C   1 
ATOM   282  O O   . VAL A 1 56  ? 1.525   6.051   2.870   1.00 11.10 ? 548 VAL A O   1 
ATOM   283  C CB  . VAL A 1 56  ? 2.147   4.411   5.693   1.00 10.26 ? 548 VAL A CB  1 
ATOM   284  C CG1 . VAL A 1 56  ? 3.467   5.053   5.197   1.00 10.76 ? 548 VAL A CG1 1 
ATOM   285  C CG2 . VAL A 1 56  ? 2.029   4.585   7.211   1.00 12.39 ? 548 VAL A CG2 1 
ATOM   286  N N   . ILE A 1 57  ? 1.002   3.868   2.871   1.00 10.69 ? 549 ILE A N   1 
ATOM   287  C CA  . ILE A 1 57  ? 1.241   3.747   1.438   1.00 10.93 ? 549 ILE A CA  1 
ATOM   288  C C   . ILE A 1 57  ? 0.231   4.565   0.652   1.00 12.24 ? 549 ILE A C   1 
ATOM   289  O O   . ILE A 1 57  ? 0.583   5.202   -0.338  1.00 10.83 ? 549 ILE A O   1 
ATOM   290  C CB  . ILE A 1 57  ? 1.233   2.254   1.000   1.00 11.51 ? 549 ILE A CB  1 
ATOM   291  C CG1 . ILE A 1 57  ? 2.349   1.509   1.743   1.00 11.73 ? 549 ILE A CG1 1 
ATOM   292  C CG2 . ILE A 1 57  ? 1.401   2.135   -0.512  1.00 12.51 ? 549 ILE A CG2 1 
ATOM   293  C CD1 . ILE A 1 57  ? 3.768   2.138   1.577   1.00 13.05 ? 549 ILE A CD1 1 
ATOM   294  N N   . ARG A 1 58  ? -1.028  4.577   1.087   1.00 11.37 ? 550 ARG A N   1 
ATOM   295  C CA  . ARG A 1 58  ? -1.996  5.382   0.372   1.00 11.78 ? 550 ARG A CA  1 
ATOM   296  C C   . ARG A 1 58  ? -1.564  6.854   0.371   1.00 13.33 ? 550 ARG A C   1 
ATOM   297  O O   . ARG A 1 58  ? -1.619  7.529   -0.659  1.00 13.02 ? 550 ARG A O   1 
ATOM   298  C CB  . ARG A 1 58  ? -3.373  5.264   1.008   1.00 10.81 ? 550 ARG A CB  1 
ATOM   299  C CG  . ARG A 1 58  ? -4.333  6.267   0.432   1.00 14.91 ? 550 ARG A CG  1 
ATOM   300  C CD  . ARG A 1 58  ? -5.750  5.923   0.757   1.00 17.17 ? 550 ARG A CD  1 
ATOM   301  N NE  . ARG A 1 58  ? -6.653  7.005   0.374   1.00 16.73 ? 550 ARG A NE  1 
ATOM   302  C CZ  . ARG A 1 58  ? -7.975  6.897   0.397   1.00 17.19 ? 550 ARG A CZ  1 
ATOM   303  N NH1 . ARG A 1 58  ? -8.525  5.748   0.766   1.00 15.32 ? 550 ARG A NH1 1 
ATOM   304  N NH2 . ARG A 1 58  ? -8.738  7.953   0.111   1.00 18.02 ? 550 ARG A NH2 1 
ATOM   305  N N   . LYS A 1 59  ? -1.149  7.351   1.529   1.00 11.76 ? 551 LYS A N   1 
ATOM   306  C CA  . LYS A 1 59  ? -0.699  8.741   1.630   1.00 13.56 ? 551 LYS A CA  1 
ATOM   307  C C   . LYS A 1 59  ? 0.532   8.999   0.752   1.00 14.48 ? 551 LYS A C   1 
ATOM   308  O O   . LYS A 1 59  ? 0.683   10.080  0.174   1.00 14.13 ? 551 LYS A O   1 
ATOM   309  C CB  . LYS A 1 59  ? -0.360  9.088   3.082   1.00 15.11 ? 551 LYS A CB  1 
ATOM   310  C CG  . LYS A 1 59  ? -1.559  9.316   3.966   1.00 20.09 ? 551 LYS A CG  1 
ATOM   311  C CD  . LYS A 1 59  ? -2.127  10.706  3.726   1.00 23.20 ? 551 LYS A CD  1 
ATOM   312  C CE  . LYS A 1 59  ? -3.310  10.991  4.630   1.00 24.30 ? 551 LYS A CE  1 
ATOM   313  N NZ  . LYS A 1 59  ? -3.831  12.384  4.376   1.00 22.45 ? 551 LYS A NZ  1 
ATOM   314  N N   . ALA A 1 60  ? 1.418   8.014   0.670   1.00 11.64 ? 552 ALA A N   1 
ATOM   315  C CA  . ALA A 1 60  ? 2.621   8.145   -0.153  1.00 13.75 ? 552 ALA A CA  1 
ATOM   316  C C   . ALA A 1 60  ? 2.281   8.243   -1.637  1.00 14.28 ? 552 ALA A C   1 
ATOM   317  O O   . ALA A 1 60  ? 3.055   8.789   -2.428  1.00 14.90 ? 552 ALA A O   1 
ATOM   318  C CB  . ALA A 1 60  ? 3.541   6.951   0.074   1.00 11.82 ? 552 ALA A CB  1 
ATOM   319  N N   . LEU A 1 61  ? 1.123   7.711   -2.009  1.00 12.89 ? 553 LEU A N   1 
ATOM   320  C CA  . LEU A 1 61  ? 0.695   7.712   -3.398  1.00 13.26 ? 553 LEU A CA  1 
ATOM   321  C C   . LEU A 1 61  ? -0.104  8.943   -3.796  1.00 14.56 ? 553 LEU A C   1 
ATOM   322  O O   . LEU A 1 61  ? -0.774  8.951   -4.826  1.00 17.40 ? 553 LEU A O   1 
ATOM   323  C CB  . LEU A 1 61  ? -0.100  6.434   -3.684  1.00 12.15 ? 553 LEU A CB  1 
ATOM   324  C CG  . LEU A 1 61  ? 0.759   5.168   -3.540  1.00 11.52 ? 553 LEU A CG  1 
ATOM   325  C CD1 . LEU A 1 61  ? -0.156  3.955   -3.485  1.00 13.58 ? 553 LEU A CD1 1 
ATOM   326  C CD2 . LEU A 1 61  ? 1.751   5.048   -4.708  1.00 14.36 ? 553 LEU A CD2 1 
ATOM   327  N N   . GLU A 1 62  ? -0.014  9.993   -2.987  1.00 12.90 ? 554 GLU A N   1 
ATOM   328  C CA  . GLU A 1 62  ? -0.714  11.243  -3.284  1.00 13.99 ? 554 GLU A CA  1 
ATOM   329  C C   . GLU A 1 62  ? -0.071  11.915  -4.491  1.00 15.59 ? 554 GLU A C   1 
ATOM   330  O O   . GLU A 1 62  ? 1.116   12.246  -4.472  1.00 15.71 ? 554 GLU A O   1 
ATOM   331  C CB  . GLU A 1 62  ? -0.632  12.193  -2.082  1.00 15.45 ? 554 GLU A CB  1 
ATOM   332  C CG  . GLU A 1 62  ? -1.337  13.523  -2.323  1.00 22.16 ? 554 GLU A CG  1 
ATOM   333  C CD  . GLU A 1 62  ? -1.262  14.435  -1.123  1.00 29.01 ? 554 GLU A CD  1 
ATOM   334  O OE1 . GLU A 1 62  ? -1.615  13.984  -0.015  1.00 31.04 ? 554 GLU A OE1 1 
ATOM   335  O OE2 . GLU A 1 62  ? -0.855  15.599  -1.291  1.00 31.47 ? 554 GLU A OE2 1 
ATOM   336  N N   . PRO A 1 63  ? -0.851  12.143  -5.557  1.00 18.31 ? 555 PRO A N   1 
ATOM   337  C CA  . PRO A 1 63  ? -0.316  12.783  -6.760  1.00 16.48 ? 555 PRO A CA  1 
ATOM   338  C C   . PRO A 1 63  ? 0.137   14.213  -6.520  1.00 21.37 ? 555 PRO A C   1 
ATOM   339  O O   . PRO A 1 63  ? -0.486  14.954  -5.759  1.00 17.77 ? 555 PRO A O   1 
ATOM   340  C CB  . PRO A 1 63  ? -1.496  12.756  -7.727  1.00 19.35 ? 555 PRO A CB  1 
ATOM   341  C CG  . PRO A 1 63  ? -2.315  11.583  -7.257  1.00 19.02 ? 555 PRO A CG  1 
ATOM   342  C CD  . PRO A 1 63  ? -2.246  11.717  -5.762  1.00 15.72 ? 555 PRO A CD  1 
ATOM   343  N N   . ASP A 1 64  ? 1.224   14.571  -7.190  1.00 21.37 ? 556 ASP A N   1 
ATOM   344  C CA  . ASP A 1 64  ? 1.785   15.912  -7.151  1.00 25.34 ? 556 ASP A CA  1 
ATOM   345  C C   . ASP A 1 64  ? 0.786   16.746  -7.952  1.00 26.45 ? 556 ASP A C   1 
ATOM   346  O O   . ASP A 1 64  ? 0.181   16.240  -8.900  1.00 23.00 ? 556 ASP A O   1 
ATOM   347  C CB  . ASP A 1 64  ? 3.147   15.888  -7.846  1.00 29.50 ? 556 ASP A CB  1 
ATOM   348  C CG  . ASP A 1 64  ? 3.806   17.241  -7.892  1.00 37.89 ? 556 ASP A CG  1 
ATOM   349  O OD1 . ASP A 1 64  ? 3.228   18.165  -8.506  1.00 41.28 ? 556 ASP A OD1 1 
ATOM   350  O OD2 . ASP A 1 64  ? 4.908   17.370  -7.320  1.00 40.18 ? 556 ASP A OD2 1 
ATOM   351  N N   . THR A 1 65  ? 0.607   18.011  -7.575  1.00 26.50 ? 557 THR A N   1 
ATOM   352  C CA  . THR A 1 65  ? -0.339  18.892  -8.256  1.00 30.11 ? 557 THR A CA  1 
ATOM   353  C C   . THR A 1 65  ? -0.050  19.109  -9.740  1.00 28.69 ? 557 THR A C   1 
ATOM   354  O O   . THR A 1 65  ? -0.951  19.462  -10.499 1.00 32.90 ? 557 THR A O   1 
ATOM   355  C CB  . THR A 1 65  ? -0.398  20.275  -7.578  1.00 31.29 ? 557 THR A CB  1 
ATOM   356  O OG1 . THR A 1 65  ? 0.920   20.838  -7.523  1.00 34.96 ? 557 THR A OG1 1 
ATOM   357  C CG2 . THR A 1 65  ? -0.955  20.152  -6.180  1.00 35.87 ? 557 THR A CG2 1 
ATOM   358  N N   . SER A 1 66  ? 1.197   18.908  -10.149 1.00 30.57 ? 558 SER A N   1 
ATOM   359  C CA  . SER A 1 66  ? 1.584   19.088  -11.548 1.00 33.29 ? 558 SER A CA  1 
ATOM   360  C C   . SER A 1 66  ? 1.045   17.959  -12.422 1.00 35.08 ? 558 SER A C   1 
ATOM   361  O O   . SER A 1 66  ? 1.123   18.017  -13.654 1.00 33.47 ? 558 SER A O   1 
ATOM   362  C CB  . SER A 1 66  ? 3.104   19.128  -11.680 1.00 32.91 ? 558 SER A CB  1 
ATOM   363  O OG  . SER A 1 66  ? 3.680   17.869  -11.389 1.00 39.70 ? 558 SER A OG  1 
ATOM   364  N N   . THR A 1 67  ? 0.521   16.921  -11.781 1.00 30.98 ? 559 THR A N   1 
ATOM   365  C CA  . THR A 1 67  ? -0.039  15.779  -12.503 1.00 29.46 ? 559 THR A CA  1 
ATOM   366  C C   . THR A 1 67  ? -1.274  16.196  -13.290 1.00 28.70 ? 559 THR A C   1 
ATOM   367  O O   . THR A 1 67  ? -2.193  16.792  -12.739 1.00 27.33 ? 559 THR A O   1 
ATOM   368  C CB  . THR A 1 67  ? -0.446  14.656  -11.516 1.00 28.65 ? 559 THR A CB  1 
ATOM   369  O OG1 . THR A 1 67  ? 0.714   14.220  -10.797 1.00 25.04 ? 559 THR A OG1 1 
ATOM   370  C CG2 . THR A 1 67  ? -1.067  13.472  -12.272 1.00 28.80 ? 559 THR A CG2 1 
ATOM   371  N N   . PRO A 1 68  ? -1.315  15.885  -14.601 1.00 30.84 ? 560 PRO A N   1 
ATOM   372  C CA  . PRO A 1 68  ? -2.478  16.255  -15.411 1.00 30.17 ? 560 PRO A CA  1 
ATOM   373  C C   . PRO A 1 68  ? -3.766  15.820  -14.717 1.00 32.33 ? 560 PRO A C   1 
ATOM   374  O O   . PRO A 1 68  ? -3.857  14.697  -14.219 1.00 32.85 ? 560 PRO A O   1 
ATOM   375  C CB  . PRO A 1 68  ? -2.232  15.512  -16.720 1.00 31.21 ? 560 PRO A CB  1 
ATOM   376  C CG  . PRO A 1 68  ? -0.743  15.551  -16.838 1.00 32.85 ? 560 PRO A CG  1 
ATOM   377  C CD  . PRO A 1 68  ? -0.295  15.210  -15.421 1.00 30.88 ? 560 PRO A CD  1 
ATOM   378  N N   . PHE A 1 69  ? -4.757  16.708  -14.689 1.00 29.88 ? 561 PHE A N   1 
ATOM   379  C CA  . PHE A 1 69  ? -6.024  16.438  -14.023 1.00 28.50 ? 561 PHE A CA  1 
ATOM   380  C C   . PHE A 1 69  ? -6.672  15.070  -14.266 1.00 32.05 ? 561 PHE A C   1 
ATOM   381  O O   . PHE A 1 69  ? -7.104  14.401  -13.320 1.00 27.55 ? 561 PHE A O   1 
ATOM   382  C CB  . PHE A 1 69  ? -7.044  17.520  -14.359 1.00 32.73 ? 561 PHE A CB  1 
ATOM   383  C CG  . PHE A 1 69  ? -8.406  17.252  -13.788 1.00 36.77 ? 561 PHE A CG  1 
ATOM   384  C CD1 . PHE A 1 69  ? -8.602  17.219  -12.409 1.00 40.57 ? 561 PHE A CD1 1 
ATOM   385  C CD2 . PHE A 1 69  ? -9.482  16.971  -14.625 1.00 41.53 ? 561 PHE A CD2 1 
ATOM   386  C CE1 . PHE A 1 69  ? -9.847  16.903  -11.872 1.00 39.68 ? 561 PHE A CE1 1 
ATOM   387  C CE2 . PHE A 1 69  ? -10.734 16.651  -14.098 1.00 42.84 ? 561 PHE A CE2 1 
ATOM   388  C CZ  . PHE A 1 69  ? -10.915 16.616  -12.718 1.00 43.77 ? 561 PHE A CZ  1 
ATOM   389  N N   . PRO A 1 70  ? -6.787  14.653  -15.536 1.00 28.19 ? 562 PRO A N   1 
ATOM   390  C CA  . PRO A 1 70  ? -7.402  13.358  -15.837 1.00 29.03 ? 562 PRO A CA  1 
ATOM   391  C C   . PRO A 1 70  ? -6.671  12.213  -15.153 1.00 24.07 ? 562 PRO A C   1 
ATOM   392  O O   . PRO A 1 70  ? -7.290  11.249  -14.697 1.00 26.60 ? 562 PRO A O   1 
ATOM   393  C CB  . PRO A 1 70  ? -7.295  13.269  -17.360 1.00 29.58 ? 562 PRO A CB  1 
ATOM   394  C CG  . PRO A 1 70  ? -7.310  14.692  -17.785 1.00 31.08 ? 562 PRO A CG  1 
ATOM   395  C CD  . PRO A 1 70  ? -6.405  15.348  -16.776 1.00 30.22 ? 562 PRO A CD  1 
ATOM   396  N N   . VAL A 1 71  ? -5.351  12.331  -15.097 1.00 22.94 ? 563 VAL A N   1 
ATOM   397  C CA  . VAL A 1 71  ? -4.508  11.318  -14.489 1.00 24.91 ? 563 VAL A CA  1 
ATOM   398  C C   . VAL A 1 71  ? -4.697  11.335  -12.973 1.00 25.40 ? 563 VAL A C   1 
ATOM   399  O O   . VAL A 1 71  ? -4.854  10.282  -12.348 1.00 20.88 ? 563 VAL A O   1 
ATOM   400  C CB  . VAL A 1 71  ? -3.026  11.553  -14.863 1.00 25.09 ? 563 VAL A CB  1 
ATOM   401  C CG1 . VAL A 1 71  ? -2.114  10.601  -14.098 1.00 25.82 ? 563 VAL A CG1 1 
ATOM   402  C CG2 . VAL A 1 71  ? -2.847  11.354  -16.369 1.00 30.39 ? 563 VAL A CG2 1 
ATOM   403  N N   . ARG A 1 72  ? -4.691  12.531  -12.387 1.00 22.71 ? 564 ARG A N   1 
ATOM   404  C CA  . ARG A 1 72  ? -4.875  12.658  -10.943 1.00 25.07 ? 564 ARG A CA  1 
ATOM   405  C C   . ARG A 1 72  ? -6.184  12.030  -10.499 1.00 23.77 ? 564 ARG A C   1 
ATOM   406  O O   . ARG A 1 72  ? -6.226  11.270  -9.527  1.00 21.86 ? 564 ARG A O   1 
ATOM   407  C CB  . ARG A 1 72  ? -4.886  14.134  -10.509 1.00 29.73 ? 564 ARG A CB  1 
ATOM   408  C CG  . ARG A 1 72  ? -3.602  14.885  -10.749 1.00 34.90 ? 564 ARG A CG  1 
ATOM   409  C CD  . ARG A 1 72  ? -3.405  15.978  -9.704  1.00 38.62 ? 564 ARG A CD  1 
ATOM   410  N NE  . ARG A 1 72  ? -4.569  16.852  -9.583  1.00 43.14 ? 564 ARG A NE  1 
ATOM   411  C CZ  . ARG A 1 72  ? -4.901  17.781  -10.473 1.00 45.43 ? 564 ARG A CZ  1 
ATOM   412  N NH1 . ARG A 1 72  ? -4.153  17.965  -11.553 1.00 45.87 ? 564 ARG A NH1 1 
ATOM   413  N NH2 . ARG A 1 72  ? -5.986  18.522  -10.287 1.00 44.10 ? 564 ARG A NH2 1 
ATOM   414  N N   . ARG A 1 73  ? -7.258  12.368  -11.205 1.00 21.59 ? 565 ARG A N   1 
ATOM   415  C CA  . ARG A 1 73  ? -8.583  11.862  -10.890 1.00 22.74 ? 565 ARG A CA  1 
ATOM   416  C C   . ARG A 1 73  ? -8.655  10.337  -10.964 1.00 22.10 ? 565 ARG A C   1 
ATOM   417  O O   . ARG A 1 73  ? -9.178  9.678   -10.059 1.00 18.82 ? 565 ARG A O   1 
ATOM   418  C CB  . ARG A 1 73  ? -9.618  12.475  -11.841 1.00 26.80 ? 565 ARG A CB  1 
ATOM   419  C CG  . ARG A 1 73  ? -11.044 11.981  -11.614 1.00 32.99 ? 565 ARG A CG  1 
ATOM   420  C CD  . ARG A 1 73  ? -12.032 12.617  -12.599 1.00 41.12 ? 565 ARG A CD  1 
ATOM   421  N NE  . ARG A 1 73  ? -11.777 12.210  -13.982 1.00 46.54 ? 565 ARG A NE  1 
ATOM   422  C CZ  . ARG A 1 73  ? -12.456 12.652  -15.039 1.00 48.45 ? 565 ARG A CZ  1 
ATOM   423  N NH1 . ARG A 1 73  ? -13.445 13.524  -14.885 1.00 48.09 ? 565 ARG A NH1 1 
ATOM   424  N NH2 . ARG A 1 73  ? -12.143 12.225  -16.257 1.00 48.65 ? 565 ARG A NH2 1 
ATOM   425  N N   . ALA A 1 74  ? -8.126  9.768   -12.041 1.00 22.21 ? 566 ALA A N   1 
ATOM   426  C CA  . ALA A 1 74  ? -8.151  8.313   -12.187 1.00 20.33 ? 566 ALA A CA  1 
ATOM   427  C C   . ALA A 1 74  ? -7.284  7.619   -11.134 1.00 15.99 ? 566 ALA A C   1 
ATOM   428  O O   . ALA A 1 74  ? -7.693  6.615   -10.564 1.00 16.77 ? 566 ALA A O   1 
ATOM   429  C CB  . ALA A 1 74  ? -7.692  7.914   -13.577 1.00 21.09 ? 566 ALA A CB  1 
ATOM   430  N N   . PHE A 1 75  ? -6.085  8.135   -10.890 1.00 15.49 ? 567 PHE A N   1 
ATOM   431  C CA  . PHE A 1 75  ? -5.214  7.515   -9.899  1.00 15.31 ? 567 PHE A CA  1 
ATOM   432  C C   . PHE A 1 75  ? -5.781  7.643   -8.483  1.00 13.88 ? 567 PHE A C   1 
ATOM   433  O O   . PHE A 1 75  ? -5.665  6.727   -7.678  1.00 14.55 ? 567 PHE A O   1 
ATOM   434  C CB  . PHE A 1 75  ? -3.807  8.117   -9.933  1.00 15.82 ? 567 PHE A CB  1 
ATOM   435  C CG  . PHE A 1 75  ? -2.804  7.302   -9.170  1.00 15.45 ? 567 PHE A CG  1 
ATOM   436  C CD1 . PHE A 1 75  ? -2.402  6.059   -9.644  1.00 15.65 ? 567 PHE A CD1 1 
ATOM   437  C CD2 . PHE A 1 75  ? -2.315  7.739   -7.941  1.00 17.89 ? 567 PHE A CD2 1 
ATOM   438  C CE1 . PHE A 1 75  ? -1.528  5.254   -8.910  1.00 15.81 ? 567 PHE A CE1 1 
ATOM   439  C CE2 . PHE A 1 75  ? -1.439  6.942   -7.192  1.00 16.87 ? 567 PHE A CE2 1 
ATOM   440  C CZ  . PHE A 1 75  ? -1.046  5.701   -7.675  1.00 17.49 ? 567 PHE A CZ  1 
ATOM   441  N N   . ASP A 1 76  ? -6.364  8.791   -8.154  1.00 17.13 ? 568 ASP A N   1 
ATOM   442  C CA  . ASP A 1 76  ? -6.947  8.932   -6.825  1.00 17.46 ? 568 ASP A CA  1 
ATOM   443  C C   . ASP A 1 76  ? -8.037  7.876   -6.641  1.00 16.49 ? 568 ASP A C   1 
ATOM   444  O O   . ASP A 1 76  ? -8.148  7.274   -5.581  1.00 17.01 ? 568 ASP A O   1 
ATOM   445  C CB  . ASP A 1 76  ? -7.533  10.334  -6.612  1.00 17.63 ? 568 ASP A CB  1 
ATOM   446  C CG  . ASP A 1 76  ? -6.486  11.349  -6.175  1.00 21.45 ? 568 ASP A CG  1 
ATOM   447  O OD1 . ASP A 1 76  ? -5.386  10.945  -5.745  1.00 18.85 ? 568 ASP A OD1 1 
ATOM   448  O OD2 . ASP A 1 76  ? -6.776  12.558  -6.247  1.00 19.50 ? 568 ASP A OD2 1 
ATOM   449  N N   . GLY A 1 77  ? -8.830  7.638   -7.684  1.00 16.64 ? 569 GLY A N   1 
ATOM   450  C CA  . GLY A 1 77  ? -9.884  6.641   -7.585  1.00 14.63 ? 569 GLY A CA  1 
ATOM   451  C C   . GLY A 1 77  ? -9.316  5.253   -7.332  1.00 13.95 ? 569 GLY A C   1 
ATOM   452  O O   . GLY A 1 77  ? -9.826  4.483   -6.511  1.00 14.34 ? 569 GLY A O   1 
ATOM   453  N N   . LEU A 1 78  ? -8.235  4.931   -8.027  1.00 14.25 ? 570 LEU A N   1 
ATOM   454  C CA  . LEU A 1 78  ? -7.592  3.622   -7.871  1.00 13.10 ? 570 LEU A CA  1 
ATOM   455  C C   . LEU A 1 78  ? -6.984  3.418   -6.487  1.00 12.99 ? 570 LEU A C   1 
ATOM   456  O O   . LEU A 1 78  ? -7.210  2.376   -5.855  1.00 14.08 ? 570 LEU A O   1 
ATOM   457  C CB  . LEU A 1 78  ? -6.498  3.444   -8.923  1.00 13.03 ? 570 LEU A CB  1 
ATOM   458  C CG  . LEU A 1 78  ? -5.606  2.202   -8.766  1.00 14.57 ? 570 LEU A CG  1 
ATOM   459  C CD1 . LEU A 1 78  ? -6.415  0.910   -9.025  1.00 14.74 ? 570 LEU A CD1 1 
ATOM   460  C CD2 . LEU A 1 78  ? -4.453  2.312   -9.756  1.00 14.10 ? 570 LEU A CD2 1 
ATOM   461  N N   . ARG A 1 79  ? -6.195  4.378   -6.005  1.00 14.81 ? 571 ARG A N   1 
ATOM   462  C CA  . ARG A 1 79  ? -5.598  4.194   -4.687  1.00 15.36 ? 571 ARG A CA  1 
ATOM   463  C C   . ARG A 1 79  ? -6.660  4.150   -3.591  1.00 16.64 ? 571 ARG A C   1 
ATOM   464  O O   . ARG A 1 79  ? -6.490  3.426   -2.611  1.00 16.22 ? 571 ARG A O   1 
ATOM   465  C CB  . ARG A 1 79  ? -4.525  5.264   -4.376  1.00 14.91 ? 571 ARG A CB  1 
ATOM   466  C CG  . ARG A 1 79  ? -5.009  6.693   -4.193  1.00 13.77 ? 571 ARG A CG  1 
ATOM   467  C CD  . ARG A 1 79  ? -3.811  7.635   -3.971  1.00 13.45 ? 571 ARG A CD  1 
ATOM   468  N NE  . ARG A 1 79  ? -4.228  9.045   -3.953  1.00 15.23 ? 571 ARG A NE  1 
ATOM   469  C CZ  . ARG A 1 79  ? -4.147  9.837   -2.889  1.00 17.05 ? 571 ARG A CZ  1 
ATOM   470  N NH1 . ARG A 1 79  ? -3.651  9.375   -1.744  1.00 15.95 ? 571 ARG A NH1 1 
ATOM   471  N NH2 . ARG A 1 79  ? -4.604  11.085  -2.955  1.00 19.03 ? 571 ARG A NH2 1 
ATOM   472  N N   . ALA A 1 80  ? -7.750  4.905   -3.746  1.00 15.03 ? 572 ALA A N   1 
ATOM   473  C CA  . ALA A 1 80  ? -8.820  4.886   -2.734  1.00 16.06 ? 572 ALA A CA  1 
ATOM   474  C C   . ALA A 1 80  ? -9.549  3.543   -2.723  1.00 15.62 ? 572 ALA A C   1 
ATOM   475  O O   . ALA A 1 80  ? -9.892  3.016   -1.665  1.00 15.72 ? 572 ALA A O   1 
ATOM   476  C CB  . ALA A 1 80  ? -9.825  6.021   -2.985  1.00 16.05 ? 572 ALA A CB  1 
ATOM   477  N N   . GLU A 1 81  ? -9.800  2.976   -3.901  1.00 17.17 ? 573 GLU A N   1 
ATOM   478  C CA  . GLU A 1 81  ? -10.497 1.690   -3.940  1.00 16.28 ? 573 GLU A CA  1 
ATOM   479  C C   . GLU A 1 81  ? -9.643  0.532   -3.426  1.00 18.02 ? 573 GLU A C   1 
ATOM   480  O O   . GLU A 1 81  ? -10.150 -0.345  -2.718  1.00 20.44 ? 573 GLU A O   1 
ATOM   481  C CB  . GLU A 1 81  ? -10.995 1.376   -5.363  1.00 18.65 ? 573 GLU A CB  1 
ATOM   482  C CG  . GLU A 1 81  ? -11.515 -0.057  -5.506  1.00 21.81 ? 573 GLU A CG  1 
ATOM   483  C CD  . GLU A 1 81  ? -12.346 -0.261  -6.751  1.00 27.09 ? 573 GLU A CD  1 
ATOM   484  O OE1 . GLU A 1 81  ? -12.107 0.464   -7.742  1.00 25.29 ? 573 GLU A OE1 1 
ATOM   485  O OE2 . GLU A 1 81  ? -13.226 -1.156  -6.738  1.00 25.65 ? 573 GLU A OE2 1 
ATOM   486  N N   . ILE A 1 82  ? -8.348  0.526   -3.754  1.00 13.51 ? 574 ILE A N   1 
ATOM   487  C CA  . ILE A 1 82  ? -7.485  -0.570  -3.308  1.00 13.65 ? 574 ILE A CA  1 
ATOM   488  C C   . ILE A 1 82  ? -6.962  -0.391  -1.890  1.00 13.75 ? 574 ILE A C   1 
ATOM   489  O O   . ILE A 1 82  ? -6.651  -1.376  -1.216  1.00 15.12 ? 574 ILE A O   1 
ATOM   490  C CB  . ILE A 1 82  ? -6.289  -0.774  -4.271  1.00 15.28 ? 574 ILE A CB  1 
ATOM   491  C CG1 . ILE A 1 82  ? -6.809  -1.188  -5.659  1.00 17.94 ? 574 ILE A CG1 1 
ATOM   492  C CG2 . ILE A 1 82  ? -5.314  -1.832  -3.704  1.00 15.72 ? 574 ILE A CG2 1 
ATOM   493  C CD1 . ILE A 1 82  ? -7.435  -2.585  -5.724  1.00 22.33 ? 574 ILE A CD1 1 
ATOM   494  N N   . LEU A 1 83  ? -6.907  0.856   -1.425  1.00 12.47 ? 575 LEU A N   1 
ATOM   495  C CA  . LEU A 1 83  ? -6.405  1.143   -0.075  1.00 11.17 ? 575 LEU A CA  1 
ATOM   496  C C   . LEU A 1 83  ? -7.400  2.009   0.704   1.00 13.33 ? 575 LEU A C   1 
ATOM   497  O O   . LEU A 1 83  ? -7.068  3.104   1.158   1.00 14.26 ? 575 LEU A O   1 
ATOM   498  C CB  . LEU A 1 83  ? -5.054  1.875   -0.173  1.00 11.91 ? 575 LEU A CB  1 
ATOM   499  C CG  . LEU A 1 83  ? -3.978  1.195   -1.027  1.00 11.47 ? 575 LEU A CG  1 
ATOM   500  C CD1 . LEU A 1 83  ? -2.798  2.154   -1.208  1.00 14.40 ? 575 LEU A CD1 1 
ATOM   501  C CD2 . LEU A 1 83  ? -3.521  -0.122  -0.359  1.00 12.44 ? 575 LEU A CD2 1 
ATOM   502  N N   . PRO A 1 84  ? -8.636  1.525   0.873   1.00 13.44 ? 576 PRO A N   1 
ATOM   503  C CA  . PRO A 1 84  ? -9.618  2.334   1.609   1.00 12.11 ? 576 PRO A CA  1 
ATOM   504  C C   . PRO A 1 84  ? -9.194  2.644   3.043   1.00 11.26 ? 576 PRO A C   1 
ATOM   505  O O   . PRO A 1 84  ? -8.595  1.806   3.716   1.00 14.80 ? 576 PRO A O   1 
ATOM   506  C CB  . PRO A 1 84  ? -10.889 1.481   1.553   1.00 14.39 ? 576 PRO A CB  1 
ATOM   507  C CG  . PRO A 1 84  ? -10.385 0.088   1.404   1.00 16.98 ? 576 PRO A CG  1 
ATOM   508  C CD  . PRO A 1 84  ? -9.187  0.214   0.488   1.00 15.42 ? 576 PRO A CD  1 
ATOM   509  N N   . ASN A 1 85  ? -9.514  3.848   3.503   1.00 13.16 ? 577 ASN A N   1 
ATOM   510  C CA  . ASN A 1 85  ? -9.165  4.236   4.871   1.00 14.04 ? 577 ASN A CA  1 
ATOM   511  C C   . ASN A 1 85  ? -10.159 3.597   5.843   1.00 12.73 ? 577 ASN A C   1 
ATOM   512  O O   . ASN A 1 85  ? -9.800  3.179   6.944   1.00 14.80 ? 577 ASN A O   1 
ATOM   513  C CB  . ASN A 1 85  ? -9.201  5.758   5.025   1.00 13.99 ? 577 ASN A CB  1 
ATOM   514  C CG  . ASN A 1 85  ? -8.029  6.450   4.339   1.00 15.87 ? 577 ASN A CG  1 
ATOM   515  O OD1 . ASN A 1 85  ? -6.893  5.963   4.371   1.00 18.63 ? 577 ASN A OD1 1 
ATOM   516  N ND2 . ASN A 1 85  ? -8.296  7.607   3.745   1.00 15.30 ? 577 ASN A ND2 1 
ATOM   517  N N   . ASP A 1 86  ? -11.415 3.516   5.423   1.00 12.96 ? 578 ASP A N   1 
ATOM   518  C CA  . ASP A 1 86  ? -12.448 2.912   6.251   1.00 14.52 ? 578 ASP A CA  1 
ATOM   519  C C   . ASP A 1 86  ? -12.103 1.432   6.458   1.00 15.15 ? 578 ASP A C   1 
ATOM   520  O O   . ASP A 1 86  ? -11.931 0.685   5.491   1.00 16.95 ? 578 ASP A O   1 
ATOM   521  C CB  . ASP A 1 86  ? -13.804 3.056   5.571   1.00 17.76 ? 578 ASP A CB  1 
ATOM   522  C CG  . ASP A 1 86  ? -14.938 2.568   6.448   1.00 19.02 ? 578 ASP A CG  1 
ATOM   523  O OD1 . ASP A 1 86  ? -15.512 3.390   7.187   1.00 21.25 ? 578 ASP A OD1 1 
ATOM   524  O OD2 . ASP A 1 86  ? -15.230 1.360   6.405   1.00 18.87 ? 578 ASP A OD2 1 
ATOM   525  N N   . THR A 1 87  ? -12.007 1.003   7.715   1.00 14.69 ? 579 THR A N   1 
ATOM   526  C CA  . THR A 1 87  ? -11.633 -0.376  7.992   1.00 15.11 ? 579 THR A CA  1 
ATOM   527  C C   . THR A 1 87  ? -12.681 -1.413  7.624   1.00 14.50 ? 579 THR A C   1 
ATOM   528  O O   . THR A 1 87  ? -12.340 -2.563  7.373   1.00 17.24 ? 579 THR A O   1 
ATOM   529  C CB  . THR A 1 87  ? -11.210 -0.565  9.468   1.00 16.77 ? 579 THR A CB  1 
ATOM   530  O OG1 . THR A 1 87  ? -12.302 -0.263  10.338  1.00 16.43 ? 579 THR A OG1 1 
ATOM   531  C CG2 . THR A 1 87  ? -10.029 0.361   9.783   1.00 17.17 ? 579 THR A CG2 1 
ATOM   532  N N   . ILE A 1 88  ? -13.947 -1.016  7.601   1.00 16.31 ? 580 ILE A N   1 
ATOM   533  C CA  . ILE A 1 88  ? -14.985 -1.957  7.204   1.00 17.01 ? 580 ILE A CA  1 
ATOM   534  C C   . ILE A 1 88  ? -14.806 -2.206  5.694   1.00 15.69 ? 580 ILE A C   1 
ATOM   535  O O   . ILE A 1 88  ? -14.874 -3.351  5.233   1.00 18.83 ? 580 ILE A O   1 
ATOM   536  C CB  . ILE A 1 88  ? -16.392 -1.399  7.497   1.00 18.79 ? 580 ILE A CB  1 
ATOM   537  C CG1 . ILE A 1 88  ? -16.589 -1.270  9.015   1.00 18.93 ? 580 ILE A CG1 1 
ATOM   538  C CG2 . ILE A 1 88  ? -17.455 -2.342  6.923   1.00 22.25 ? 580 ILE A CG2 1 
ATOM   539  C CD1 . ILE A 1 88  ? -17.844 -0.513  9.407   1.00 23.58 ? 580 ILE A CD1 1 
ATOM   540  N N   . LYS A 1 89  ? -14.540 -1.144  4.939   1.00 15.32 ? 581 LYS A N   1 
ATOM   541  C CA  . LYS A 1 89  ? -14.323 -1.280  3.493   1.00 15.61 ? 581 LYS A CA  1 
ATOM   542  C C   . LYS A 1 89  ? -13.040 -2.059  3.223   1.00 17.16 ? 581 LYS A C   1 
ATOM   543  O O   . LYS A 1 89  ? -12.972 -2.879  2.302   1.00 16.87 ? 581 LYS A O   1 
ATOM   544  C CB  . LYS A 1 89  ? -14.220 0.089   2.821   1.00 15.14 ? 581 LYS A CB  1 
ATOM   545  C CG  . LYS A 1 89  ? -15.508 0.911   2.795   1.00 16.87 ? 581 LYS A CG  1 
ATOM   546  C CD  . LYS A 1 89  ? -15.291 2.229   2.054   1.00 23.30 ? 581 LYS A CD  1 
ATOM   547  C CE  . LYS A 1 89  ? -16.510 3.140   2.161   1.00 29.58 ? 581 LYS A CE  1 
ATOM   548  N NZ  . LYS A 1 89  ? -16.293 4.452   1.471   1.00 34.30 ? 581 LYS A NZ  1 
ATOM   549  N N   . SER A 1 90  ? -12.010 -1.788  4.017   1.00 15.32 ? 582 SER A N   1 
ATOM   550  C CA  . SER A 1 90  ? -10.738 -2.494  3.866   1.00 14.32 ? 582 SER A CA  1 
ATOM   551  C C   . SER A 1 90  ? -10.950 -3.989  4.109   1.00 17.45 ? 582 SER A C   1 
ATOM   552  O O   . SER A 1 90  ? -10.428 -4.834  3.382   1.00 15.57 ? 582 SER A O   1 
ATOM   553  C CB  . SER A 1 90  ? -9.707  -1.950  4.871   1.00 17.76 ? 582 SER A CB  1 
ATOM   554  O OG  . SER A 1 90  ? -8.440  -2.556  4.666   1.00 18.35 ? 582 SER A OG  1 
ATOM   555  N N   . ALA A 1 91  ? -11.717 -4.320  5.143   1.00 15.03 ? 583 ALA A N   1 
ATOM   556  C CA  . ALA A 1 91  ? -11.972 -5.722  5.452   1.00 17.96 ? 583 ALA A CA  1 
ATOM   557  C C   . ALA A 1 91  ? -12.786 -6.401  4.346   1.00 18.21 ? 583 ALA A C   1 
ATOM   558  O O   . ALA A 1 91  ? -12.559 -7.578  4.025   1.00 20.23 ? 583 ALA A O   1 
ATOM   559  C CB  . ALA A 1 91  ? -12.701 -5.841  6.782   1.00 19.63 ? 583 ALA A CB  1 
ATOM   560  N N   . ALA A 1 92  ? -13.726 -5.660  3.772   1.00 17.95 ? 584 ALA A N   1 
ATOM   561  C CA  . ALA A 1 92  ? -14.570 -6.194  2.715   1.00 20.73 ? 584 ALA A CA  1 
ATOM   562  C C   . ALA A 1 92  ? -13.725 -6.493  1.483   1.00 19.98 ? 584 ALA A C   1 
ATOM   563  O O   . ALA A 1 92  ? -13.945 -7.493  0.802   1.00 17.50 ? 584 ALA A O   1 
ATOM   564  C CB  . ALA A 1 92  ? -15.681 -5.213  2.375   1.00 19.67 ? 584 ALA A CB  1 
ATOM   565  N N   . LEU A 1 93  ? -12.751 -5.630  1.201   1.00 16.22 ? 585 LEU A N   1 
ATOM   566  C CA  . LEU A 1 93  ? -11.879 -5.839  0.054   1.00 16.34 ? 585 LEU A CA  1 
ATOM   567  C C   . LEU A 1 93  ? -11.002 -7.061  0.303   1.00 17.40 ? 585 LEU A C   1 
ATOM   568  O O   . LEU A 1 93  ? -10.798 -7.888  -0.596  1.00 18.61 ? 585 LEU A O   1 
ATOM   569  C CB  . LEU A 1 93  ? -11.001 -4.593  -0.193  1.00 14.80 ? 585 LEU A CB  1 
ATOM   570  C CG  . LEU A 1 93  ? -9.963  -4.709  -1.311  1.00 16.93 ? 585 LEU A CG  1 
ATOM   571  C CD1 . LEU A 1 93  ? -10.681 -4.868  -2.656  1.00 17.84 ? 585 LEU A CD1 1 
ATOM   572  C CD2 . LEU A 1 93  ? -9.077  -3.471  -1.328  1.00 15.73 ? 585 LEU A CD2 1 
ATOM   573  N N   . LYS A 1 94  ? -10.490 -7.182  1.528   1.00 17.86 ? 586 LYS A N   1 
ATOM   574  C CA  . LYS A 1 94  ? -9.639  -8.310  1.900   1.00 17.02 ? 586 LYS A CA  1 
ATOM   575  C C   . LYS A 1 94  ? -10.388 -9.630  1.670   1.00 21.54 ? 586 LYS A C   1 
ATOM   576  O O   . LYS A 1 94  ? -9.827  -10.585 1.131   1.00 21.13 ? 586 LYS A O   1 
ATOM   577  C CB  . LYS A 1 94  ? -9.230  -8.193  3.379   1.00 17.07 ? 586 LYS A CB  1 
ATOM   578  C CG  . LYS A 1 94  ? -8.148  -9.164  3.853   1.00 19.64 ? 586 LYS A CG  1 
ATOM   579  C CD  . LYS A 1 94  ? -7.721  -8.783  5.284   1.00 23.96 ? 586 LYS A CD  1 
ATOM   580  C CE  . LYS A 1 94  ? -6.628  -9.681  5.836   1.00 25.71 ? 586 LYS A CE  1 
ATOM   581  N NZ  . LYS A 1 94  ? -7.109  -11.065 6.106   1.00 30.32 ? 586 LYS A NZ  1 
ATOM   582  N N   . ALA A 1 95  ? -11.654 -9.668  2.071   1.00 20.51 ? 587 ALA A N   1 
ATOM   583  C CA  . ALA A 1 95  ? -12.480 -10.867 1.911   1.00 23.66 ? 587 ALA A CA  1 
ATOM   584  C C   . ALA A 1 95  ? -12.644 -11.224 0.438   1.00 20.76 ? 587 ALA A C   1 
ATOM   585  O O   . ALA A 1 95  ? -12.523 -12.389 0.055   1.00 23.79 ? 587 ALA A O   1 
ATOM   586  C CB  . ALA A 1 95  ? -13.846 -10.647 2.553   1.00 23.42 ? 587 ALA A CB  1 
ATOM   587  N N   . GLN A 1 96  ? -12.927 -10.224 -0.389  1.00 21.12 ? 588 GLN A N   1 
ATOM   588  C CA  . GLN A 1 96  ? -13.083 -10.465 -1.819  1.00 23.53 ? 588 GLN A CA  1 
ATOM   589  C C   . GLN A 1 96  ? -11.807 -11.016 -2.426  1.00 24.73 ? 588 GLN A C   1 
ATOM   590  O O   . GLN A 1 96  ? -11.837 -11.960 -3.214  1.00 24.29 ? 588 GLN A O   1 
ATOM   591  C CB  . GLN A 1 96  ? -13.439 -9.181  -2.557  1.00 21.79 ? 588 GLN A CB  1 
ATOM   592  C CG  . GLN A 1 96  ? -14.799 -8.619  -2.252  1.00 26.19 ? 588 GLN A CG  1 
ATOM   593  C CD  . GLN A 1 96  ? -15.104 -7.410  -3.105  1.00 32.42 ? 588 GLN A CD  1 
ATOM   594  O OE1 . GLN A 1 96  ? -14.329 -6.447  -3.140  1.00 31.91 ? 588 GLN A OE1 1 
ATOM   595  N NE2 . GLN A 1 96  ? -16.233 -7.445  -3.803  1.00 33.30 ? 588 GLN A NE2 1 
ATOM   596  N N   . CYS A 1 97  ? -10.681 -10.415 -2.056  1.00 22.45 ? 589 CYS A N   1 
ATOM   597  C CA  . CYS A 1 97  ? -9.396  -10.828 -2.596  1.00 22.88 ? 589 CYS A CA  1 
ATOM   598  C C   . CYS A 1 97  ? -8.932  -12.223 -2.171  1.00 22.02 ? 589 CYS A C   1 
ATOM   599  O O   . CYS A 1 97  ? -7.966  -12.743 -2.723  1.00 26.17 ? 589 CYS A O   1 
ATOM   600  C CB  . CYS A 1 97  ? -8.337  -9.763  -2.269  1.00 21.01 ? 589 CYS A CB  1 
ATOM   601  S SG  . CYS A 1 97  ? -8.658  -8.217  -3.177  1.00 22.18 ? 589 CYS A SG  1 
ATOM   602  N N   . SER A 1 98  ? -9.612  -12.836 -1.206  1.00 22.79 ? 590 SER A N   1 
ATOM   603  C CA  . SER A 1 98  ? -9.231  -14.182 -0.787  1.00 24.48 ? 590 SER A CA  1 
ATOM   604  C C   . SER A 1 98  ? -9.549  -15.163 -1.930  1.00 28.14 ? 590 SER A C   1 
ATOM   605  O O   . SER A 1 98  ? -9.056  -16.287 -1.957  1.00 26.53 ? 590 SER A O   1 
ATOM   606  C CB  . SER A 1 98  ? -9.968  -14.581 0.497   1.00 27.08 ? 590 SER A CB  1 
ATOM   607  O OG  . SER A 1 98  ? -11.366 -14.601 0.297   1.00 32.20 ? 590 SER A OG  1 
ATOM   608  N N   . ASP A 1 99  ? -10.387 -14.722 -2.867  1.00 27.57 ? 591 ASP A N   1 
ATOM   609  C CA  . ASP A 1 99  ? -10.731 -15.517 -4.049  1.00 30.02 ? 591 ASP A CA  1 
ATOM   610  C C   . ASP A 1 99  ? -10.608 -14.538 -5.208  1.00 27.68 ? 591 ASP A C   1 
ATOM   611  O O   . ASP A 1 99  ? -11.561 -14.276 -5.947  1.00 27.67 ? 591 ASP A O   1 
ATOM   612  C CB  . ASP A 1 99  ? -12.156 -16.070 -3.959  1.00 36.08 ? 591 ASP A CB  1 
ATOM   613  C CG  . ASP A 1 99  ? -12.492 -16.996 -5.122  1.00 41.63 ? 591 ASP A CG  1 
ATOM   614  O OD1 . ASP A 1 99  ? -11.610 -17.784 -5.530  1.00 41.82 ? 591 ASP A OD1 1 
ATOM   615  O OD2 . ASP A 1 99  ? -13.634 -16.940 -5.624  1.00 46.93 ? 591 ASP A OD2 1 
ATOM   616  N N   . ILE A 1 100 ? -9.401  -13.995 -5.343  1.00 24.87 ? 592 ILE A N   1 
ATOM   617  C CA  . ILE A 1 100 ? -9.093  -12.996 -6.350  1.00 26.19 ? 592 ILE A CA  1 
ATOM   618  C C   . ILE A 1 100 ? -9.381  -13.393 -7.798  1.00 26.17 ? 592 ILE A C   1 
ATOM   619  O O   . ILE A 1 100 ? -9.693  -12.527 -8.617  1.00 25.67 ? 592 ILE A O   1 
ATOM   620  C CB  . ILE A 1 100 ? -7.611  -12.525 -6.219  1.00 24.74 ? 592 ILE A CB  1 
ATOM   621  C CG1 . ILE A 1 100 ? -7.391  -11.250 -7.033  1.00 26.11 ? 592 ILE A CG1 1 
ATOM   622  C CG2 . ILE A 1 100 ? -6.656  -13.618 -6.670  1.00 28.29 ? 592 ILE A CG2 1 
ATOM   623  C CD1 . ILE A 1 100 ? -8.227  -10.071 -6.570  1.00 27.16 ? 592 ILE A CD1 1 
ATOM   624  N N   . ASP A 1 101 ? -9.296  -14.682 -8.118  1.00 25.90 ? 593 ASP A N   1 
ATOM   625  C CA  . ASP A 1 101 ? -9.560  -15.106 -9.498  1.00 28.21 ? 593 ASP A CA  1 
ATOM   626  C C   . ASP A 1 101 ? -11.014 -14.861 -9.897  1.00 26.70 ? 593 ASP A C   1 
ATOM   627  O O   . ASP A 1 101 ? -11.353 -14.849 -11.081 1.00 27.78 ? 593 ASP A O   1 
ATOM   628  C CB  . ASP A 1 101 ? -9.213  -16.590 -9.698  1.00 32.39 ? 593 ASP A CB  1 
ATOM   629  C CG  . ASP A 1 101 ? -7.711  -16.863 -9.629  1.00 37.01 ? 593 ASP A CG  1 
ATOM   630  O OD1 . ASP A 1 101 ? -6.909  -15.966 -9.969  1.00 39.81 ? 593 ASP A OD1 1 
ATOM   631  O OD2 . ASP A 1 101 ? -7.330  -17.989 -9.249  1.00 42.25 ? 593 ASP A OD2 1 
ATOM   632  N N   . LYS A 1 102 ? -11.859 -14.660 -8.895  1.00 26.88 ? 594 LYS A N   1 
ATOM   633  C CA  . LYS A 1 102 ? -13.284 -14.395 -9.083  1.00 28.40 ? 594 LYS A CA  1 
ATOM   634  C C   . LYS A 1 102 ? -13.521 -12.895 -9.320  1.00 28.22 ? 594 LYS A C   1 
ATOM   635  O O   . LYS A 1 102 ? -14.644 -12.469 -9.610  1.00 24.71 ? 594 LYS A O   1 
ATOM   636  C CB  . LYS A 1 102 ? -14.034 -14.820 -7.820  1.00 34.15 ? 594 LYS A CB  1 
ATOM   637  C CG  . LYS A 1 102 ? -15.544 -14.805 -7.918  1.00 42.42 ? 594 LYS A CG  1 
ATOM   638  C CD  . LYS A 1 102 ? -16.064 -16.164 -8.380  1.00 46.38 ? 594 LYS A CD  1 
ATOM   639  C CE  . LYS A 1 102 ? -17.588 -16.205 -8.365  1.00 48.08 ? 594 LYS A CE  1 
ATOM   640  N NZ  . LYS A 1 102 ? -18.122 -17.555 -8.715  1.00 47.75 ? 594 LYS A NZ  1 
ATOM   641  N N   . HIS A 1 103 ? -12.460 -12.098 -9.192  1.00 24.74 ? 595 HIS A N   1 
ATOM   642  C CA  . HIS A 1 103 ? -12.574 -10.649 -9.364  1.00 23.82 ? 595 HIS A CA  1 
ATOM   643  C C   . HIS A 1 103 ? -11.523 -10.078 -10.299 1.00 23.78 ? 595 HIS A C   1 
ATOM   644  O O   . HIS A 1 103 ? -10.535 -9.477  -9.866  1.00 21.35 ? 595 HIS A O   1 
ATOM   645  C CB  . HIS A 1 103 ? -12.491 -9.952  -8.000  1.00 24.90 ? 595 HIS A CB  1 
ATOM   646  C CG  . HIS A 1 103 ? -13.483 -10.469 -7.009  1.00 24.67 ? 595 HIS A CG  1 
ATOM   647  N ND1 . HIS A 1 103 ? -13.216 -11.537 -6.179  1.00 27.15 ? 595 HIS A ND1 1 
ATOM   648  C CD2 . HIS A 1 103 ? -14.762 -10.107 -6.761  1.00 24.14 ? 595 HIS A CD2 1 
ATOM   649  C CE1 . HIS A 1 103 ? -14.293 -11.812 -5.462  1.00 22.44 ? 595 HIS A CE1 1 
ATOM   650  N NE2 . HIS A 1 103 ? -15.244 -10.959 -5.796  1.00 26.93 ? 595 HIS A NE2 1 
ATOM   651  N N   . PRO A 1 104 ? -11.728 -10.257 -11.609 1.00 21.89 ? 596 PRO A N   1 
ATOM   652  C CA  . PRO A 1 104 ? -10.804 -9.766  -12.629 1.00 22.66 ? 596 PRO A CA  1 
ATOM   653  C C   . PRO A 1 104 ? -10.510 -8.264  -12.523 1.00 20.80 ? 596 PRO A C   1 
ATOM   654  O O   . PRO A 1 104 ? -9.378  -7.833  -12.740 1.00 19.98 ? 596 PRO A O   1 
ATOM   655  C CB  . PRO A 1 104 ? -11.520 -10.126 -13.932 1.00 24.52 ? 596 PRO A CB  1 
ATOM   656  C CG  . PRO A 1 104 ? -12.242 -11.387 -13.571 1.00 24.69 ? 596 PRO A CG  1 
ATOM   657  C CD  . PRO A 1 104 ? -12.824 -11.033 -12.225 1.00 24.78 ? 596 PRO A CD  1 
ATOM   658  N N   . GLU A 1 105 ? -11.536 -7.475  -12.209 1.00 22.35 ? 597 GLU A N   1 
ATOM   659  C CA  . GLU A 1 105 ? -11.379 -6.031  -12.099 1.00 22.38 ? 597 GLU A CA  1 
ATOM   660  C C   . GLU A 1 105 ? -10.465 -5.651  -10.935 1.00 21.84 ? 597 GLU A C   1 
ATOM   661  O O   . GLU A 1 105 ? -9.617  -4.762  -11.061 1.00 17.77 ? 597 GLU A O   1 
ATOM   662  C CB  . GLU A 1 105 ? -12.737 -5.356  -11.918 1.00 28.46 ? 597 GLU A CB  1 
ATOM   663  C CG  . GLU A 1 105 ? -12.876 -4.079  -12.732 1.00 36.83 ? 597 GLU A CG  1 
ATOM   664  C CD  . GLU A 1 105 ? -14.030 -3.201  -12.284 1.00 41.29 ? 597 GLU A CD  1 
ATOM   665  O OE1 . GLU A 1 105 ? -15.082 -3.751  -11.894 1.00 48.56 ? 597 GLU A OE1 1 
ATOM   666  O OE2 . GLU A 1 105 ? -13.887 -1.958  -12.335 1.00 40.62 ? 597 GLU A OE2 1 
ATOM   667  N N   . LEU A 1 106 ? -10.633 -6.311  -9.796  1.00 21.30 ? 598 LEU A N   1 
ATOM   668  C CA  . LEU A 1 106 ? -9.781  -6.007  -8.653  1.00 20.19 ? 598 LEU A CA  1 
ATOM   669  C C   . LEU A 1 106 ? -8.359  -6.481  -8.938  1.00 19.17 ? 598 LEU A C   1 
ATOM   670  O O   . LEU A 1 106 ? -7.378  -5.826  -8.576  1.00 17.04 ? 598 LEU A O   1 
ATOM   671  C CB  . LEU A 1 106 ? -10.321 -6.680  -7.391  1.00 23.55 ? 598 LEU A CB  1 
ATOM   672  C CG  . LEU A 1 106 ? -11.676 -6.148  -6.914  1.00 30.51 ? 598 LEU A CG  1 
ATOM   673  C CD1 . LEU A 1 106 ? -12.131 -6.933  -5.688  1.00 28.68 ? 598 LEU A CD1 1 
ATOM   674  C CD2 . LEU A 1 106 ? -11.564 -4.656  -6.584  1.00 29.39 ? 598 LEU A CD2 1 
ATOM   675  N N   . LYS A 1 107 ? -8.238  -7.627  -9.598  1.00 17.37 ? 599 LYS A N   1 
ATOM   676  C CA  . LYS A 1 107 ? -6.923  -8.149  -9.916  1.00 15.70 ? 599 LYS A CA  1 
ATOM   677  C C   . LYS A 1 107 ? -6.193  -7.177  -10.838 1.00 16.06 ? 599 LYS A C   1 
ATOM   678  O O   . LYS A 1 107 ? -5.023  -6.861  -10.624 1.00 15.32 ? 599 LYS A O   1 
ATOM   679  C CB  . LYS A 1 107 ? -7.046  -9.516  -10.586 1.00 19.79 ? 599 LYS A CB  1 
ATOM   680  C CG  . LYS A 1 107 ? -5.770  -10.305 -10.598 1.00 24.76 ? 599 LYS A CG  1 
ATOM   681  C CD  . LYS A 1 107 ? -6.036  -11.767 -10.987 1.00 28.61 ? 599 LYS A CD  1 
ATOM   682  C CE  . LYS A 1 107 ? -4.729  -12.546 -11.089 1.00 34.90 ? 599 LYS A CE  1 
ATOM   683  N NZ  . LYS A 1 107 ? -4.914  -13.945 -11.578 1.00 37.07 ? 599 LYS A NZ  1 
ATOM   684  N N   . ALA A 1 108 ? -6.876  -6.708  -11.871 1.00 15.14 ? 600 ALA A N   1 
ATOM   685  C CA  . ALA A 1 108 ? -6.252  -5.750  -12.783 1.00 15.31 ? 600 ALA A CA  1 
ATOM   686  C C   . ALA A 1 108 ? -5.817  -4.483  -12.028 1.00 16.66 ? 600 ALA A C   1 
ATOM   687  O O   . ALA A 1 108 ? -4.717  -3.951  -12.245 1.00 16.83 ? 600 ALA A O   1 
ATOM   688  C CB  . ALA A 1 108 ? -7.233  -5.384  -13.895 1.00 17.10 ? 600 ALA A CB  1 
ATOM   689  N N   . LYS A 1 109 ? -6.688  -3.995  -11.150 1.00 14.25 ? 601 LYS A N   1 
ATOM   690  C CA  . LYS A 1 109 ? -6.384  -2.782  -10.384 1.00 16.21 ? 601 LYS A CA  1 
ATOM   691  C C   . LYS A 1 109 ? -5.189  -2.971  -9.458  1.00 16.73 ? 601 LYS A C   1 
ATOM   692  O O   . LYS A 1 109 ? -4.312  -2.101  -9.369  1.00 15.52 ? 601 LYS A O   1 
ATOM   693  C CB  . LYS A 1 109 ? -7.617  -2.331  -9.593  1.00 15.72 ? 601 LYS A CB  1 
ATOM   694  C CG  . LYS A 1 109 ? -8.710  -1.788  -10.511 1.00 22.04 ? 601 LYS A CG  1 
ATOM   695  C CD  . LYS A 1 109 ? -10.024 -1.454  -9.792  1.00 18.44 ? 601 LYS A CD  1 
ATOM   696  C CE  . LYS A 1 109 ? -10.921 -0.661  -10.744 1.00 25.81 ? 601 LYS A CE  1 
ATOM   697  N NZ  . LYS A 1 109 ? -12.275 -0.376  -10.192 1.00 29.04 ? 601 LYS A NZ  1 
ATOM   698  N N   . MET A 1 110 ? -5.140  -4.106  -8.772  1.00 14.49 ? 602 MET A N   1 
ATOM   699  C CA  . MET A 1 110 ? -4.018  -4.373  -7.873  1.00 14.33 ? 602 MET A CA  1 
ATOM   700  C C   . MET A 1 110 ? -2.709  -4.426  -8.651  1.00 15.10 ? 602 MET A C   1 
ATOM   701  O O   . MET A 1 110 ? -1.709  -3.811  -8.258  1.00 14.21 ? 602 MET A O   1 
ATOM   702  C CB  . MET A 1 110 ? -4.216  -5.705  -7.130  1.00 12.60 ? 602 MET A CB  1 
ATOM   703  C CG  . MET A 1 110 ? -3.137  -5.983  -6.075  1.00 13.23 ? 602 MET A CG  1 
ATOM   704  S SD  . MET A 1 110 ? -3.274  -4.881  -4.632  1.00 17.55 ? 602 MET A SD  1 
ATOM   705  C CE  . MET A 1 110 ? -1.837  -3.801  -4.846  1.00 18.11 ? 602 MET A CE  1 
ATOM   706  N N   . GLU A 1 111 ? -2.703  -5.155  -9.765  1.00 14.85 ? 603 GLU A N   1 
ATOM   707  C CA  . GLU A 1 111 ? -1.485  -5.258  -10.550 1.00 12.61 ? 603 GLU A CA  1 
ATOM   708  C C   . GLU A 1 111 ? -1.052  -3.891  -11.085 1.00 13.90 ? 603 GLU A C   1 
ATOM   709  O O   . GLU A 1 111 ? 0.143   -3.587  -11.137 1.00 18.12 ? 603 GLU A O   1 
ATOM   710  C CB  . GLU A 1 111 ? -1.678  -6.268  -11.696 1.00 16.42 ? 603 GLU A CB  1 
ATOM   711  C CG  . GLU A 1 111 ? -1.944  -7.676  -11.159 1.00 19.87 ? 603 GLU A CG  1 
ATOM   712  C CD  . GLU A 1 111 ? -2.130  -8.724  -12.244 1.00 25.52 ? 603 GLU A CD  1 
ATOM   713  O OE1 . GLU A 1 111 ? -2.114  -8.364  -13.443 1.00 28.34 ? 603 GLU A OE1 1 
ATOM   714  O OE2 . GLU A 1 111 ? -2.296  -9.912  -11.890 1.00 26.27 ? 603 GLU A OE2 1 
ATOM   715  N N   . THR A 1 112 ? -2.016  -3.055  -11.452 1.00 16.20 ? 604 THR A N   1 
ATOM   716  C CA  . THR A 1 112 ? -1.690  -1.729  -11.962 1.00 17.22 ? 604 THR A CA  1 
ATOM   717  C C   . THR A 1 112 ? -1.061  -0.881  -10.853 1.00 16.97 ? 604 THR A C   1 
ATOM   718  O O   . THR A 1 112 ? -0.054  -0.201  -11.071 1.00 17.36 ? 604 THR A O   1 
ATOM   719  C CB  . THR A 1 112 ? -2.941  -0.995  -12.494 1.00 18.80 ? 604 THR A CB  1 
ATOM   720  O OG1 . THR A 1 112 ? -3.428  -1.666  -13.669 1.00 20.48 ? 604 THR A OG1 1 
ATOM   721  C CG2 . THR A 1 112 ? -2.593  0.445   -12.871 1.00 21.18 ? 604 THR A CG2 1 
ATOM   722  N N   . LEU A 1 113 ? -1.655  -0.936  -9.664  1.00 16.42 ? 605 LEU A N   1 
ATOM   723  C CA  . LEU A 1 113 ? -1.152  -0.158  -8.535  1.00 14.82 ? 605 LEU A CA  1 
ATOM   724  C C   . LEU A 1 113 ? 0.217   -0.660  -8.100  1.00 14.48 ? 605 LEU A C   1 
ATOM   725  O O   . LEU A 1 113 ? 1.104   0.130   -7.782  1.00 14.03 ? 605 LEU A O   1 
ATOM   726  C CB  . LEU A 1 113 ? -2.133  -0.226  -7.351  1.00 13.75 ? 605 LEU A CB  1 
ATOM   727  C CG  . LEU A 1 113 ? -1.828  0.758   -6.212  1.00 14.44 ? 605 LEU A CG  1 
ATOM   728  C CD1 . LEU A 1 113 ? -1.844  2.168   -6.788  1.00 17.80 ? 605 LEU A CD1 1 
ATOM   729  C CD2 . LEU A 1 113 ? -2.858  0.623   -5.075  1.00 17.14 ? 605 LEU A CD2 1 
ATOM   730  N N   . LYS A 1 114 ? 0.399   -1.979  -8.084  1.00 13.06 ? 606 LYS A N   1 
ATOM   731  C CA  . LYS A 1 114 ? 1.676   -2.549  -7.702  1.00 14.67 ? 606 LYS A CA  1 
ATOM   732  C C   . LYS A 1 114 ? 2.778   -2.039  -8.644  1.00 17.29 ? 606 LYS A C   1 
ATOM   733  O O   . LYS A 1 114 ? 3.888   -1.727  -8.208  1.00 15.14 ? 606 LYS A O   1 
ATOM   734  C CB  . LYS A 1 114 ? 1.611   -4.084  -7.754  1.00 15.65 ? 606 LYS A CB  1 
ATOM   735  C CG  . LYS A 1 114 ? 2.965   -4.739  -7.598  1.00 18.50 ? 606 LYS A CG  1 
ATOM   736  C CD  . LYS A 1 114 ? 2.853   -6.260  -7.673  1.00 19.46 ? 606 LYS A CD  1 
ATOM   737  C CE  . LYS A 1 114 ? 4.226   -6.900  -7.726  1.00 26.39 ? 606 LYS A CE  1 
ATOM   738  N NZ  . LYS A 1 114 ? 4.098   -8.368  -7.968  1.00 31.98 ? 606 LYS A NZ  1 
ATOM   739  N N   . GLU A 1 115 ? 2.461   -1.959  -9.932  1.00 16.83 ? 607 GLU A N   1 
ATOM   740  C CA  . GLU A 1 115 ? 3.417   -1.489  -10.938 1.00 18.44 ? 607 GLU A CA  1 
ATOM   741  C C   . GLU A 1 115 ? 3.790   -0.029  -10.646 1.00 14.97 ? 607 GLU A C   1 
ATOM   742  O O   . GLU A 1 115 ? 4.957   0.353   -10.725 1.00 17.21 ? 607 GLU A O   1 
ATOM   743  C CB  . GLU A 1 115 ? 2.794   -1.613  -12.337 1.00 19.01 ? 607 GLU A CB  1 
ATOM   744  C CG  . GLU A 1 115 ? 3.675   -1.139  -13.499 1.00 28.60 ? 607 GLU A CG  1 
ATOM   745  C CD  . GLU A 1 115 ? 5.033   -1.821  -13.547 1.00 35.58 ? 607 GLU A CD  1 
ATOM   746  O OE1 . GLU A 1 115 ? 5.140   -2.986  -13.110 1.00 37.45 ? 607 GLU A OE1 1 
ATOM   747  O OE2 . GLU A 1 115 ? 5.995   -1.190  -14.040 1.00 39.89 ? 607 GLU A OE2 1 
ATOM   748  N N   . VAL A 1 116 ? 2.801   0.779   -10.304 1.00 13.95 ? 608 VAL A N   1 
ATOM   749  C CA  . VAL A 1 116 ? 3.070   2.189   -9.987  1.00 15.20 ? 608 VAL A CA  1 
ATOM   750  C C   . VAL A 1 116 ? 3.994   2.249   -8.764  1.00 16.72 ? 608 VAL A C   1 
ATOM   751  O O   . VAL A 1 116 ? 4.960   3.023   -8.715  1.00 15.46 ? 608 VAL A O   1 
ATOM   752  C CB  . VAL A 1 116 ? 1.750   2.945   -9.699  1.00 15.45 ? 608 VAL A CB  1 
ATOM   753  C CG1 . VAL A 1 116 ? 2.033   4.343   -9.133  1.00 17.10 ? 608 VAL A CG1 1 
ATOM   754  C CG2 . VAL A 1 116 ? 0.941   3.068   -10.986 1.00 16.53 ? 608 VAL A CG2 1 
ATOM   755  N N   . ILE A 1 117 ? 3.709   1.411   -7.774  1.00 13.21 ? 609 ILE A N   1 
ATOM   756  C CA  . ILE A 1 117 ? 4.517   1.391   -6.564  1.00 13.66 ? 609 ILE A CA  1 
ATOM   757  C C   . ILE A 1 117 ? 5.983   1.042   -6.841  1.00 15.09 ? 609 ILE A C   1 
ATOM   758  O O   . ILE A 1 117 ? 6.879   1.593   -6.203  1.00 16.32 ? 609 ILE A O   1 
ATOM   759  C CB  . ILE A 1 117 ? 3.934   0.387   -5.525  1.00 12.64 ? 609 ILE A CB  1 
ATOM   760  C CG1 . ILE A 1 117 ? 2.591   0.912   -5.006  1.00 12.07 ? 609 ILE A CG1 1 
ATOM   761  C CG2 . ILE A 1 117 ? 4.911   0.172   -4.362  1.00 11.98 ? 609 ILE A CG2 1 
ATOM   762  C CD1 . ILE A 1 117 ? 1.811   -0.109  -4.175  1.00 13.72 ? 609 ILE A CD1 1 
ATOM   763  N N   . THR A 1 118 ? 6.236   0.142   -7.790  1.00 13.93 ? 610 THR A N   1 
ATOM   764  C CA  . THR A 1 118 ? 7.623   -0.249  -8.074  1.00 16.34 ? 610 THR A CA  1 
ATOM   765  C C   . THR A 1 118 ? 8.473   0.893   -8.613  1.00 18.13 ? 610 THR A C   1 
ATOM   766  O O   . THR A 1 118 ? 9.698   0.798   -8.630  1.00 20.02 ? 610 THR A O   1 
ATOM   767  C CB  . THR A 1 118 ? 7.710   -1.394  -9.104  1.00 18.51 ? 610 THR A CB  1 
ATOM   768  O OG1 . THR A 1 118 ? 7.308   -0.910  -10.395 1.00 22.79 ? 610 THR A OG1 1 
ATOM   769  C CG2 . THR A 1 118 ? 6.812   -2.546  -8.692  1.00 16.84 ? 610 THR A CG2 1 
ATOM   770  N N   . HIS A 1 119 ? 7.829   1.967   -9.049  1.00 17.50 ? 611 HIS A N   1 
ATOM   771  C CA  . HIS A 1 119 ? 8.565   3.095   -9.607  1.00 20.63 ? 611 HIS A CA  1 
ATOM   772  C C   . HIS A 1 119 ? 8.472   4.332   -8.725  1.00 20.52 ? 611 HIS A C   1 
ATOM   773  O O   . HIS A 1 119 ? 8.877   5.424   -9.129  1.00 21.81 ? 611 HIS A O   1 
ATOM   774  C CB  . HIS A 1 119 ? 8.035   3.416   -11.010 1.00 22.01 ? 611 HIS A CB  1 
ATOM   775  C CG  . HIS A 1 119 ? 8.180   2.284   -11.980 1.00 29.01 ? 611 HIS A CG  1 
ATOM   776  N ND1 . HIS A 1 119 ? 9.406   1.755   -12.331 1.00 32.51 ? 611 HIS A ND1 1 
ATOM   777  C CD2 . HIS A 1 119 ? 7.252   1.564   -12.660 1.00 29.69 ? 611 HIS A CD2 1 
ATOM   778  C CE1 . HIS A 1 119 ? 9.227   0.760   -13.181 1.00 31.89 ? 611 HIS A CE1 1 
ATOM   779  N NE2 . HIS A 1 119 ? 7.929   0.624   -13.397 1.00 30.20 ? 611 HIS A NE2 1 
ATOM   780  N N   . HIS A 1 120 ? 7.952   4.167   -7.513  1.00 17.57 ? 612 HIS A N   1 
ATOM   781  C CA  . HIS A 1 120 ? 7.814   5.312   -6.616  1.00 14.37 ? 612 HIS A CA  1 
ATOM   782  C C   . HIS A 1 120 ? 9.179   5.912   -6.346  1.00 13.38 ? 612 HIS A C   1 
ATOM   783  O O   . HIS A 1 120 ? 10.120  5.191   -6.048  1.00 13.19 ? 612 HIS A O   1 
ATOM   784  C CB  . HIS A 1 120 ? 7.174   4.892   -5.290  1.00 16.33 ? 612 HIS A CB  1 
ATOM   785  C CG  . HIS A 1 120 ? 6.599   6.039   -4.517  1.00 18.43 ? 612 HIS A CG  1 
ATOM   786  N ND1 . HIS A 1 120 ? 7.381   6.933   -3.812  1.00 14.14 ? 612 HIS A ND1 1 
ATOM   787  C CD2 . HIS A 1 120 ? 5.319   6.459   -4.370  1.00 18.26 ? 612 HIS A CD2 1 
ATOM   788  C CE1 . HIS A 1 120 ? 6.603   7.855   -3.270  1.00 15.41 ? 612 HIS A CE1 1 
ATOM   789  N NE2 . HIS A 1 120 ? 5.348   7.588   -3.592  1.00 14.10 ? 612 HIS A NE2 1 
ATOM   790  N N   . PRO A 1 121 ? 9.298   7.252   -6.442  1.00 15.70 ? 613 PRO A N   1 
ATOM   791  C CA  . PRO A 1 121 ? 10.586  7.903   -6.204  1.00 15.87 ? 613 PRO A CA  1 
ATOM   792  C C   . PRO A 1 121 ? 11.150  7.705   -4.810  1.00 15.76 ? 613 PRO A C   1 
ATOM   793  O O   . PRO A 1 121 ? 12.360  7.739   -4.628  1.00 13.58 ? 613 PRO A O   1 
ATOM   794  C CB  . PRO A 1 121 ? 10.312  9.370   -6.562  1.00 14.96 ? 613 PRO A CB  1 
ATOM   795  C CG  . PRO A 1 121 ? 8.859   9.543   -6.263  1.00 17.29 ? 613 PRO A CG  1 
ATOM   796  C CD  . PRO A 1 121 ? 8.259   8.240   -6.789  1.00 12.54 ? 613 PRO A CD  1 
ATOM   797  N N   . GLN A 1 122 ? 10.277  7.511   -3.821  1.00 12.27 ? 614 GLN A N   1 
ATOM   798  C CA  . GLN A 1 122 ? 10.733  7.266   -2.457  1.00 13.62 ? 614 GLN A CA  1 
ATOM   799  C C   . GLN A 1 122 ? 10.504  5.805   -2.039  1.00 14.52 ? 614 GLN A C   1 
ATOM   800  O O   . GLN A 1 122 ? 10.329  5.495   -0.855  1.00 13.82 ? 614 GLN A O   1 
ATOM   801  C CB  . GLN A 1 122 ? 10.020  8.229   -1.487  1.00 12.96 ? 614 GLN A CB  1 
ATOM   802  C CG  . GLN A 1 122 ? 10.531  9.666   -1.650  1.00 13.01 ? 614 GLN A CG  1 
ATOM   803  C CD  . GLN A 1 122 ? 9.897   10.630  -0.670  1.00 15.31 ? 614 GLN A CD  1 
ATOM   804  O OE1 . GLN A 1 122 ? 8.810   11.141  -0.904  1.00 16.56 ? 614 GLN A OE1 1 
ATOM   805  N NE2 . GLN A 1 122 ? 10.585  10.877  0.442   1.00 16.66 ? 614 GLN A NE2 1 
ATOM   806  N N   . LYS A 1 123 ? 10.518  4.907   -3.019  1.00 14.65 ? 615 LYS A N   1 
ATOM   807  C CA  . LYS A 1 123 ? 10.337  3.486   -2.726  1.00 15.24 ? 615 LYS A CA  1 
ATOM   808  C C   . LYS A 1 123 ? 11.324  2.964   -1.664  1.00 14.98 ? 615 LYS A C   1 
ATOM   809  O O   . LYS A 1 123 ? 10.949  2.175   -0.788  1.00 16.06 ? 615 LYS A O   1 
ATOM   810  C CB  . LYS A 1 123 ? 10.494  2.669   -4.018  1.00 17.41 ? 615 LYS A CB  1 
ATOM   811  C CG  . LYS A 1 123 ? 10.199  1.187   -3.850  1.00 15.29 ? 615 LYS A CG  1 
ATOM   812  C CD  . LYS A 1 123 ? 10.339  0.440   -5.170  1.00 16.79 ? 615 LYS A CD  1 
ATOM   813  C CE  . LYS A 1 123 ? 11.789  0.162   -5.537  1.00 19.81 ? 615 LYS A CE  1 
ATOM   814  N NZ  . LYS A 1 123 ? 11.823  -0.498  -6.885  1.00 21.81 ? 615 LYS A NZ  1 
ATOM   815  N N   . GLU A 1 124 ? 12.587  3.384   -1.742  1.00 12.43 ? 616 GLU A N   1 
ATOM   816  C CA  . GLU A 1 124 ? 13.582  2.931   -0.774  1.00 12.95 ? 616 GLU A CA  1 
ATOM   817  C C   . GLU A 1 124 ? 13.140  3.218   0.656   1.00 15.17 ? 616 GLU A C   1 
ATOM   818  O O   . GLU A 1 124 ? 13.221  2.361   1.526   1.00 13.40 ? 616 GLU A O   1 
ATOM   819  C CB  . GLU A 1 124 ? 14.927  3.633   -0.994  1.00 18.37 ? 616 GLU A CB  1 
ATOM   820  C CG  . GLU A 1 124 ? 15.671  3.238   -2.249  1.00 25.13 ? 616 GLU A CG  1 
ATOM   821  C CD  . GLU A 1 124 ? 17.042  3.890   -2.306  1.00 29.19 ? 616 GLU A CD  1 
ATOM   822  O OE1 . GLU A 1 124 ? 17.126  5.136   -2.476  1.00 23.96 ? 616 GLU A OE1 1 
ATOM   823  O OE2 . GLU A 1 124 ? 18.034  3.149   -2.160  1.00 31.10 ? 616 GLU A OE2 1 
ATOM   824  N N   . LYS A 1 125 ? 12.690  4.444   0.892   1.00 13.62 ? 617 LYS A N   1 
ATOM   825  C CA  . LYS A 1 125 ? 12.252  4.833   2.231   1.00 11.24 ? 617 LYS A CA  1 
ATOM   826  C C   . LYS A 1 125 ? 11.000  4.061   2.638   1.00 12.24 ? 617 LYS A C   1 
ATOM   827  O O   . LYS A 1 125 ? 10.874  3.638   3.780   1.00 12.01 ? 617 LYS A O   1 
ATOM   828  C CB  . LYS A 1 125 ? 11.957  6.338   2.256   1.00 15.98 ? 617 LYS A CB  1 
ATOM   829  C CG  . LYS A 1 125 ? 11.267  6.852   3.526   1.00 17.37 ? 617 LYS A CG  1 
ATOM   830  C CD  . LYS A 1 125 ? 12.247  7.326   4.579   1.00 31.31 ? 617 LYS A CD  1 
ATOM   831  C CE  . LYS A 1 125 ? 13.008  6.194   5.216   1.00 34.72 ? 617 LYS A CE  1 
ATOM   832  N NZ  . LYS A 1 125 ? 14.089  6.702   6.112   1.00 36.60 ? 617 LYS A NZ  1 
ATOM   833  N N   . LEU A 1 126 ? 10.074  3.882   1.702   1.00 12.25 ? 618 LEU A N   1 
ATOM   834  C CA  . LEU A 1 126 ? 8.826   3.163   2.013   1.00 11.47 ? 618 LEU A CA  1 
ATOM   835  C C   . LEU A 1 126 ? 9.137   1.703   2.360   1.00 16.02 ? 618 LEU A C   1 
ATOM   836  O O   . LEU A 1 126 ? 8.485   1.106   3.230   1.00 11.53 ? 618 LEU A O   1 
ATOM   837  C CB  . LEU A 1 126 ? 7.863   3.254   0.824   1.00 11.11 ? 618 LEU A CB  1 
ATOM   838  C CG  . LEU A 1 126 ? 7.358   4.669   0.485   1.00 13.14 ? 618 LEU A CG  1 
ATOM   839  C CD1 . LEU A 1 126 ? 6.537   4.647   -0.812  1.00 12.91 ? 618 LEU A CD1 1 
ATOM   840  C CD2 . LEU A 1 126 ? 6.503   5.219   1.657   1.00 13.98 ? 618 LEU A CD2 1 
ATOM   841  N N   . ALA A 1 127 ? 10.128  1.122   1.687   1.00 13.87 ? 619 ALA A N   1 
ATOM   842  C CA  . ALA A 1 127 ? 10.509  -0.254  1.998   1.00 13.99 ? 619 ALA A CA  1 
ATOM   843  C C   . ALA A 1 127 ? 11.147  -0.324  3.391   1.00 13.85 ? 619 ALA A C   1 
ATOM   844  O O   . ALA A 1 127 ? 10.907  -1.278  4.141   1.00 14.64 ? 619 ALA A O   1 
ATOM   845  C CB  . ALA A 1 127 ? 11.469  -0.810  0.930   1.00 13.21 ? 619 ALA A CB  1 
ATOM   846  N N   . GLU A 1 128 ? 11.948  0.677   3.766   1.00 15.16 ? 620 GLU A N   1 
ATOM   847  C CA  . GLU A 1 128 ? 12.553  0.669   5.098   1.00 15.34 ? 620 GLU A CA  1 
ATOM   848  C C   . GLU A 1 128 ? 11.446  0.758   6.150   1.00 16.06 ? 620 GLU A C   1 
ATOM   849  O O   . GLU A 1 128 ? 11.514  0.121   7.203   1.00 15.20 ? 620 GLU A O   1 
ATOM   850  C CB  . GLU A 1 128 ? 13.518  1.857   5.283   1.00 17.55 ? 620 GLU A CB  1 
ATOM   851  C CG  . GLU A 1 128 ? 14.649  1.866   4.269   1.00 29.19 ? 620 GLU A CG  1 
ATOM   852  C CD  . GLU A 1 128 ? 15.670  2.959   4.523   1.00 38.13 ? 620 GLU A CD  1 
ATOM   853  O OE1 . GLU A 1 128 ? 15.266  4.125   4.713   1.00 40.51 ? 620 GLU A OE1 1 
ATOM   854  O OE2 . GLU A 1 128 ? 16.881  2.645   4.520   1.00 43.13 ? 620 GLU A OE2 1 
ATOM   855  N N   . ILE A 1 129 ? 10.428  1.560   5.864   1.00 13.42 ? 621 ILE A N   1 
ATOM   856  C CA  . ILE A 1 129 ? 9.316   1.717   6.801   1.00 13.59 ? 621 ILE A CA  1 
ATOM   857  C C   . ILE A 1 129 ? 8.566   0.376   6.904   1.00 15.12 ? 621 ILE A C   1 
ATOM   858  O O   . ILE A 1 129 ? 8.197   -0.062  7.997   1.00 12.59 ? 621 ILE A O   1 
ATOM   859  C CB  . ILE A 1 129 ? 8.372   2.870   6.336   1.00 12.06 ? 621 ILE A CB  1 
ATOM   860  C CG1 . ILE A 1 129 ? 9.046   4.221   6.619   1.00 14.18 ? 621 ILE A CG1 1 
ATOM   861  C CG2 . ILE A 1 129 ? 7.023   2.801   7.060   1.00 14.05 ? 621 ILE A CG2 1 
ATOM   862  C CD1 . ILE A 1 129 ? 8.512   5.379   5.786   1.00 16.14 ? 621 ILE A CD1 1 
ATOM   863  N N   . ALA A 1 130 ? 8.375   -0.287  5.770   1.00 14.69 ? 622 ALA A N   1 
ATOM   864  C CA  . ALA A 1 130 ? 7.695   -1.584  5.775   1.00 13.99 ? 622 ALA A CA  1 
ATOM   865  C C   . ALA A 1 130 ? 8.484   -2.559  6.655   1.00 15.27 ? 622 ALA A C   1 
ATOM   866  O O   . ALA A 1 130 ? 7.910   -3.350  7.402   1.00 14.61 ? 622 ALA A O   1 
ATOM   867  C CB  . ALA A 1 130 ? 7.581   -2.130  4.353   1.00 15.82 ? 622 ALA A CB  1 
ATOM   868  N N   . LEU A 1 131 ? 9.809   -2.495  6.584   1.00 13.75 ? 623 LEU A N   1 
ATOM   869  C CA  . LEU A 1 131 ? 10.623  -3.391  7.404   1.00 17.30 ? 623 LEU A CA  1 
ATOM   870  C C   . LEU A 1 131 ? 10.543  -3.018  8.887   1.00 16.36 ? 623 LEU A C   1 
ATOM   871  O O   . LEU A 1 131 ? 10.669  -3.878  9.761   1.00 16.43 ? 623 LEU A O   1 
ATOM   872  C CB  . LEU A 1 131 ? 12.071  -3.395  6.892   1.00 16.85 ? 623 LEU A CB  1 
ATOM   873  C CG  . LEU A 1 131 ? 12.192  -4.072  5.519   1.00 20.68 ? 623 LEU A CG  1 
ATOM   874  C CD1 . LEU A 1 131 ? 13.641  -4.002  5.020   1.00 24.29 ? 623 LEU A CD1 1 
ATOM   875  C CD2 . LEU A 1 131 ? 11.714  -5.526  5.603   1.00 26.52 ? 623 LEU A CD2 1 
ATOM   876  N N   . GLN A 1 132 ? 10.306  -1.743  9.174   1.00 15.83 ? 624 GLN A N   1 
ATOM   877  C CA  . GLN A 1 132 ? 10.176  -1.309  10.558  1.00 15.72 ? 624 GLN A CA  1 
ATOM   878  C C   . GLN A 1 132 ? 8.848   -1.859  11.105  1.00 15.53 ? 624 GLN A C   1 
ATOM   879  O O   . GLN A 1 132 ? 8.784   -2.348  12.245  1.00 15.51 ? 624 GLN A O   1 
ATOM   880  C CB  . GLN A 1 132 ? 10.201  0.220   10.651  1.00 14.95 ? 624 GLN A CB  1 
ATOM   881  C CG  . GLN A 1 132 ? 10.079  0.746   12.084  1.00 19.86 ? 624 GLN A CG  1 
ATOM   882  C CD  . GLN A 1 132 ? 10.300  2.251   12.180  1.00 22.77 ? 624 GLN A CD  1 
ATOM   883  O OE1 . GLN A 1 132 ? 9.510   3.043   11.672  1.00 30.39 ? 624 GLN A OE1 1 
ATOM   884  N NE2 . GLN A 1 132 ? 11.383  2.645   12.839  1.00 29.36 ? 624 GLN A NE2 1 
ATOM   885  N N   . PHE A 1 133 ? 7.792   -1.789  10.294  1.00 14.30 ? 625 PHE A N   1 
ATOM   886  C CA  . PHE A 1 133 ? 6.482   -2.314  10.710  1.00 14.70 ? 625 PHE A CA  1 
ATOM   887  C C   . PHE A 1 133 ? 6.628   -3.812  10.936  1.00 15.91 ? 625 PHE A C   1 
ATOM   888  O O   . PHE A 1 133 ? 5.985   -4.388  11.815  1.00 13.92 ? 625 PHE A O   1 
ATOM   889  C CB  . PHE A 1 133 ? 5.420   -2.141  9.616   1.00 11.19 ? 625 PHE A CB  1 
ATOM   890  C CG  . PHE A 1 133 ? 4.644   -0.839  9.675   1.00 12.54 ? 625 PHE A CG  1 
ATOM   891  C CD1 . PHE A 1 133 ? 5.237   0.358   9.298   1.00 14.77 ? 625 PHE A CD1 1 
ATOM   892  C CD2 . PHE A 1 133 ? 3.301   -0.833  10.045  1.00 12.58 ? 625 PHE A CD2 1 
ATOM   893  C CE1 . PHE A 1 133 ? 4.499   1.554   9.283   1.00 16.71 ? 625 PHE A CE1 1 
ATOM   894  C CE2 . PHE A 1 133 ? 2.545   0.357   10.035  1.00 10.07 ? 625 PHE A CE2 1 
ATOM   895  C CZ  . PHE A 1 133 ? 3.151   1.557   9.651   1.00 13.98 ? 625 PHE A CZ  1 
ATOM   896  N N   . ALA A 1 134 ? 7.460   -4.441  10.109  1.00 14.50 ? 626 ALA A N   1 
ATOM   897  C CA  . ALA A 1 134 ? 7.685   -5.872  10.209  1.00 16.99 ? 626 ALA A CA  1 
ATOM   898  C C   . ALA A 1 134 ? 8.338   -6.251  11.536  1.00 19.17 ? 626 ALA A C   1 
ATOM   899  O O   . ALA A 1 134 ? 7.897   -7.182  12.214  1.00 20.07 ? 626 ALA A O   1 
ATOM   900  C CB  . ALA A 1 134 ? 8.556   -6.351  9.035   1.00 15.55 ? 626 ALA A CB  1 
ATOM   901  N N   . ARG A 1 135 ? 9.386   -5.523  11.904  1.00 19.29 ? 627 ARG A N   1 
ATOM   902  C CA  . ARG A 1 135 ? 10.113  -5.804  13.134  1.00 20.01 ? 627 ARG A CA  1 
ATOM   903  C C   . ARG A 1 135 ? 9.402   -5.390  14.414  1.00 20.97 ? 627 ARG A C   1 
ATOM   904  O O   . ARG A 1 135 ? 9.488   -6.082  15.430  1.00 22.67 ? 627 ARG A O   1 
ATOM   905  C CB  . ARG A 1 135 ? 11.485  -5.117  13.108  1.00 24.76 ? 627 ARG A CB  1 
ATOM   906  C CG  . ARG A 1 135 ? 12.400  -5.575  11.989  1.00 34.74 ? 627 ARG A CG  1 
ATOM   907  C CD  . ARG A 1 135 ? 13.809  -5.007  12.177  1.00 38.31 ? 627 ARG A CD  1 
ATOM   908  N NE  . ARG A 1 135 ? 13.808  -3.547  12.220  1.00 40.77 ? 627 ARG A NE  1 
ATOM   909  C CZ  . ARG A 1 135 ? 13.786  -2.766  11.143  1.00 39.37 ? 627 ARG A CZ  1 
ATOM   910  N NH1 . ARG A 1 135 ? 13.774  -3.301  9.929   1.00 40.72 ? 627 ARG A NH1 1 
ATOM   911  N NH2 . ARG A 1 135 ? 13.762  -1.449  11.283  1.00 37.66 ? 627 ARG A NH2 1 
ATOM   912  N N   . GLU A 1 136 ? 8.699   -4.267  14.369  1.00 18.59 ? 628 GLU A N   1 
ATOM   913  C CA  . GLU A 1 136 ? 8.034   -3.753  15.560  1.00 17.67 ? 628 GLU A CA  1 
ATOM   914  C C   . GLU A 1 136 ? 6.562   -4.112  15.736  1.00 17.57 ? 628 GLU A C   1 
ATOM   915  O O   . GLU A 1 136 ? 6.041   -4.018  16.845  1.00 18.99 ? 628 GLU A O   1 
ATOM   916  C CB  . GLU A 1 136 ? 8.130   -2.230  15.582  1.00 17.60 ? 628 GLU A CB  1 
ATOM   917  C CG  . GLU A 1 136 ? 9.530   -1.625  15.454  1.00 19.30 ? 628 GLU A CG  1 
ATOM   918  C CD  . GLU A 1 136 ? 10.469  -2.003  16.580  1.00 23.44 ? 628 GLU A CD  1 
ATOM   919  O OE1 . GLU A 1 136 ? 10.000  -2.417  17.663  1.00 23.59 ? 628 GLU A OE1 1 
ATOM   920  O OE2 . GLU A 1 136 ? 11.690  -1.862  16.374  1.00 26.11 ? 628 GLU A OE2 1 
ATOM   921  N N   . ALA A 1 137 ? 5.892   -4.503  14.655  1.00 16.13 ? 629 ALA A N   1 
ATOM   922  C CA  . ALA A 1 137 ? 4.461   -4.780  14.726  1.00 16.73 ? 629 ALA A CA  1 
ATOM   923  C C   . ALA A 1 137 ? 3.975   -6.036  14.015  1.00 16.72 ? 629 ALA A C   1 
ATOM   924  O O   . ALA A 1 137 ? 2.770   -6.193  13.799  1.00 17.04 ? 629 ALA A O   1 
ATOM   925  C CB  . ALA A 1 137 ? 3.688   -3.560  14.202  1.00 18.64 ? 629 ALA A CB  1 
ATOM   926  N N   . GLY A 1 138 ? 4.904   -6.902  13.621  1.00 14.70 ? 630 GLY A N   1 
ATOM   927  C CA  . GLY A 1 138 ? 4.542   -8.156  12.976  1.00 16.98 ? 630 GLY A CA  1 
ATOM   928  C C   . GLY A 1 138 ? 3.842   -8.085  11.637  1.00 15.08 ? 630 GLY A C   1 
ATOM   929  O O   . GLY A 1 138 ? 3.111   -9.010  11.261  1.00 18.10 ? 630 GLY A O   1 
ATOM   930  N N   . LEU A 1 139 ? 4.075   -7.010  10.894  1.00 14.27 ? 631 LEU A N   1 
ATOM   931  C CA  . LEU A 1 139 ? 3.427   -6.835  9.598   1.00 14.52 ? 631 LEU A CA  1 
ATOM   932  C C   . LEU A 1 139 ? 3.569   -8.026  8.645   1.00 16.46 ? 631 LEU A C   1 
ATOM   933  O O   . LEU A 1 139 ? 2.630   -8.367  7.926   1.00 16.71 ? 631 LEU A O   1 
ATOM   934  C CB  . LEU A 1 139 ? 3.977   -5.591  8.891   1.00 14.77 ? 631 LEU A CB  1 
ATOM   935  C CG  . LEU A 1 139 ? 3.319   -5.268  7.541   1.00 14.81 ? 631 LEU A CG  1 
ATOM   936  C CD1 . LEU A 1 139 ? 1.903   -4.772  7.804   1.00 13.56 ? 631 LEU A CD1 1 
ATOM   937  C CD2 . LEU A 1 139 ? 4.123   -4.176  6.789   1.00 11.51 ? 631 LEU A CD2 1 
ATOM   938  N N   . THR A 1 140 ? 4.741   -8.644  8.636   1.00 15.89 ? 632 THR A N   1 
ATOM   939  C CA  . THR A 1 140 ? 5.013   -9.754  7.719   1.00 17.50 ? 632 THR A CA  1 
ATOM   940  C C   . THR A 1 140 ? 5.044   -11.134 8.372   1.00 18.08 ? 632 THR A C   1 
ATOM   941  O O   . THR A 1 140 ? 5.544   -12.085 7.778   1.00 19.71 ? 632 THR A O   1 
ATOM   942  C CB  . THR A 1 140 ? 6.369   -9.554  7.020   1.00 16.30 ? 632 THR A CB  1 
ATOM   943  O OG1 . THR A 1 140 ? 7.407   -9.504  8.005   1.00 17.56 ? 632 THR A OG1 1 
ATOM   944  C CG2 . THR A 1 140 ? 6.380   -8.243  6.228   1.00 16.67 ? 632 THR A CG2 1 
ATOM   945  N N   . ARG A 1 141 ? 4.485   -11.245 9.564   1.00 19.34 ? 633 ARG A N   1 
ATOM   946  C CA  . ARG A 1 141 ? 4.519   -12.505 10.291  1.00 20.42 ? 633 ARG A CA  1 
ATOM   947  C C   . ARG A 1 141 ? 3.871   -13.694 9.604   1.00 20.68 ? 633 ARG A C   1 
ATOM   948  O O   . ARG A 1 141 ? 4.213   -14.840 9.908   1.00 22.27 ? 633 ARG A O   1 
ATOM   949  C CB  . ARG A 1 141 ? 3.918   -12.320 11.685  1.00 17.21 ? 633 ARG A CB  1 
ATOM   950  C CG  . ARG A 1 141 ? 2.447   -11.981 11.720  1.00 23.63 ? 633 ARG A CG  1 
ATOM   951  C CD  . ARG A 1 141 ? 2.010   -11.812 13.165  1.00 25.19 ? 633 ARG A CD  1 
ATOM   952  N NE  . ARG A 1 141 ? 0.576   -11.565 13.308  1.00 32.46 ? 633 ARG A NE  1 
ATOM   953  C CZ  . ARG A 1 141 ? -0.018  -10.393 13.091  1.00 40.45 ? 633 ARG A CZ  1 
ATOM   954  N NH1 . ARG A 1 141 ? 0.693   -9.334  12.715  1.00 43.14 ? 633 ARG A NH1 1 
ATOM   955  N NH2 . ARG A 1 141 ? -1.330  -10.276 13.266  1.00 43.16 ? 633 ARG A NH2 1 
ATOM   956  N N   . LEU A 1 142 ? 2.949   -13.448 8.679   1.00 19.10 ? 634 LEU A N   1 
ATOM   957  C CA  . LEU A 1 142 ? 2.290   -14.560 8.000   1.00 21.71 ? 634 LEU A CA  1 
ATOM   958  C C   . LEU A 1 142 ? 3.059   -15.021 6.776   1.00 22.06 ? 634 LEU A C   1 
ATOM   959  O O   . LEU A 1 142 ? 2.628   -15.929 6.064   1.00 21.63 ? 634 LEU A O   1 
ATOM   960  C CB  . LEU A 1 142 ? 0.862   -14.193 7.609   1.00 17.47 ? 634 LEU A CB  1 
ATOM   961  C CG  . LEU A 1 142 ? -0.068  -13.902 8.789   1.00 20.98 ? 634 LEU A CG  1 
ATOM   962  C CD1 . LEU A 1 142 ? -1.497  -13.789 8.269   1.00 18.22 ? 634 LEU A CD1 1 
ATOM   963  C CD2 . LEU A 1 142 ? 0.036   -15.030 9.833   1.00 21.03 ? 634 LEU A CD2 1 
ATOM   964  N N   . LYS A 1 143 ? 4.194   -14.380 6.533   1.00 20.82 ? 635 LYS A N   1 
ATOM   965  C CA  . LYS A 1 143 ? 5.059   -14.732 5.412   1.00 21.60 ? 635 LYS A CA  1 
ATOM   966  C C   . LYS A 1 143 ? 4.292   -14.910 4.102   1.00 20.86 ? 635 LYS A C   1 
ATOM   967  O O   . LYS A 1 143 ? 3.530   -14.041 3.705   1.00 20.16 ? 635 LYS A O   1 
ATOM   968  C CB  . LYS A 1 143 ? 5.823   -16.008 5.751   1.00 25.15 ? 635 LYS A CB  1 
ATOM   969  C CG  . LYS A 1 143 ? 6.574   -15.948 7.070   1.00 29.96 ? 635 LYS A CG  1 
ATOM   970  C CD  . LYS A 1 143 ? 7.227   -17.297 7.379   1.00 39.15 ? 635 LYS A CD  1 
ATOM   971  C CE  . LYS A 1 143 ? 8.047   -17.258 8.665   1.00 42.67 ? 635 LYS A CE  1 
ATOM   972  N NZ  . LYS A 1 143 ? 9.264   -16.414 8.529   1.00 45.08 ? 635 LYS A NZ  1 
ATOM   973  N N   . GLY A 1 144 ? 4.475   -16.047 3.435   1.00 21.24 ? 636 GLY A N   1 
ATOM   974  C CA  . GLY A 1 144 ? 3.783   -16.264 2.176   1.00 21.09 ? 636 GLY A CA  1 
ATOM   975  C C   . GLY A 1 144 ? 2.263   -16.327 2.269   1.00 20.10 ? 636 GLY A C   1 
ATOM   976  O O   . GLY A 1 144 ? 1.566   -16.238 1.256   1.00 21.15 ? 636 GLY A O   1 
ATOM   977  N N   . GLU A 1 145 ? 1.739   -16.486 3.477   1.00 18.53 ? 637 GLU A N   1 
ATOM   978  C CA  . GLU A 1 145 ? 0.294   -16.560 3.661   1.00 17.78 ? 637 GLU A CA  1 
ATOM   979  C C   . GLU A 1 145 ? -0.295  -15.177 3.898   1.00 18.14 ? 637 GLU A C   1 
ATOM   980  O O   . GLU A 1 145 ? -1.472  -15.031 4.203   1.00 19.57 ? 637 GLU A O   1 
ATOM   981  C CB  . GLU A 1 145 ? -0.054  -17.481 4.838   1.00 21.07 ? 637 GLU A CB  1 
ATOM   982  C CG  . GLU A 1 145 ? 0.285   -18.947 4.596   1.00 25.32 ? 637 GLU A CG  1 
ATOM   983  C CD  . GLU A 1 145 ? -0.390  -19.513 3.358   1.00 22.56 ? 637 GLU A CD  1 
ATOM   984  O OE1 . GLU A 1 145 ? -1.581  -19.215 3.125   1.00 21.78 ? 637 GLU A OE1 1 
ATOM   985  O OE2 . GLU A 1 145 ? 0.275   -20.267 2.624   1.00 33.56 ? 637 GLU A OE2 1 
ATOM   986  N N   . THR A 1 146 ? 0.544   -14.157 3.767   1.00 17.68 ? 638 THR A N   1 
ATOM   987  C CA  . THR A 1 146 ? 0.095   -12.779 3.923   1.00 15.73 ? 638 THR A CA  1 
ATOM   988  C C   . THR A 1 146 ? -0.978  -12.548 2.852   1.00 14.76 ? 638 THR A C   1 
ATOM   989  O O   . THR A 1 146 ? -0.831  -13.023 1.719   1.00 16.16 ? 638 THR A O   1 
ATOM   990  C CB  . THR A 1 146 ? 1.292   -11.820 3.710   1.00 15.61 ? 638 THR A CB  1 
ATOM   991  O OG1 . THR A 1 146 ? 2.233   -11.999 4.778   1.00 16.34 ? 638 THR A OG1 1 
ATOM   992  C CG2 . THR A 1 146 ? 0.829   -10.369 3.667   1.00 16.39 ? 638 THR A CG2 1 
ATOM   993  N N   . ASP A 1 147 ? -2.045  -11.827 3.188   1.00 15.57 ? 639 ASP A N   1 
ATOM   994  C CA  . ASP A 1 147 ? -3.124  -11.604 2.227   1.00 15.11 ? 639 ASP A CA  1 
ATOM   995  C C   . ASP A 1 147 ? -2.679  -10.947 0.917   1.00 16.24 ? 639 ASP A C   1 
ATOM   996  O O   . ASP A 1 147 ? -1.643  -10.278 0.838   1.00 14.60 ? 639 ASP A O   1 
ATOM   997  C CB  . ASP A 1 147 ? -4.265  -10.787 2.842   1.00 15.94 ? 639 ASP A CB  1 
ATOM   998  C CG  . ASP A 1 147 ? -3.888  -9.336  3.077   1.00 16.95 ? 639 ASP A CG  1 
ATOM   999  O OD1 . ASP A 1 147 ? -3.338  -9.029  4.153   1.00 16.90 ? 639 ASP A OD1 1 
ATOM   1000 O OD2 . ASP A 1 147 ? -4.147  -8.509  2.173   1.00 16.49 ? 639 ASP A OD2 1 
ATOM   1001 N N   . TYR A 1 148 ? -3.507  -11.146 -0.101  1.00 14.82 ? 640 TYR A N   1 
ATOM   1002 C CA  . TYR A 1 148 ? -3.259  -10.660 -1.448  1.00 17.36 ? 640 TYR A CA  1 
ATOM   1003 C C   . TYR A 1 148 ? -2.890  -9.186  -1.570  1.00 15.22 ? 640 TYR A C   1 
ATOM   1004 O O   . TYR A 1 148 ? -1.854  -8.841  -2.137  1.00 15.73 ? 640 TYR A O   1 
ATOM   1005 C CB  . TYR A 1 148 ? -4.488  -10.944 -2.310  1.00 16.86 ? 640 TYR A CB  1 
ATOM   1006 C CG  . TYR A 1 148 ? -4.367  -10.482 -3.742  1.00 14.98 ? 640 TYR A CG  1 
ATOM   1007 C CD1 . TYR A 1 148 ? -3.644  -11.229 -4.678  1.00 15.99 ? 640 TYR A CD1 1 
ATOM   1008 C CD2 . TYR A 1 148 ? -4.993  -9.306  -4.168  1.00 15.46 ? 640 TYR A CD2 1 
ATOM   1009 C CE1 . TYR A 1 148 ? -3.554  -10.813 -6.009  1.00 13.37 ? 640 TYR A CE1 1 
ATOM   1010 C CE2 . TYR A 1 148 ? -4.915  -8.887  -5.484  1.00 15.57 ? 640 TYR A CE2 1 
ATOM   1011 C CZ  . TYR A 1 148 ? -4.194  -9.644  -6.402  1.00 17.49 ? 640 TYR A CZ  1 
ATOM   1012 O OH  . TYR A 1 148 ? -4.116  -9.233  -7.715  1.00 18.52 ? 640 TYR A OH  1 
ATOM   1013 N N   . VAL A 1 149 ? -3.738  -8.308  -1.054  1.00 13.00 ? 641 VAL A N   1 
ATOM   1014 C CA  . VAL A 1 149 ? -3.447  -6.883  -1.187  1.00 13.64 ? 641 VAL A CA  1 
ATOM   1015 C C   . VAL A 1 149 ? -2.142  -6.501  -0.503  1.00 14.90 ? 641 VAL A C   1 
ATOM   1016 O O   . VAL A 1 149 ? -1.281  -5.879  -1.120  1.00 12.63 ? 641 VAL A O   1 
ATOM   1017 C CB  . VAL A 1 149 ? -4.581  -6.016  -0.627  1.00 11.69 ? 641 VAL A CB  1 
ATOM   1018 C CG1 . VAL A 1 149 ? -4.156  -4.546  -0.650  1.00 12.73 ? 641 VAL A CG1 1 
ATOM   1019 C CG2 . VAL A 1 149 ? -5.840  -6.185  -1.487  1.00 13.20 ? 641 VAL A CG2 1 
ATOM   1020 N N   . LEU A 1 150 ? -1.972  -6.890  0.760   1.00 13.76 ? 642 LEU A N   1 
ATOM   1021 C CA  . LEU A 1 150 ? -0.732  -6.517  1.452   1.00 12.18 ? 642 LEU A CA  1 
ATOM   1022 C C   . LEU A 1 150 ? 0.497   -7.132  0.784   1.00 14.58 ? 642 LEU A C   1 
ATOM   1023 O O   . LEU A 1 150 ? 1.545   -6.483  0.681   1.00 13.61 ? 642 LEU A O   1 
ATOM   1024 C CB  . LEU A 1 150 ? -0.806  -6.905  2.932   1.00 11.39 ? 642 LEU A CB  1 
ATOM   1025 C CG  . LEU A 1 150 ? 0.437   -6.670  3.807   1.00 13.92 ? 642 LEU A CG  1 
ATOM   1026 C CD1 . LEU A 1 150 ? 0.838   -5.174  3.812   1.00 12.69 ? 642 LEU A CD1 1 
ATOM   1027 C CD2 . LEU A 1 150 ? 0.119   -7.140  5.227   1.00 15.58 ? 642 LEU A CD2 1 
ATOM   1028 N N   . SER A 1 151 ? 0.375   -8.373  0.313   1.00 12.78 ? 643 SER A N   1 
ATOM   1029 C CA  . SER A 1 151 ? 1.491   -9.023  -0.374  1.00 13.19 ? 643 SER A CA  1 
ATOM   1030 C C   . SER A 1 151 ? 1.890   -8.273  -1.646  1.00 13.08 ? 643 SER A C   1 
ATOM   1031 O O   . SER A 1 151 ? 3.078   -8.127  -1.936  1.00 13.75 ? 643 SER A O   1 
ATOM   1032 C CB  . SER A 1 151 ? 1.128   -10.463 -0.761  1.00 14.52 ? 643 SER A CB  1 
ATOM   1033 O OG  . SER A 1 151 ? 1.022   -11.263 0.394   1.00 18.49 ? 643 SER A OG  1 
ATOM   1034 N N   . ASN A 1 152 ? 0.902   -7.817  -2.416  1.00 11.24 ? 644 ASN A N   1 
ATOM   1035 C CA  . ASN A 1 152 ? 1.223   -7.114  -3.646  1.00 14.42 ? 644 ASN A CA  1 
ATOM   1036 C C   . ASN A 1 152 ? 1.858   -5.758  -3.367  1.00 13.94 ? 644 ASN A C   1 
ATOM   1037 O O   . ASN A 1 152 ? 2.749   -5.330  -4.096  1.00 12.38 ? 644 ASN A O   1 
ATOM   1038 C CB  . ASN A 1 152 ? -0.016  -6.976  -4.525  1.00 14.73 ? 644 ASN A CB  1 
ATOM   1039 C CG  . ASN A 1 152 ? -0.250  -8.207  -5.374  1.00 20.56 ? 644 ASN A CG  1 
ATOM   1040 O OD1 . ASN A 1 152 ? 0.329   -8.346  -6.458  1.00 23.37 ? 644 ASN A OD1 1 
ATOM   1041 N ND2 . ASN A 1 152 ? -1.067  -9.123  -4.878  1.00 19.91 ? 644 ASN A ND2 1 
ATOM   1042 N N   . VAL A 1 153 ? 1.418   -5.094  -2.305  1.00 11.37 ? 645 VAL A N   1 
ATOM   1043 C CA  . VAL A 1 153 ? 2.018   -3.806  -1.954  1.00 13.06 ? 645 VAL A CA  1 
ATOM   1044 C C   . VAL A 1 153 ? 3.469   -4.048  -1.523  1.00 15.08 ? 645 VAL A C   1 
ATOM   1045 O O   . VAL A 1 153 ? 4.376   -3.349  -1.977  1.00 16.62 ? 645 VAL A O   1 
ATOM   1046 C CB  . VAL A 1 153 ? 1.218   -3.102  -0.822  1.00 12.71 ? 645 VAL A CB  1 
ATOM   1047 C CG1 . VAL A 1 153 ? 1.990   -1.862  -0.287  1.00 10.35 ? 645 VAL A CG1 1 
ATOM   1048 C CG2 . VAL A 1 153 ? -0.139  -2.658  -1.371  1.00 12.82 ? 645 VAL A CG2 1 
ATOM   1049 N N   . LEU A 1 154 ? 3.698   -5.049  -0.666  1.00 12.43 ? 646 LEU A N   1 
ATOM   1050 C CA  . LEU A 1 154 ? 5.053   -5.333  -0.211  1.00 14.53 ? 646 LEU A CA  1 
ATOM   1051 C C   . LEU A 1 154 ? 5.967   -5.764  -1.361  1.00 15.55 ? 646 LEU A C   1 
ATOM   1052 O O   . LEU A 1 154 ? 7.142   -5.388  -1.391  1.00 17.12 ? 646 LEU A O   1 
ATOM   1053 C CB  . LEU A 1 154 ? 5.042   -6.401  0.895   1.00 12.43 ? 646 LEU A CB  1 
ATOM   1054 C CG  . LEU A 1 154 ? 4.465   -5.909  2.237   1.00 15.51 ? 646 LEU A CG  1 
ATOM   1055 C CD1 . LEU A 1 154 ? 4.203   -7.081  3.177   1.00 11.51 ? 646 LEU A CD1 1 
ATOM   1056 C CD2 . LEU A 1 154 ? 5.429   -4.922  2.903   1.00 14.29 ? 646 LEU A CD2 1 
ATOM   1057 N N   . ASP A 1 155 ? 5.439   -6.547  -2.305  1.00 13.36 ? 647 ASP A N   1 
ATOM   1058 C CA  . ASP A 1 155 ? 6.252   -6.970  -3.456  1.00 14.59 ? 647 ASP A CA  1 
ATOM   1059 C C   . ASP A 1 155 ? 6.546   -5.747  -4.337  1.00 16.46 ? 647 ASP A C   1 
ATOM   1060 O O   . ASP A 1 155 ? 7.572   -5.690  -5.012  1.00 18.52 ? 647 ASP A O   1 
ATOM   1061 C CB  . ASP A 1 155 ? 5.535   -8.034  -4.295  1.00 16.08 ? 647 ASP A CB  1 
ATOM   1062 C CG  . ASP A 1 155 ? 5.578   -9.426  -3.660  1.00 20.79 ? 647 ASP A CG  1 
ATOM   1063 O OD1 . ASP A 1 155 ? 6.448   -9.681  -2.807  1.00 19.63 ? 647 ASP A OD1 1 
ATOM   1064 O OD2 . ASP A 1 155 ? 4.738   -10.272 -4.036  1.00 20.06 ? 647 ASP A OD2 1 
ATOM   1065 N N   . GLY A 1 156 ? 5.632   -4.786  -4.350  1.00 14.99 ? 648 GLY A N   1 
ATOM   1066 C CA  . GLY A 1 156 ? 5.860   -3.578  -5.127  1.00 14.78 ? 648 GLY A CA  1 
ATOM   1067 C C   . GLY A 1 156 ? 7.058   -2.819  -4.563  1.00 15.58 ? 648 GLY A C   1 
ATOM   1068 O O   . GLY A 1 156 ? 7.863   -2.255  -5.312  1.00 15.83 ? 648 GLY A O   1 
ATOM   1069 N N   . LEU A 1 157 ? 7.204   -2.824  -3.240  1.00 13.47 ? 649 LEU A N   1 
ATOM   1070 C CA  . LEU A 1 157 ? 8.311   -2.111  -2.584  1.00 13.97 ? 649 LEU A CA  1 
ATOM   1071 C C   . LEU A 1 157 ? 9.618   -2.894  -2.532  1.00 16.52 ? 649 LEU A C   1 
ATOM   1072 O O   . LEU A 1 157 ? 10.707  -2.320  -2.634  1.00 17.84 ? 649 LEU A O   1 
ATOM   1073 C CB  . LEU A 1 157 ? 7.914   -1.758  -1.150  1.00 13.50 ? 649 LEU A CB  1 
ATOM   1074 C CG  . LEU A 1 157 ? 6.702   -0.839  -1.003  1.00 15.59 ? 649 LEU A CG  1 
ATOM   1075 C CD1 . LEU A 1 157 ? 6.331   -0.747  0.486   1.00 13.79 ? 649 LEU A CD1 1 
ATOM   1076 C CD2 . LEU A 1 157 ? 7.026   0.542   -1.562  1.00 14.14 ? 649 LEU A CD2 1 
ATOM   1077 N N   . ILE A 1 158 ? 9.493   -4.204  -2.341  1.00 16.62 ? 650 ILE A N   1 
ATOM   1078 C CA  . ILE A 1 158 ? 10.628  -5.112  -2.224  1.00 18.45 ? 650 ILE A CA  1 
ATOM   1079 C C   . ILE A 1 158 ? 10.453  -6.189  -3.300  1.00 21.18 ? 650 ILE A C   1 
ATOM   1080 O O   . ILE A 1 158 ? 9.897   -7.263  -3.052  1.00 19.64 ? 650 ILE A O   1 
ATOM   1081 C CB  . ILE A 1 158 ? 10.640  -5.747  -0.813  1.00 20.36 ? 650 ILE A CB  1 
ATOM   1082 C CG1 . ILE A 1 158 ? 10.721  -4.634  0.247   1.00 19.50 ? 650 ILE A CG1 1 
ATOM   1083 C CG2 . ILE A 1 158 ? 11.800  -6.743  -0.685  1.00 22.06 ? 650 ILE A CG2 1 
ATOM   1084 C CD1 . ILE A 1 158 ? 10.615  -5.114  1.698   1.00 19.55 ? 650 ILE A CD1 1 
ATOM   1085 N N   . GLY A 1 159 ? 10.919  -5.857  -4.498  1.00 21.66 ? 651 GLY A N   1 
ATOM   1086 C CA  . GLY A 1 159 ? 10.798  -6.723  -5.656  1.00 27.18 ? 651 GLY A CA  1 
ATOM   1087 C C   . GLY A 1 159 ? 11.112  -8.203  -5.570  1.00 27.10 ? 651 GLY A C   1 
ATOM   1088 O O   . GLY A 1 159 ? 10.453  -9.000  -6.239  1.00 31.16 ? 651 GLY A O   1 
ATOM   1089 N N   . ASP A 1 160 ? 12.102  -8.589  -4.779  1.00 30.53 ? 652 ASP A N   1 
ATOM   1090 C CA  . ASP A 1 160 ? 12.442  -10.008 -4.692  1.00 32.79 ? 652 ASP A CA  1 
ATOM   1091 C C   . ASP A 1 160 ? 11.531  -10.789 -3.748  1.00 34.98 ? 652 ASP A C   1 
ATOM   1092 O O   . ASP A 1 160 ? 11.721  -11.991 -3.545  1.00 33.11 ? 652 ASP A O   1 
ATOM   1093 C CB  . ASP A 1 160 ? 13.900  -10.186 -4.259  1.00 36.87 ? 652 ASP A CB  1 
ATOM   1094 C CG  . ASP A 1 160 ? 14.200  -9.528  -2.934  1.00 39.92 ? 652 ASP A CG  1 
ATOM   1095 O OD1 . ASP A 1 160 ? 13.310  -9.520  -2.056  1.00 39.71 ? 652 ASP A OD1 1 
ATOM   1096 O OD2 . ASP A 1 160 ? 15.331  -9.032  -2.763  1.00 44.87 ? 652 ASP A OD2 1 
ATOM   1097 N N   . GLY A 1 161 ? 10.543  -10.104 -3.176  1.00 31.97 ? 653 GLY A N   1 
ATOM   1098 C CA  . GLY A 1 161 ? 9.622   -10.751 -2.257  1.00 30.66 ? 653 GLY A CA  1 
ATOM   1099 C C   . GLY A 1 161 ? 10.268  -11.378 -1.032  1.00 31.69 ? 653 GLY A C   1 
ATOM   1100 O O   . GLY A 1 161 ? 9.622   -12.142 -0.303  1.00 32.24 ? 653 GLY A O   1 
ATOM   1101 N N   . SER A 1 162 ? 11.530  -11.044 -0.787  1.00 31.10 ? 654 SER A N   1 
ATOM   1102 C CA  . SER A 1 162 ? 12.278  -11.597 0.338   1.00 31.37 ? 654 SER A CA  1 
ATOM   1103 C C   . SER A 1 162 ? 11.690  -11.314 1.720   1.00 30.74 ? 654 SER A C   1 
ATOM   1104 O O   . SER A 1 162 ? 12.075  -11.948 2.703   1.00 31.31 ? 654 SER A O   1 
ATOM   1105 C CB  . SER A 1 162 ? 13.740  -11.123 0.292   1.00 33.55 ? 654 SER A CB  1 
ATOM   1106 O OG  . SER A 1 162 ? 13.870  -9.728  0.525   1.00 32.42 ? 654 SER A OG  1 
ATOM   1107 N N   . TRP A 1 163 ? 10.761  -10.371 1.807   1.00 27.89 ? 655 TRP A N   1 
ATOM   1108 C CA  . TRP A 1 163 ? 10.153  -10.054 3.093   1.00 23.81 ? 655 TRP A CA  1 
ATOM   1109 C C   . TRP A 1 163 ? 9.419   -11.279 3.661   1.00 25.72 ? 655 TRP A C   1 
ATOM   1110 O O   . TRP A 1 163 ? 9.126   -11.341 4.857   1.00 26.66 ? 655 TRP A O   1 
ATOM   1111 C CB  . TRP A 1 163 ? 9.192   -8.867  2.940   1.00 21.77 ? 655 TRP A CB  1 
ATOM   1112 C CG  . TRP A 1 163 ? 8.172   -9.039  1.866   1.00 18.98 ? 655 TRP A CG  1 
ATOM   1113 C CD1 . TRP A 1 163 ? 8.263   -8.628  0.565   1.00 19.85 ? 655 TRP A CD1 1 
ATOM   1114 C CD2 . TRP A 1 163 ? 6.907   -9.703  1.991   1.00 15.20 ? 655 TRP A CD2 1 
ATOM   1115 N NE1 . TRP A 1 163 ? 7.129   -8.996  -0.129  1.00 17.20 ? 655 TRP A NE1 1 
ATOM   1116 C CE2 . TRP A 1 163 ? 6.281   -9.658  0.725   1.00 17.85 ? 655 TRP A CE2 1 
ATOM   1117 C CE3 . TRP A 1 163 ? 6.244   -10.331 3.053   1.00 19.10 ? 655 TRP A CE3 1 
ATOM   1118 C CZ2 . TRP A 1 163 ? 5.024   -10.221 0.487   1.00 16.76 ? 655 TRP A CZ2 1 
ATOM   1119 C CZ3 . TRP A 1 163 ? 4.988   -10.893 2.817   1.00 15.77 ? 655 TRP A CZ3 1 
ATOM   1120 C CH2 . TRP A 1 163 ? 4.395   -10.830 1.544   1.00 16.73 ? 655 TRP A CH2 1 
ATOM   1121 N N   . ARG A 1 164 ? 9.120   -12.246 2.799   1.00 24.33 ? 656 ARG A N   1 
ATOM   1122 C CA  . ARG A 1 164 ? 8.435   -13.472 3.216   1.00 30.25 ? 656 ARG A CA  1 
ATOM   1123 C C   . ARG A 1 164 ? 9.379   -14.370 4.016   1.00 36.25 ? 656 ARG A C   1 
ATOM   1124 O O   . ARG A 1 164 ? 8.987   -14.968 5.017   1.00 37.45 ? 656 ARG A O   1 
ATOM   1125 C CB  . ARG A 1 164 ? 7.947   -14.255 2.003   1.00 26.82 ? 656 ARG A CB  1 
ATOM   1126 C CG  . ARG A 1 164 ? 6.862   -13.577 1.190   1.00 27.29 ? 656 ARG A CG  1 
ATOM   1127 C CD  . ARG A 1 164 ? 6.444   -14.471 0.037   1.00 26.78 ? 656 ARG A CD  1 
ATOM   1128 N NE  . ARG A 1 164 ? 5.352   -13.913 -0.755  1.00 26.97 ? 656 ARG A NE  1 
ATOM   1129 C CZ  . ARG A 1 164 ? 5.465   -12.866 -1.564  1.00 21.76 ? 656 ARG A CZ  1 
ATOM   1130 N NH1 . ARG A 1 164 ? 6.627   -12.245 -1.699  1.00 22.69 ? 656 ARG A NH1 1 
ATOM   1131 N NH2 . ARG A 1 164 ? 4.407   -12.440 -2.241  1.00 22.25 ? 656 ARG A NH2 1 
ATOM   1132 N N   . ALA A 1 165 ? 10.622  -14.464 3.554   1.00 40.41 ? 657 ALA A N   1 
ATOM   1133 C CA  . ALA A 1 165 ? 11.627  -15.294 4.211   1.00 44.96 ? 657 ALA A CA  1 
ATOM   1134 C C   . ALA A 1 165 ? 12.695  -14.429 4.864   1.00 46.79 ? 657 ALA A C   1 
ATOM   1135 O O   . ALA A 1 165 ? 12.714  -14.358 6.109   1.00 49.36 ? 657 ALA A O   1 
ATOM   1136 C CB  . ALA A 1 165 ? 12.269  -16.234 3.194   1.00 45.31 ? 657 ALA A CB  1 
HETATM 1137 O O   . HOH B 2 .   ? -2.408  -6.176  11.346  1.00 20.47 ? 1   HOH A O   1 
HETATM 1138 O O   . HOH B 2 .   ? 13.559  6.783   -0.613  1.00 17.82 ? 2   HOH A O   1 
HETATM 1139 O O   . HOH B 2 .   ? -6.692  -2.424  1.400   1.00 14.22 ? 3   HOH A O   1 
HETATM 1140 O O   . HOH B 2 .   ? -2.424  -10.868 5.951   1.00 17.72 ? 4   HOH A O   1 
HETATM 1141 O O   . HOH B 2 .   ? 5.060   10.676  -1.770  1.00 15.11 ? 5   HOH A O   1 
HETATM 1142 O O   . HOH B 2 .   ? -5.797  1.341   5.306   1.00 14.16 ? 6   HOH A O   1 
HETATM 1143 O O   . HOH B 2 .   ? 1.850   -10.972 7.422   1.00 16.76 ? 7   HOH A O   1 
HETATM 1144 O O   . HOH B 2 .   ? -5.649  3.511   3.552   1.00 16.60 ? 8   HOH A O   1 
HETATM 1145 O O   . HOH B 2 .   ? -6.984  -0.406  3.380   1.00 15.84 ? 9   HOH A O   1 
HETATM 1146 O O   . HOH B 2 .   ? -13.942 -7.400  -9.564  1.00 29.25 ? 10  HOH A O   1 
HETATM 1147 O O   . HOH B 2 .   ? -7.850  -4.695  2.222   1.00 16.05 ? 11  HOH A O   1 
HETATM 1148 O O   . HOH B 2 .   ? 13.514  4.837   -4.046  1.00 17.29 ? 12  HOH A O   1 
HETATM 1149 O O   . HOH B 2 .   ? 6.749   -9.265  10.903  1.00 19.69 ? 13  HOH A O   1 
HETATM 1150 O O   . HOH B 2 .   ? -16.402 2.981   9.640   1.00 19.84 ? 14  HOH A O   1 
HETATM 1151 O O   . HOH B 2 .   ? -2.464  -10.618 -9.317  1.00 22.60 ? 15  HOH A O   1 
HETATM 1152 O O   . HOH B 2 .   ? -5.553  -13.400 0.214   1.00 23.48 ? 16  HOH A O   1 
HETATM 1153 O O   . HOH B 2 .   ? 8.855   5.625   19.724  1.00 24.96 ? 17  HOH A O   1 
HETATM 1154 O O   . HOH B 2 .   ? 7.413   11.122  -3.284  1.00 16.90 ? 18  HOH A O   1 
HETATM 1155 O O   . HOH B 2 .   ? -0.571  6.504   10.985  1.00 25.37 ? 19  HOH A O   1 
HETATM 1156 O O   . HOH B 2 .   ? -6.070  -9.003  0.524   1.00 20.28 ? 20  HOH A O   1 
HETATM 1157 O O   . HOH B 2 .   ? -7.350  -11.343 1.104   1.00 25.34 ? 21  HOH A O   1 
HETATM 1158 O O   . HOH B 2 .   ? -4.707  -3.826  10.701  1.00 28.90 ? 22  HOH A O   1 
HETATM 1159 O O   . HOH B 2 .   ? 1.178   12.088  5.997   1.00 21.37 ? 23  HOH A O   1 
HETATM 1160 O O   . HOH B 2 .   ? 8.906   17.486  2.780   1.00 24.23 ? 24  HOH A O   1 
HETATM 1161 O O   . HOH B 2 .   ? 3.747   14.246  5.750   1.00 17.29 ? 25  HOH A O   1 
HETATM 1162 O O   . HOH B 2 .   ? -4.366  7.239   4.141   1.00 19.70 ? 26  HOH A O   1 
HETATM 1163 O O   . HOH B 2 .   ? 12.547  12.544  3.144   1.00 21.16 ? 27  HOH A O   1 
HETATM 1164 O O   . HOH B 2 .   ? -2.514  2.573   22.970  1.00 24.60 ? 28  HOH A O   1 
HETATM 1165 O O   . HOH B 2 .   ? -14.061 -2.447  -0.155  1.00 20.77 ? 29  HOH A O   1 
HETATM 1166 O O   . HOH B 2 .   ? 10.960  6.813   -9.771  1.00 20.41 ? 30  HOH A O   1 
HETATM 1167 O O   . HOH B 2 .   ? -0.182  -7.531  10.276  1.00 32.92 ? 31  HOH A O   1 
HETATM 1168 O O   . HOH B 2 .   ? 8.426   12.892  -5.238  1.00 30.49 ? 32  HOH A O   1 
HETATM 1169 O O   . HOH B 2 .   ? -8.355  4.494   8.887   1.00 27.20 ? 33  HOH A O   1 
HETATM 1170 O O   . HOH B 2 .   ? -2.239  -14.945 -12.213 1.00 41.14 ? 34  HOH A O   1 
HETATM 1171 O O   . HOH B 2 .   ? -11.821 -9.351  5.860   1.00 26.32 ? 35  HOH A O   1 
HETATM 1172 O O   . HOH B 2 .   ? -16.365 -8.842  0.891   1.00 31.38 ? 36  HOH A O   1 
HETATM 1173 O O   . HOH B 2 .   ? 10.686  9.471   -10.070 1.00 21.60 ? 37  HOH A O   1 
HETATM 1174 O O   . HOH B 2 .   ? 10.393  -2.930  -6.635  1.00 22.50 ? 38  HOH A O   1 
HETATM 1175 O O   . HOH B 2 .   ? 2.075   -5.541  -11.528 1.00 24.99 ? 39  HOH A O   1 
HETATM 1176 O O   . HOH B 2 .   ? 8.609   5.324   13.285  1.00 26.38 ? 40  HOH A O   1 
HETATM 1177 O O   . HOH B 2 .   ? -7.715  1.376   7.204   1.00 27.68 ? 41  HOH A O   1 
HETATM 1178 O O   . HOH B 2 .   ? 8.559   11.075  -9.743  1.00 26.80 ? 42  HOH A O   1 
HETATM 1179 O O   . HOH B 2 .   ? 9.580   6.338   16.372  1.00 34.37 ? 43  HOH A O   1 
HETATM 1180 O O   . HOH B 2 .   ? 6.215   17.897  -0.695  1.00 23.84 ? 44  HOH A O   1 
HETATM 1181 O O   . HOH B 2 .   ? -12.612 3.582   -1.038  1.00 23.93 ? 45  HOH A O   1 
HETATM 1182 O O   . HOH B 2 .   ? -16.441 -5.407  5.991   1.00 26.68 ? 46  HOH A O   1 
HETATM 1183 O O   . HOH B 2 .   ? -15.333 -4.445  -1.171  1.00 30.92 ? 47  HOH A O   1 
HETATM 1184 O O   . HOH B 2 .   ? -12.414 4.884   -5.741  1.00 28.02 ? 48  HOH A O   1 
HETATM 1185 O O   . HOH B 2 .   ? 2.839   -9.753  -5.760  1.00 30.13 ? 49  HOH A O   1 
HETATM 1186 O O   . HOH B 2 .   ? 7.363   15.579  -8.166  1.00 22.58 ? 50  HOH A O   1 
HETATM 1187 O O   . HOH B 2 .   ? 2.157   -13.790 -0.047  1.00 25.19 ? 51  HOH A O   1 
HETATM 1188 O O   . HOH B 2 .   ? -0.688  -10.315 7.794   1.00 23.69 ? 52  HOH A O   1 
HETATM 1189 O O   . HOH B 2 .   ? 9.846   12.833  -11.445 1.00 20.47 ? 53  HOH A O   1 
HETATM 1190 O O   . HOH B 2 .   ? -9.201  -13.906 -12.634 1.00 33.87 ? 54  HOH A O   1 
HETATM 1191 O O   . HOH B 2 .   ? -10.010 10.543  -15.211 1.00 32.67 ? 55  HOH A O   1 
HETATM 1192 O O   . HOH B 2 .   ? -12.738 -1.086  -2.076  1.00 27.18 ? 56  HOH A O   1 
HETATM 1193 O O   . HOH B 2 .   ? -9.086  13.551  -7.426  1.00 37.27 ? 57  HOH A O   1 
HETATM 1194 O O   . HOH B 2 .   ? 0.351   7.207   15.001  1.00 29.24 ? 58  HOH A O   1 
HETATM 1195 O O   . HOH B 2 .   ? -11.526 8.144   -0.270  1.00 26.24 ? 59  HOH A O   1 
HETATM 1196 O O   . HOH B 2 .   ? 12.586  1.991   -8.392  1.00 31.77 ? 60  HOH A O   1 
HETATM 1197 O O   . HOH B 2 .   ? 15.720  8.858   7.412   1.00 41.79 ? 61  HOH A O   1 
HETATM 1198 O O   . HOH B 2 .   ? -0.240  -12.303 -5.588  1.00 36.80 ? 62  HOH A O   1 
HETATM 1199 O O   . HOH B 2 .   ? -7.493  -12.564 3.726   1.00 32.09 ? 63  HOH A O   1 
HETATM 1200 O O   . HOH B 2 .   ? 3.055   1.495   22.974  1.00 34.29 ? 64  HOH A O   1 
HETATM 1201 O O   . HOH B 2 .   ? -13.967 -2.226  -4.427  1.00 35.23 ? 65  HOH A O   1 
HETATM 1202 O O   . HOH B 2 .   ? -1.784  10.840  8.934   1.00 24.04 ? 66  HOH A O   1 
HETATM 1203 O O   . HOH B 2 .   ? 0.322   0.817   -13.834 1.00 28.76 ? 67  HOH A O   1 
HETATM 1204 O O   . HOH B 2 .   ? 6.512   17.093  -4.742  1.00 33.07 ? 68  HOH A O   1 
HETATM 1205 O O   . HOH B 2 .   ? -4.633  -12.031 6.999   1.00 31.40 ? 69  HOH A O   1 
HETATM 1206 O O   . HOH B 2 .   ? 5.213   5.312   -10.350 1.00 31.00 ? 70  HOH A O   1 
HETATM 1207 O O   . HOH B 2 .   ? -1.213  -1.249  24.621  1.00 33.09 ? 71  HOH A O   1 
HETATM 1208 O O   . HOH B 2 .   ? -10.487 -11.817 4.995   1.00 43.67 ? 72  HOH A O   1 
HETATM 1209 O O   . HOH B 2 .   ? 7.652   12.824  -8.028  1.00 22.34 ? 73  HOH A O   1 
HETATM 1210 O O   . HOH B 2 .   ? 15.114  0.286   1.269   1.00 28.69 ? 74  HOH A O   1 
HETATM 1211 O O   . HOH B 2 .   ? -18.040 1.360   5.901   1.00 31.50 ? 75  HOH A O   1 
HETATM 1212 O O   . HOH B 2 .   ? 1.484   -3.995  18.195  1.00 31.25 ? 76  HOH A O   1 
HETATM 1213 O O   . HOH B 2 .   ? -15.151 -4.547  -5.016  1.00 42.49 ? 77  HOH A O   1 
HETATM 1214 O O   . HOH B 2 .   ? 4.616   -4.716  -11.338 1.00 31.28 ? 78  HOH A O   1 
HETATM 1215 O O   . HOH B 2 .   ? -16.861 -1.633  0.087   1.00 39.12 ? 79  HOH A O   1 
HETATM 1216 O O   . HOH B 2 .   ? -17.672 -2.427  2.961   1.00 32.72 ? 80  HOH A O   1 
HETATM 1217 O O   . HOH B 2 .   ? -18.890 -5.175  5.146   1.00 48.76 ? 81  HOH A O   1 
HETATM 1218 O O   . HOH B 2 .   ? -8.858  -17.120 -6.293  1.00 39.27 ? 82  HOH A O   1 
HETATM 1219 O O   . HOH B 2 .   ? -10.046 -3.998  8.248   1.00 36.47 ? 83  HOH A O   1 
HETATM 1220 O O   . HOH B 2 .   ? -15.888 -8.088  5.623   1.00 36.96 ? 84  HOH A O   1 
HETATM 1221 O O   . HOH B 2 .   ? 11.774  2.826   -11.042 1.00 36.79 ? 85  HOH A O   1 
HETATM 1222 O O   . HOH B 2 .   ? 13.795  -0.438  8.463   1.00 29.25 ? 86  HOH A O   1 
HETATM 1223 O O   . HOH B 2 .   ? 4.236   -17.726 9.267   1.00 34.51 ? 87  HOH A O   1 
HETATM 1224 O O   . HOH B 2 .   ? 12.576  -0.493  14.341  1.00 40.96 ? 88  HOH A O   1 
HETATM 1225 O O   . HOH B 2 .   ? -6.573  0.367   15.429  1.00 44.66 ? 89  HOH A O   1 
HETATM 1226 O O   . HOH B 2 .   ? -5.870  -14.517 -2.601  1.00 32.05 ? 90  HOH A O   1 
HETATM 1227 O O   . HOH B 2 .   ? 13.218  9.357   0.686   1.00 27.42 ? 91  HOH A O   1 
HETATM 1228 O O   . HOH B 2 .   ? 9.772   -9.400  6.880   1.00 37.70 ? 92  HOH A O   1 
HETATM 1229 O O   . HOH B 2 .   ? -5.819  10.135  1.815   1.00 34.24 ? 93  HOH A O   1 
HETATM 1230 O O   . HOH B 2 .   ? -3.721  11.474  0.198   1.00 39.35 ? 94  HOH A O   1 
HETATM 1231 O O   . HOH B 2 .   ? 13.773  11.879  0.355   1.00 34.08 ? 95  HOH A O   1 
HETATM 1232 O O   . HOH B 2 .   ? -17.669 -12.627 -8.483  1.00 47.83 ? 96  HOH A O   1 
HETATM 1233 O O   . HOH B 2 .   ? 13.119  -7.985  2.587   1.00 34.59 ? 97  HOH A O   1 
HETATM 1234 O O   . HOH B 2 .   ? 1.338   3.437   -15.324 1.00 50.24 ? 98  HOH A O   1 
HETATM 1235 O O   . HOH B 2 .   ? -18.948 -0.372  4.017   1.00 35.92 ? 99  HOH A O   1 
HETATM 1236 O O   . HOH B 2 .   ? 1.580   18.867  -5.244  1.00 54.93 ? 100 HOH A O   1 
HETATM 1237 O O   . HOH B 2 .   ? 4.472   8.200   20.118  1.00 31.92 ? 101 HOH A O   1 
HETATM 1238 O O   . HOH B 2 .   ? -2.316  -13.198 -8.858  1.00 33.40 ? 102 HOH A O   1 
HETATM 1239 O O   . HOH B 2 .   ? 6.606   9.581   -10.708 1.00 34.73 ? 103 HOH A O   1 
HETATM 1240 O O   . HOH B 2 .   ? -2.460  -11.980 -13.599 1.00 40.70 ? 104 HOH A O   1 
HETATM 1241 O O   . HOH B 2 .   ? 7.097   -11.508 13.593  1.00 40.53 ? 105 HOH A O   1 
HETATM 1242 O O   . HOH B 2 .   ? 3.118   7.370   22.310  1.00 41.63 ? 106 HOH A O   1 
HETATM 1243 O O   . HOH B 2 .   ? -1.080  13.325  9.545   1.00 45.06 ? 107 HOH A O   1 
HETATM 1244 O O   . HOH B 2 .   ? 0.525   -5.281  15.528  1.00 40.68 ? 108 HOH A O   1 
HETATM 1245 O O   . HOH B 2 .   ? 5.792   -8.262  16.850  1.00 46.86 ? 109 HOH A O   1 
HETATM 1246 O O   . HOH B 2 .   ? 12.983  12.909  -1.937  1.00 35.77 ? 110 HOH A O   1 
HETATM 1247 O O   . HOH B 2 .   ? -9.669  4.733   -11.521 1.00 36.20 ? 111 HOH A O   1 
HETATM 1248 O O   . HOH B 2 .   ? 0.404   3.808   23.028  1.00 37.48 ? 112 HOH A O   1 
HETATM 1249 O O   . HOH B 2 .   ? -11.097 10.675  -7.953  1.00 42.96 ? 113 HOH A O   1 
HETATM 1250 O O   . HOH B 2 .   ? 7.815   -5.801  -7.697  1.00 29.72 ? 114 HOH A O   1 
HETATM 1251 O O   . HOH B 2 .   ? 5.423   13.889  -15.687 1.00 65.92 ? 115 HOH A O   1 
HETATM 1252 O O   . HOH B 2 .   ? -10.634 2.243   -8.991  1.00 43.10 ? 116 HOH A O   1 
HETATM 1253 O O   . HOH B 2 .   ? -13.232 -3.166  -9.007  1.00 41.21 ? 117 HOH A O   1 
HETATM 1254 O O   . HOH B 2 .   ? -17.436 -8.760  3.354   1.00 39.59 ? 118 HOH A O   1 
HETATM 1255 O O   . HOH B 2 .   ? -0.827  12.806  -19.027 1.00 37.60 ? 119 HOH A O   1 
HETATM 1256 O O   . HOH B 2 .   ? 7.183   8.942   12.514  1.00 36.18 ? 120 HOH A O   1 
HETATM 1257 O O   . HOH B 2 .   ? 3.816   8.114   -16.568 1.00 57.51 ? 121 HOH A O   1 
HETATM 1258 O O   . HOH B 2 .   ? 4.090   -4.942  18.669  1.00 30.85 ? 122 HOH A O   1 
HETATM 1259 O O   . HOH B 2 .   ? -0.512  -1.100  -15.673 1.00 36.60 ? 123 HOH A O   1 
HETATM 1260 O O   . HOH B 2 .   ? 15.038  -5.528  9.315   1.00 54.81 ? 124 HOH A O   1 
HETATM 1261 O O   . HOH B 2 .   ? 0.146   20.563  -2.657  1.00 50.92 ? 125 HOH A O   1 
HETATM 1262 O O   . HOH B 2 .   ? 14.210  -6.436  -3.751  1.00 46.20 ? 126 HOH A O   1 
HETATM 1263 O O   . HOH B 2 .   ? -5.175  14.272  -5.219  1.00 42.23 ? 127 HOH A O   1 
HETATM 1264 O O   . HOH B 2 .   ? -10.354 -2.181  13.664  1.00 32.51 ? 128 HOH A O   1 
HETATM 1265 O O   . HOH B 2 .   ? 10.291  -4.703  -8.607  1.00 33.95 ? 129 HOH A O   1 
HETATM 1266 O O   . HOH B 2 .   ? -19.811 -17.756 -11.229 1.00 52.86 ? 130 HOH A O   1 
HETATM 1267 O O   . HOH B 2 .   ? 20.468  3.484   -3.681  1.00 45.75 ? 131 HOH A O   1 
HETATM 1268 O O   . HOH B 2 .   ? 5.345   11.052  -14.389 1.00 43.61 ? 132 HOH A O   1 
HETATM 1269 O O   . HOH B 2 .   ? 14.863  -1.648  2.914   1.00 41.91 ? 133 HOH A O   1 
HETATM 1270 O O   . HOH B 2 .   ? -8.783  -10.987 8.373   1.00 58.01 ? 134 HOH A O   1 
HETATM 1271 O O   . HOH B 2 .   ? -4.200  -14.081 4.819   1.00 37.93 ? 135 HOH A O   1 
HETATM 1272 O O   . HOH B 2 .   ? -20.420 -16.345 -8.301  1.00 59.63 ? 136 HOH A O   1 
HETATM 1273 O O   . HOH B 2 .   ? 8.123   -11.724 -6.007  1.00 47.36 ? 137 HOH A O   1 
HETATM 1274 O O   . HOH B 2 .   ? 3.537   15.759  -14.504 1.00 50.73 ? 138 HOH A O   1 
HETATM 1275 O O   . HOH B 2 .   ? -3.273  -6.705  -15.265 1.00 36.01 ? 139 HOH A O   1 
HETATM 1276 O O   . HOH B 2 .   ? 6.434   -15.525 11.020  1.00 33.91 ? 140 HOH A O   1 
HETATM 1277 O O   . HOH B 2 .   ? 12.774  -6.160  -8.592  1.00 54.46 ? 141 HOH A O   1 
HETATM 1278 O O   . HOH B 2 .   ? -10.309 10.354  -18.259 1.00 42.48 ? 142 HOH A O   1 
HETATM 1279 O O   . HOH B 2 .   ? -3.836  19.187  -15.642 1.00 41.74 ? 143 HOH A O   1 
HETATM 1280 O O   . HOH B 2 .   ? -15.968 -12.717 -3.172  1.00 55.28 ? 144 HOH A O   1 
HETATM 1281 O O   . HOH B 2 .   ? -18.062 -9.746  -3.905  1.00 54.30 ? 145 HOH A O   1 
HETATM 1282 O O   . HOH B 2 .   ? -12.842 -16.976 -11.960 1.00 35.60 ? 146 HOH A O   1 
HETATM 1283 O O   . HOH B 2 .   ? 2.631   17.555  1.313   1.00 52.99 ? 147 HOH A O   1 
HETATM 1284 O O   . HOH B 2 .   ? 17.813  0.264   -3.305  1.00 61.31 ? 148 HOH A O   1 
HETATM 1285 O O   . HOH B 2 .   ? 12.376  -6.452  9.245   1.00 43.53 ? 149 HOH A O   1 
HETATM 1286 O O   . HOH B 2 .   ? 5.360   -10.911 15.281  1.00 50.15 ? 150 HOH A O   1 
HETATM 1287 O O   . HOH B 2 .   ? -14.423 -9.897  7.008   1.00 54.90 ? 151 HOH A O   1 
HETATM 1288 O O   . HOH B 2 .   ? -4.042  -15.381 -8.237  1.00 48.41 ? 152 HOH A O   1 
HETATM 1289 O O   . HOH B 2 .   ? -16.301 -11.248 -0.187  1.00 42.74 ? 153 HOH A O   1 
HETATM 1290 O O   . HOH B 2 .   ? 7.429   -9.066  -7.413  1.00 43.46 ? 154 HOH A O   1 
HETATM 1291 O O   . HOH B 2 .   ? 12.145  15.099  -4.586  1.00 37.55 ? 155 HOH A O   1 
HETATM 1292 O O   . HOH B 2 .   ? -5.606  -6.221  10.704  1.00 47.57 ? 156 HOH A O   1 
HETATM 1293 O O   . HOH B 2 .   ? 0.937   -12.809 -3.428  1.00 54.28 ? 157 HOH A O   1 
HETATM 1294 O O   . HOH B 2 .   ? -10.107 -8.667  8.172   1.00 43.70 ? 158 HOH A O   1 
HETATM 1295 O O   . HOH B 2 .   ? -14.066 1.421   -1.799  1.00 38.37 ? 159 HOH A O   1 
HETATM 1296 O O   . HOH B 2 .   ? 0.123   -12.302 -12.146 1.00 56.37 ? 160 HOH A O   1 
HETATM 1297 O O   . HOH B 2 .   ? 7.321   -9.216  14.887  1.00 43.64 ? 161 HOH A O   1 
HETATM 1298 O O   . HOH B 2 .   ? -1.141  -13.791 -2.026  1.00 36.72 ? 162 HOH A O   1 
HETATM 1299 O O   . HOH B 2 .   ? -1.734  14.023  5.849   1.00 46.15 ? 163 HOH A O   1 
HETATM 1300 O O   . HOH B 2 .   ? 0.109   -9.818  -8.514  1.00 37.49 ? 164 HOH A O   1 
HETATM 1301 O O   . HOH B 2 .   ? 11.630  -1.460  -10.107 1.00 50.15 ? 165 HOH A O   1 
HETATM 1302 O O   . HOH B 2 .   ? -18.384 -17.831 -5.832  1.00 55.64 ? 166 HOH A O   1 
HETATM 1303 O O   . HOH B 2 .   ? 12.386  -3.568  -5.129  1.00 44.75 ? 167 HOH A O   1 
HETATM 1304 O O   . HOH B 2 .   ? 0.927   5.249   21.082  1.00 43.18 ? 168 HOH A O   1 
HETATM 1305 O O   . HOH B 2 .   ? 13.526  -2.150  -2.188  1.00 41.52 ? 169 HOH A O   1 
HETATM 1306 O O   . HOH B 2 .   ? 1.588   -8.199  -10.997 1.00 51.01 ? 170 HOH A O   1 
HETATM 1307 O O   . HOH B 2 .   ? 0.848   24.270  -5.746  1.00 26.13 ? 171 HOH A O   1 
HETATM 1308 O O   . HOH B 2 .   ? 11.087  -15.536 0.436   1.00 53.65 ? 172 HOH A O   1 
HETATM 1309 O O   . HOH B 2 .   ? -12.896 7.781   -2.489  1.00 38.30 ? 173 HOH A O   1 
HETATM 1310 O O   . HOH B 2 .   ? 7.856   -2.748  -12.421 1.00 43.82 ? 174 HOH A O   1 
HETATM 1311 O O   . HOH B 2 .   ? 8.344   8.874   14.817  1.00 47.42 ? 175 HOH A O   1 
HETATM 1312 O O   . HOH B 2 .   ? -12.363 5.648   2.053   1.00 12.66 ? 176 HOH A O   1 
HETATM 1313 O O   . HOH B 2 .   ? -1.628  -5.639  13.879  1.00 31.24 ? 177 HOH A O   1 
HETATM 1314 O O   . HOH B 2 .   ? 6.371   -5.776  -9.937  1.00 48.74 ? 178 HOH A O   1 
HETATM 1315 O O   . HOH B 2 .   ? -7.438  16.599  -7.730  1.00 62.63 ? 179 HOH A O   1 
HETATM 1316 O O   . HOH B 2 .   ? -0.031  22.832  -3.995  1.00 69.09 ? 180 HOH A O   1 
HETATM 1317 O O   . HOH B 2 .   ? 10.351  17.209  -4.282  1.00 58.57 ? 181 HOH A O   1 
HETATM 1318 O O   . HOH B 2 .   ? 12.304  -16.992 7.271   1.00 58.17 ? 182 HOH A O   1 
HETATM 1319 O O   . HOH B 2 .   ? -11.592 9.134   -13.740 1.00 54.62 ? 183 HOH A O   1 
HETATM 1320 O O   . HOH B 2 .   ? -2.996  15.376  -5.121  1.00 53.37 ? 184 HOH A O   1 
HETATM 1321 O O   . HOH B 2 .   ? -1.563  -9.796  10.413  1.00 57.58 ? 185 HOH A O   1 
HETATM 1322 O O   . HOH B 2 .   ? -16.626 2.832   -1.508  1.00 53.82 ? 186 HOH A O   1 
HETATM 1323 O O   . HOH B 2 .   ? 12.028  -8.508  7.550   1.00 47.16 ? 187 HOH A O   1 
HETATM 1324 O O   . HOH B 2 .   ? 16.923  6.104   7.802   1.00 49.94 ? 188 HOH A O   1 
HETATM 1325 O O   . HOH B 2 .   ? 2.161   6.060   24.348  1.00 42.94 ? 189 HOH A O   1 
HETATM 1326 O O   . HOH B 2 .   ? 14.222  4.112   10.280  1.00 65.33 ? 190 HOH A O   1 
HETATM 1327 O O   . HOH B 2 .   ? 9.693   -13.262 7.220   1.00 65.92 ? 191 HOH A O   1 
HETATM 1328 O O   . HOH B 2 .   ? -17.472 -20.769 -6.767  1.00 63.48 ? 192 HOH A O   1 
HETATM 1329 O O   . HOH B 2 .   ? 8.489   16.147  -5.751  1.00 42.55 ? 193 HOH A O   1 
HETATM 1330 O O   . HOH B 2 .   ? 2.742   10.000  13.084  1.00 58.73 ? 194 HOH A O   1 
HETATM 1331 O O   . HOH B 2 .   ? 0.359   16.573  1.162   1.00 42.84 ? 195 HOH A O   1 
HETATM 1332 O O   . HOH B 2 .   ? 12.944  2.079   9.419   1.00 56.64 ? 196 HOH A O   1 
HETATM 1333 O O   . HOH B 2 .   ? -1.149  -3.861  25.678  1.00 63.45 ? 197 HOH A O   1 
HETATM 1334 O O   . HOH B 2 .   ? 1.517   -9.430  -13.144 1.00 56.24 ? 198 HOH A O   1 
HETATM 1335 O O   . HOH B 2 .   ? 4.825   16.319  2.318   1.00 47.77 ? 199 HOH A O   1 
HETATM 1336 O O   . HOH B 2 .   ? 3.559   5.944   -18.296 1.00 53.27 ? 200 HOH A O   1 
HETATM 1337 O O   . HOH B 2 .   ? -18.344 -14.523 -5.933  1.00 78.64 ? 201 HOH A O   1 
HETATM 1338 O O   . HOH B 2 .   ? -6.965  -16.970 -0.266  1.00 58.28 ? 202 HOH A O   1 
HETATM 1339 O O   . HOH B 2 .   ? 3.264   9.494   16.349  1.00 49.86 ? 203 HOH A O   1 
HETATM 1340 O O   . HOH B 2 .   ? 3.506   -20.119 2.398   1.00 48.74 ? 204 HOH A O   1 
HETATM 1341 O O   . HOH B 2 .   ? -14.900 -5.332  -8.282  1.00 55.51 ? 205 HOH A O   1 
HETATM 1342 O O   . HOH B 2 .   ? 11.430  -2.222  19.982  1.00 46.56 ? 206 HOH A O   1 
HETATM 1343 O O   . HOH B 2 .   ? 2.646   6.701   -14.495 1.00 56.92 ? 207 HOH A O   1 
HETATM 1344 O O   . HOH B 2 .   ? 5.739   -12.619 -5.631  1.00 53.72 ? 208 HOH A O   1 
HETATM 1345 O O   . HOH B 2 .   ? 13.370  -3.988  19.810  1.00 50.11 ? 209 HOH A O   1 
HETATM 1346 O O   . HOH B 2 .   ? 8.947   -14.879 -3.054  1.00 63.95 ? 210 HOH A O   1 
HETATM 1347 O O   . HOH B 2 .   ? 8.734   -13.685 14.825  1.00 54.59 ? 211 HOH A O   1 
HETATM 1348 O O   . HOH B 2 .   ? 13.575  5.590   8.279   1.00 48.29 ? 212 HOH A O   1 
HETATM 1349 O O   . HOH B 2 .   ? 6.931   7.228   -10.506 1.00 39.09 ? 213 HOH A O   1 
HETATM 1350 O O   . HOH B 2 .   ? -13.572 4.789   0.806   1.00 26.43 ? 214 HOH A O   1 
HETATM 1351 O O   . HOH B 2 .   ? 19.281  -0.145  -6.364  1.00 55.82 ? 215 HOH A O   1 
HETATM 1352 O O   . HOH B 2 .   ? -6.246  20.581  -16.175 1.00 70.84 ? 216 HOH A O   1 
HETATM 1353 O O   . HOH B 2 .   ? -5.466  -14.851 2.311   1.00 61.47 ? 217 HOH A O   1 
HETATM 1354 O O   . HOH B 2 .   ? -10.296 -3.007  -13.270 1.00 61.06 ? 218 HOH A O   1 
HETATM 1355 O O   . HOH B 2 .   ? -2.822  -7.622  13.070  1.00 62.78 ? 219 HOH A O   1 
HETATM 1356 O O   . HOH B 2 .   ? -2.389  19.530  -13.200 1.00 60.65 ? 220 HOH A O   1 
# 
